data_6GJ3
#
_entry.id   6GJ3
#
_cell.length_a   1
_cell.length_b   1
_cell.length_c   1
_cell.angle_alpha   90.00
_cell.angle_beta   90.00
_cell.angle_gamma   90.00
#
_symmetry.space_group_name_H-M   'P 1'
#
loop_
_entity.id
_entity.type
_entity.pdbx_description
1 polymer TssG
2 polymer TssK
#
loop_
_entity_poly.entity_id
_entity_poly.type
_entity_poly.pdbx_seq_one_letter_code
_entity_poly.pdbx_strand_id
1 'polypeptide(L)'
;MPAHYISDIAQQREGHEAAADFLDIFSHRLITQYYRIWRKYSYPATFEAGGQDKTSQYLLGLARLGIPGCAQNIATPVSR
FLALLPLMLLPGRTAEGLTSLVTLLAPGTQARVWHHDRRRIPLKTPLTMRVHHPVSLKSRPVMGDHATDVNGQVLLQLST
QTGSEVQGWLPGGHLYSDLLALLHVYLGSRLDVRLQLCVERSLLPDARLSCRPAAGSPQLGRTAVMRTQAKITTSAARVM
TISLGRYQRVQEHYQRKETQENGDYRW
;
C
2 'polypeptide(L)'
;MKIYRPLWEDGAFLMPQQFQQQAAWDVHLADSVARMGLAHPWGVVAAEFDDSLLPLSRLNATRLIVRFPDGTLIDTERAD
NLPPVCDLSTVSDRSLVDIVLALPLLNANGGNLDNGSESERPRRWKSERVNVQELAGHEQSEVAVLRHNLTLRMAHQENA
AWLTCPVTRLVRDAQGQWCRDPRFIPPLLTLSASPSLMTELLELLHHLQARRQRLMSMRRENNARLADFAVADVSLFWLL
NALNSAEPVLKELLDMPYRHPELLYRELARLAGSLLTFSLEHNVDAVPAYHHETPENVFPPLLSLLNRLLEASLPSRVVF
IELKQKGVMWEGALHDARLREGADFWLSVRSSMPGHELQTKFPQLCKAGSPDDVSEVVNVALSGVIIRPVTHVPAAIPLR
LENQYFALDLSTDAARAMLDAGRCTFYTPASLGDVKLELFAVLRT
;
D,E,F,G,H,I
#
# COMPACT_ATOMS: atom_id res chain seq x y z
N HIS A 116 -39.74 -36.49 9.22
CA HIS A 116 -38.33 -36.18 9.24
C HIS A 116 -38.00 -34.83 9.86
N ASP A 117 -36.87 -34.77 10.55
CA ASP A 117 -36.45 -33.56 11.21
C ASP A 117 -35.04 -33.20 10.78
N ARG A 118 -34.87 -31.93 10.37
CA ARG A 118 -33.59 -31.42 9.87
C ARG A 118 -32.64 -31.29 11.04
N ARG A 119 -31.97 -32.38 11.36
CA ARG A 119 -31.04 -32.31 12.46
C ARG A 119 -29.73 -31.72 11.97
N ARG A 120 -28.78 -31.53 12.88
CA ARG A 120 -27.49 -30.93 12.64
C ARG A 120 -26.54 -31.83 13.41
N ILE A 121 -25.55 -31.26 14.08
CA ILE A 121 -24.10 -31.47 14.13
C ILE A 121 -23.42 -32.81 13.85
N PRO A 122 -23.69 -33.95 14.55
CA PRO A 122 -22.64 -34.56 15.38
C PRO A 122 -21.24 -34.41 14.81
N LEU A 123 -20.36 -33.73 15.53
CA LEU A 123 -19.07 -33.36 14.96
C LEU A 123 -18.17 -34.59 14.91
N LYS A 124 -17.70 -34.90 13.72
CA LYS A 124 -16.86 -36.07 13.54
C LYS A 124 -15.45 -35.76 13.98
N THR A 125 -14.85 -36.70 14.72
CA THR A 125 -13.67 -36.38 15.52
C THR A 125 -12.38 -36.20 14.71
N PRO A 126 -12.13 -36.90 13.60
CA PRO A 126 -11.15 -36.35 12.65
C PRO A 126 -11.86 -35.57 11.57
N LEU A 127 -11.22 -34.50 11.10
CA LEU A 127 -11.86 -33.66 10.10
C LEU A 127 -11.84 -34.34 8.74
N THR A 128 -10.78 -35.09 8.44
CA THR A 128 -10.58 -36.02 7.31
C THR A 128 -10.56 -35.35 5.94
N MET A 129 -10.80 -34.06 5.85
CA MET A 129 -10.72 -33.37 4.58
C MET A 129 -9.40 -32.64 4.44
N ARG A 130 -8.40 -33.07 5.19
CA ARG A 130 -7.04 -32.93 4.73
C ARG A 130 -6.91 -33.69 3.43
N VAL A 131 -6.42 -33.02 2.40
CA VAL A 131 -6.25 -33.66 1.11
C VAL A 131 -5.03 -34.58 1.19
N HIS A 132 -5.30 -35.87 1.39
CA HIS A 132 -4.27 -36.85 1.71
C HIS A 132 -3.45 -37.22 0.48
N HIS A 133 -2.15 -37.21 0.65
CA HIS A 133 -1.23 -37.79 -0.32
C HIS A 133 -1.04 -39.32 -0.20
N PRO A 134 -0.65 -39.93 1.00
CA PRO A 134 -0.32 -41.36 0.96
C PRO A 134 -1.51 -42.30 0.76
N VAL A 135 -2.57 -42.18 1.56
CA VAL A 135 -3.76 -43.00 1.38
C VAL A 135 -4.99 -42.12 1.49
N SER A 136 -5.90 -42.23 0.52
CA SER A 136 -7.15 -41.48 0.56
C SER A 136 -8.25 -42.31 -0.09
N LEU A 137 -9.50 -41.93 0.22
CA LEU A 137 -10.67 -42.59 -0.34
C LEU A 137 -11.75 -41.56 -0.59
N LYS A 138 -12.65 -41.88 -1.52
CA LYS A 138 -13.69 -40.92 -1.90
C LYS A 138 -15.10 -41.42 -1.68
N SER A 139 -15.44 -42.60 -2.21
CA SER A 139 -16.67 -42.85 -2.97
C SER A 139 -17.94 -42.15 -2.49
N ARG A 140 -18.48 -42.51 -1.33
CA ARG A 140 -19.51 -41.68 -0.70
C ARG A 140 -19.07 -40.61 0.32
N PRO A 141 -18.21 -40.92 1.35
CA PRO A 141 -18.12 -39.98 2.49
C PRO A 141 -17.34 -38.69 2.23
N VAL A 142 -18.03 -37.65 1.76
CA VAL A 142 -17.42 -36.34 1.57
C VAL A 142 -18.35 -35.28 2.14
N MET A 143 -17.76 -34.24 2.76
CA MET A 143 -18.50 -33.21 3.50
C MET A 143 -17.61 -31.99 3.73
N GLY A 144 -18.05 -31.09 4.62
CA GLY A 144 -17.28 -29.95 5.09
C GLY A 144 -16.69 -30.13 6.48
N ASP A 145 -17.33 -29.62 7.53
CA ASP A 145 -16.92 -29.92 8.91
C ASP A 145 -18.08 -30.27 9.85
N HIS A 146 -19.31 -29.89 9.48
CA HIS A 146 -20.52 -30.29 10.18
C HIS A 146 -21.45 -31.02 9.23
N ALA A 147 -21.81 -32.24 9.57
CA ALA A 147 -22.67 -33.06 8.74
C ALA A 147 -24.12 -32.70 8.97
N THR A 148 -25.00 -33.54 8.41
CA THR A 148 -26.41 -33.55 8.74
C THR A 148 -26.82 -34.98 9.02
N ASP A 149 -27.99 -35.15 9.63
CA ASP A 149 -28.51 -36.47 9.98
C ASP A 149 -30.01 -36.41 9.80
N VAL A 150 -30.49 -36.83 8.64
CA VAL A 150 -31.92 -36.81 8.37
C VAL A 150 -32.58 -37.90 9.17
N ASN A 151 -31.92 -39.06 9.26
CA ASN A 151 -32.46 -40.18 9.99
C ASN A 151 -32.37 -39.98 11.49
N SER A 202 -48.91 -16.38 25.42
CA SER A 202 -48.50 -16.96 26.71
C SER A 202 -48.69 -15.95 27.83
N LEU A 203 -48.61 -16.43 29.07
CA LEU A 203 -48.65 -15.55 30.25
C LEU A 203 -47.54 -16.04 31.18
N LEU A 204 -46.32 -15.52 30.98
CA LEU A 204 -45.17 -16.01 31.71
C LEU A 204 -44.41 -14.88 32.39
N PRO A 205 -44.01 -15.06 33.65
CA PRO A 205 -43.31 -13.99 34.40
C PRO A 205 -41.84 -13.83 34.06
N ASP A 206 -41.13 -13.09 34.92
CA ASP A 206 -39.78 -12.61 34.69
C ASP A 206 -38.90 -12.73 35.92
N ALA A 207 -37.87 -11.90 36.00
CA ALA A 207 -36.52 -12.22 36.46
C ALA A 207 -36.32 -12.66 37.92
N ARG A 208 -37.38 -13.13 38.58
CA ARG A 208 -37.35 -13.56 39.98
C ARG A 208 -36.33 -14.66 40.32
N LEU A 209 -36.18 -14.95 41.61
CA LEU A 209 -35.13 -15.79 42.16
C LEU A 209 -35.34 -17.29 41.97
N SER A 210 -34.63 -18.05 42.81
CA SER A 210 -33.87 -19.26 42.47
C SER A 210 -34.45 -20.14 41.38
N CYS A 211 -35.66 -20.69 41.60
CA CYS A 211 -36.11 -21.66 40.59
C CYS A 211 -37.64 -21.63 40.47
N ARG A 212 -38.12 -20.72 39.62
CA ARG A 212 -39.05 -20.87 38.49
C ARG A 212 -38.97 -19.69 37.53
N PRO A 213 -37.79 -19.27 36.95
CA PRO A 213 -37.86 -18.18 35.97
C PRO A 213 -38.36 -18.66 34.62
N ALA A 214 -37.84 -19.82 34.23
CA ALA A 214 -37.85 -20.23 32.84
C ALA A 214 -39.20 -20.76 32.44
N ALA A 215 -39.60 -20.46 31.22
CA ALA A 215 -40.55 -21.28 30.48
C ALA A 215 -39.81 -22.25 29.59
N GLY A 216 -38.85 -22.94 30.20
CA GLY A 216 -37.84 -23.65 29.45
C GLY A 216 -36.97 -22.69 28.67
N SER A 217 -36.90 -22.89 27.36
CA SER A 217 -36.14 -22.05 26.42
C SER A 217 -36.80 -20.71 26.02
N PRO A 218 -38.12 -20.58 25.84
CA PRO A 218 -38.68 -19.25 25.56
C PRO A 218 -39.01 -18.41 26.79
N GLN A 219 -39.15 -17.09 26.55
CA GLN A 219 -39.50 -16.08 27.55
C GLN A 219 -40.32 -14.97 26.93
N LEU A 220 -41.64 -15.08 26.97
CA LEU A 220 -42.58 -14.09 26.45
C LEU A 220 -43.71 -13.89 27.43
N GLY A 221 -44.79 -13.25 26.96
CA GLY A 221 -45.94 -12.97 27.79
C GLY A 221 -45.70 -11.91 28.83
N ARG A 222 -44.90 -10.89 28.50
CA ARG A 222 -44.51 -9.93 29.52
C ARG A 222 -44.50 -8.46 29.08
N THR A 223 -44.61 -8.14 27.80
CA THR A 223 -44.58 -6.74 27.40
C THR A 223 -45.62 -6.40 26.33
N ALA A 224 -46.60 -7.26 26.10
CA ALA A 224 -47.72 -6.83 25.28
C ALA A 224 -48.55 -5.86 26.11
N VAL A 225 -48.25 -4.57 25.97
CA VAL A 225 -48.92 -3.55 26.78
C VAL A 225 -49.82 -2.79 25.81
N MET A 226 -49.99 -3.32 24.61
CA MET A 226 -50.74 -2.58 23.59
C MET A 226 -52.03 -3.25 23.17
N ARG A 227 -51.97 -4.45 22.59
CA ARG A 227 -53.14 -4.98 21.89
C ARG A 227 -52.97 -6.47 21.60
N MET B 1 -25.51 -30.01 -25.45
CA MET B 1 -24.65 -30.23 -24.30
C MET B 1 -24.34 -28.91 -23.60
N LYS B 2 -25.07 -28.64 -22.53
CA LYS B 2 -24.92 -27.40 -21.80
C LYS B 2 -23.81 -27.54 -20.76
N ILE B 3 -23.35 -26.41 -20.25
CA ILE B 3 -22.33 -26.37 -19.22
C ILE B 3 -22.90 -25.64 -18.01
N TYR B 4 -22.77 -26.22 -16.84
CA TYR B 4 -23.33 -25.69 -15.63
C TYR B 4 -22.22 -25.28 -14.69
N ARG B 5 -22.26 -24.03 -14.23
CA ARG B 5 -21.32 -23.59 -13.20
C ARG B 5 -21.71 -24.25 -11.89
N PRO B 6 -20.86 -25.07 -11.29
CA PRO B 6 -21.23 -25.70 -10.03
C PRO B 6 -21.11 -24.73 -8.88
N LEU B 7 -21.88 -25.00 -7.83
CA LEU B 7 -21.94 -24.12 -6.67
C LEU B 7 -21.16 -24.75 -5.52
N TRP B 8 -20.20 -24.01 -4.99
CA TRP B 8 -19.36 -24.52 -3.89
C TRP B 8 -19.96 -24.08 -2.57
N GLU B 9 -20.76 -24.97 -1.98
CA GLU B 9 -21.32 -24.74 -0.66
C GLU B 9 -20.29 -25.09 0.40
N ASP B 10 -20.75 -25.23 1.64
CA ASP B 10 -19.96 -25.88 2.66
C ASP B 10 -20.91 -26.71 3.51
N GLY B 11 -20.48 -27.93 3.85
CA GLY B 11 -21.36 -28.83 4.55
C GLY B 11 -22.37 -29.46 3.61
N ALA B 12 -21.90 -30.06 2.53
CA ALA B 12 -22.77 -30.70 1.54
C ALA B 12 -22.12 -31.98 1.09
N PHE B 13 -22.62 -32.52 -0.02
CA PHE B 13 -22.04 -33.70 -0.63
C PHE B 13 -21.25 -33.33 -1.88
N LEU B 14 -20.03 -33.84 -1.98
CA LEU B 14 -19.25 -33.66 -3.20
C LEU B 14 -19.55 -34.77 -4.19
N MET B 15 -19.67 -34.38 -5.46
CA MET B 15 -19.91 -35.31 -6.55
C MET B 15 -19.03 -34.91 -7.73
N PRO B 16 -18.55 -35.88 -8.52
CA PRO B 16 -17.57 -35.56 -9.56
C PRO B 16 -18.10 -34.72 -10.69
N GLN B 17 -19.42 -34.65 -10.87
CA GLN B 17 -19.99 -33.74 -11.84
C GLN B 17 -20.14 -32.32 -11.30
N GLN B 18 -19.49 -32.02 -10.18
CA GLN B 18 -19.11 -30.64 -9.91
C GLN B 18 -17.74 -30.35 -10.50
N PHE B 19 -16.79 -31.28 -10.37
CA PHE B 19 -15.46 -31.10 -10.92
C PHE B 19 -15.48 -31.06 -12.44
N GLN B 20 -16.29 -31.92 -13.06
CA GLN B 20 -16.29 -31.98 -14.52
C GLN B 20 -16.98 -30.77 -15.11
N GLN B 21 -18.13 -30.36 -14.55
CA GLN B 21 -18.78 -29.17 -15.06
C GLN B 21 -18.10 -27.90 -14.60
N GLN B 22 -17.15 -27.99 -13.66
CA GLN B 22 -16.24 -26.87 -13.44
C GLN B 22 -15.19 -26.82 -14.54
N ALA B 23 -14.55 -27.95 -14.81
CA ALA B 23 -13.42 -28.01 -15.72
C ALA B 23 -13.82 -27.73 -17.15
N ALA B 24 -15.01 -28.12 -17.56
CA ALA B 24 -15.41 -27.89 -18.95
C ALA B 24 -15.89 -26.48 -19.22
N TRP B 25 -15.87 -25.60 -18.22
CA TRP B 25 -16.28 -24.21 -18.48
C TRP B 25 -15.09 -23.36 -18.93
N ASP B 26 -13.89 -23.67 -18.47
CA ASP B 26 -12.75 -22.81 -18.80
C ASP B 26 -12.32 -22.98 -20.25
N VAL B 27 -12.44 -24.19 -20.79
CA VAL B 27 -12.13 -24.43 -22.19
C VAL B 27 -13.12 -23.67 -23.07
N HIS B 28 -14.40 -23.67 -22.69
CA HIS B 28 -15.39 -22.91 -23.42
C HIS B 28 -15.18 -21.41 -23.27
N LEU B 29 -14.54 -20.99 -22.18
CA LEU B 29 -14.19 -19.58 -22.06
C LEU B 29 -13.05 -19.23 -23.00
N ALA B 30 -12.03 -20.08 -23.08
CA ALA B 30 -10.89 -19.80 -23.95
C ALA B 30 -11.24 -19.87 -25.42
N ASP B 31 -12.23 -20.70 -25.79
CA ASP B 31 -12.77 -20.68 -27.15
C ASP B 31 -13.33 -19.32 -27.54
N SER B 32 -14.11 -18.71 -26.66
CA SER B 32 -14.71 -17.43 -27.00
C SER B 32 -13.74 -16.28 -26.82
N VAL B 33 -12.65 -16.50 -26.08
CA VAL B 33 -11.56 -15.55 -26.16
C VAL B 33 -10.93 -15.60 -27.54
N ALA B 34 -10.67 -16.81 -28.05
CA ALA B 34 -9.95 -16.97 -29.30
C ALA B 34 -10.78 -16.55 -30.51
N ARG B 35 -12.10 -16.66 -30.45
CA ARG B 35 -12.91 -16.39 -31.62
C ARG B 35 -13.28 -14.92 -31.77
N MET B 36 -12.46 -14.00 -31.29
CA MET B 36 -12.81 -12.58 -31.39
C MET B 36 -12.07 -11.84 -32.48
N GLY B 37 -10.94 -12.36 -32.95
CA GLY B 37 -10.28 -11.79 -34.11
C GLY B 37 -10.12 -12.79 -35.23
N LEU B 38 -10.11 -14.07 -34.89
CA LEU B 38 -9.84 -15.15 -35.83
C LEU B 38 -11.14 -15.90 -36.07
N ALA B 39 -11.29 -16.51 -37.24
CA ALA B 39 -12.62 -16.97 -37.64
C ALA B 39 -12.62 -18.29 -38.40
N HIS B 40 -11.90 -19.30 -37.93
CA HIS B 40 -11.90 -20.57 -38.65
C HIS B 40 -11.80 -21.73 -37.68
N PRO B 41 -12.14 -22.98 -38.12
CA PRO B 41 -11.85 -24.20 -37.35
C PRO B 41 -10.40 -24.60 -37.47
N TRP B 42 -9.67 -24.51 -36.36
CA TRP B 42 -8.22 -24.52 -36.39
C TRP B 42 -7.68 -25.93 -36.61
N GLY B 43 -6.36 -26.02 -36.73
CA GLY B 43 -5.73 -27.17 -37.35
C GLY B 43 -4.46 -27.71 -36.72
N VAL B 44 -3.41 -27.80 -37.51
CA VAL B 44 -2.24 -28.62 -37.20
C VAL B 44 -1.06 -27.72 -36.89
N VAL B 45 -0.32 -28.05 -35.83
CA VAL B 45 1.03 -27.55 -35.62
C VAL B 45 1.96 -28.74 -35.52
N ALA B 46 2.96 -28.80 -36.39
CA ALA B 46 4.16 -29.62 -36.23
C ALA B 46 3.84 -31.12 -36.17
N ALA B 47 3.38 -31.66 -37.29
CA ALA B 47 3.26 -33.10 -37.47
C ALA B 47 4.59 -33.65 -38.00
N GLU B 48 5.05 -34.76 -37.42
CA GLU B 48 6.26 -35.44 -37.88
C GLU B 48 6.02 -36.94 -37.92
N PHE B 49 6.67 -37.61 -38.86
CA PHE B 49 6.40 -39.01 -39.15
C PHE B 49 7.70 -39.82 -39.23
N ASP B 50 7.52 -41.14 -39.24
CA ASP B 50 8.60 -42.12 -39.40
C ASP B 50 8.46 -42.75 -40.77
N ASP B 51 9.60 -43.17 -41.34
CA ASP B 51 9.63 -43.68 -42.70
C ASP B 51 10.32 -45.02 -42.86
N SER B 52 10.81 -45.63 -41.77
CA SER B 52 11.61 -46.83 -41.90
C SER B 52 10.81 -48.04 -42.33
N LEU B 53 9.60 -48.21 -41.80
CA LEU B 53 8.80 -49.39 -42.09
C LEU B 53 8.18 -49.36 -43.48
N LEU B 54 8.26 -48.23 -44.18
CA LEU B 54 7.62 -48.00 -45.48
C LEU B 54 7.89 -48.98 -46.61
N PRO B 55 8.99 -49.76 -46.64
CA PRO B 55 9.00 -50.93 -47.53
C PRO B 55 7.89 -51.92 -47.22
N LEU B 56 7.50 -52.06 -45.96
CA LEU B 56 6.27 -52.76 -45.63
C LEU B 56 5.15 -51.73 -45.51
N SER B 57 3.93 -52.17 -45.22
CA SER B 57 2.76 -51.30 -45.28
C SER B 57 2.44 -50.70 -43.92
N ARG B 58 3.45 -50.11 -43.27
CA ARG B 58 3.32 -49.72 -41.88
C ARG B 58 3.75 -48.28 -41.66
N LEU B 59 3.02 -47.56 -40.81
CA LEU B 59 3.31 -46.17 -40.43
C LEU B 59 3.53 -46.07 -38.93
N ASN B 60 4.07 -44.93 -38.51
CA ASN B 60 4.38 -44.68 -37.11
C ASN B 60 4.46 -43.17 -36.91
N ALA B 61 3.48 -42.61 -36.20
CA ALA B 61 3.51 -41.20 -35.86
C ALA B 61 4.51 -40.97 -34.75
N THR B 62 5.09 -39.76 -34.69
CA THR B 62 6.08 -39.47 -33.68
C THR B 62 5.80 -38.24 -32.82
N ARG B 63 5.27 -37.16 -33.39
CA ARG B 63 4.98 -35.96 -32.60
C ARG B 63 3.84 -35.20 -33.25
N LEU B 64 2.80 -34.93 -32.48
CA LEU B 64 1.62 -34.24 -32.98
C LEU B 64 1.22 -33.13 -32.02
N ILE B 65 0.81 -31.98 -32.55
CA ILE B 65 0.17 -30.92 -31.77
C ILE B 65 -1.04 -30.48 -32.59
N VAL B 66 -2.22 -30.95 -32.22
CA VAL B 66 -3.42 -30.86 -33.04
C VAL B 66 -4.53 -30.23 -32.22
N ARG B 67 -5.23 -29.25 -32.78
CA ARG B 67 -6.37 -28.62 -32.15
C ARG B 67 -7.59 -28.71 -33.06
N PHE B 68 -8.67 -29.24 -32.51
CA PHE B 68 -9.93 -29.60 -33.14
C PHE B 68 -10.93 -28.46 -33.07
N PRO B 69 -12.08 -28.53 -33.79
CA PRO B 69 -13.07 -27.44 -33.69
C PRO B 69 -13.86 -27.28 -32.40
N ASP B 70 -13.48 -27.95 -31.31
CA ASP B 70 -14.14 -27.68 -30.03
C ASP B 70 -13.15 -27.27 -28.96
N GLY B 71 -12.00 -26.74 -29.35
CA GLY B 71 -11.03 -26.27 -28.39
C GLY B 71 -10.30 -27.37 -27.63
N THR B 72 -10.19 -28.55 -28.22
CA THR B 72 -9.58 -29.68 -27.56
C THR B 72 -8.14 -29.80 -28.03
N LEU B 73 -7.20 -29.42 -27.16
CA LEU B 73 -5.78 -29.44 -27.51
C LEU B 73 -5.23 -30.84 -27.32
N ILE B 74 -4.65 -31.41 -28.36
CA ILE B 74 -3.97 -32.69 -28.28
C ILE B 74 -2.47 -32.42 -28.39
N ASP B 75 -1.75 -32.68 -27.32
CA ASP B 75 -0.30 -32.58 -27.31
C ASP B 75 0.29 -33.94 -27.00
N THR B 76 1.45 -34.22 -27.59
CA THR B 76 2.12 -35.49 -27.36
C THR B 76 3.49 -35.34 -26.70
N GLU B 77 3.94 -34.13 -26.41
CA GLU B 77 5.13 -33.99 -25.59
C GLU B 77 4.78 -33.98 -24.11
N ARG B 78 3.63 -33.44 -23.76
CA ARG B 78 3.23 -33.28 -22.38
C ARG B 78 1.95 -34.02 -22.01
N ALA B 79 0.88 -33.84 -22.79
CA ALA B 79 -0.41 -34.37 -22.39
C ALA B 79 -0.54 -35.85 -22.71
N ASP B 80 -0.51 -36.20 -23.98
CA ASP B 80 -0.93 -37.53 -24.40
C ASP B 80 0.24 -38.35 -24.92
N ASN B 81 -0.08 -39.52 -25.44
CA ASN B 81 0.91 -40.45 -25.97
C ASN B 81 0.69 -40.63 -27.48
N LEU B 82 1.35 -41.58 -28.02
CA LEU B 82 1.30 -41.69 -29.47
C LEU B 82 0.18 -42.63 -29.90
N PRO B 83 -0.54 -42.29 -30.97
CA PRO B 83 -1.54 -43.19 -31.50
C PRO B 83 -0.88 -44.38 -32.16
N PRO B 84 -1.52 -45.54 -32.17
CA PRO B 84 -0.80 -46.76 -32.58
C PRO B 84 -0.59 -46.89 -34.09
N VAL B 85 -0.04 -48.03 -34.50
CA VAL B 85 0.37 -48.25 -35.87
C VAL B 85 -0.82 -48.70 -36.70
N CYS B 86 -1.07 -48.01 -37.82
CA CYS B 86 -2.06 -48.44 -38.77
C CYS B 86 -1.44 -49.37 -39.79
N ASP B 87 -2.26 -50.25 -40.37
CA ASP B 87 -1.81 -51.26 -41.32
C ASP B 87 -2.39 -50.90 -42.68
N LEU B 88 -1.54 -50.88 -43.70
CA LEU B 88 -1.91 -50.42 -45.03
C LEU B 88 -2.01 -51.55 -46.04
N SER B 89 -2.00 -52.80 -45.58
CA SER B 89 -2.12 -53.92 -46.51
C SER B 89 -3.55 -54.11 -47.01
N THR B 90 -4.51 -53.41 -46.40
CA THR B 90 -5.91 -53.43 -46.83
C THR B 90 -6.16 -52.51 -48.01
N VAL B 91 -5.13 -51.90 -48.58
CA VAL B 91 -5.23 -51.14 -49.82
C VAL B 91 -4.21 -51.72 -50.78
N SER B 92 -4.69 -52.17 -51.94
CA SER B 92 -3.86 -52.63 -53.04
C SER B 92 -3.52 -51.52 -54.02
N ASP B 93 -4.25 -50.41 -53.95
CA ASP B 93 -4.19 -49.35 -54.94
C ASP B 93 -2.85 -48.61 -54.86
N ARG B 94 -2.46 -48.02 -55.98
CA ARG B 94 -1.29 -47.16 -56.07
C ARG B 94 -1.65 -45.68 -56.03
N SER B 95 -2.93 -45.36 -55.99
CA SER B 95 -3.41 -43.99 -56.10
C SER B 95 -3.26 -43.23 -54.79
N LEU B 96 -3.98 -42.11 -54.70
CA LEU B 96 -3.89 -41.23 -53.54
C LEU B 96 -4.39 -41.91 -52.28
N VAL B 97 -3.60 -41.82 -51.22
CA VAL B 97 -3.98 -42.30 -49.90
C VAL B 97 -3.83 -41.14 -48.93
N ASP B 98 -4.93 -40.76 -48.29
CA ASP B 98 -5.00 -39.61 -47.41
C ASP B 98 -5.25 -40.07 -45.98
N ILE B 99 -4.28 -39.88 -45.10
CA ILE B 99 -4.42 -40.29 -43.71
C ILE B 99 -4.91 -39.09 -42.91
N VAL B 100 -6.06 -39.26 -42.27
CA VAL B 100 -6.59 -38.24 -41.37
C VAL B 100 -6.38 -38.72 -39.93
N LEU B 101 -6.32 -37.77 -39.02
CA LEU B 101 -6.26 -38.07 -37.60
C LEU B 101 -7.65 -37.91 -37.02
N ALA B 102 -8.09 -38.93 -36.28
CA ALA B 102 -9.46 -38.98 -35.81
C ALA B 102 -9.52 -39.19 -34.32
N LEU B 103 -10.48 -38.50 -33.69
CA LEU B 103 -10.87 -38.52 -32.30
C LEU B 103 -12.35 -38.87 -32.22
N PRO B 104 -12.74 -39.74 -31.29
CA PRO B 104 -14.16 -40.07 -31.15
C PRO B 104 -14.98 -38.88 -30.73
N LEU B 105 -16.24 -38.87 -31.14
CA LEU B 105 -17.12 -37.76 -30.82
C LEU B 105 -17.45 -37.77 -29.34
N LEU B 106 -17.51 -36.59 -28.74
CA LEU B 106 -17.80 -36.49 -27.30
C LEU B 106 -19.23 -36.90 -27.02
N ASN B 107 -19.42 -37.63 -25.94
CA ASN B 107 -20.66 -38.24 -25.52
C ASN B 107 -21.74 -37.20 -25.30
N ALA B 108 -22.99 -37.66 -25.41
CA ALA B 108 -24.14 -36.84 -25.06
C ALA B 108 -24.70 -37.19 -23.69
N ASN B 109 -25.14 -38.43 -23.49
CA ASN B 109 -25.91 -38.74 -22.30
C ASN B 109 -25.53 -40.05 -21.63
N GLY B 110 -24.24 -40.28 -21.41
CA GLY B 110 -23.89 -41.34 -20.49
C GLY B 110 -23.12 -42.51 -21.04
N GLY B 111 -21.93 -42.72 -20.48
CA GLY B 111 -21.05 -43.81 -20.82
C GLY B 111 -19.96 -43.33 -21.75
N ASN B 112 -18.81 -42.97 -21.18
CA ASN B 112 -17.71 -42.50 -22.01
C ASN B 112 -16.41 -42.77 -21.25
N LEU B 113 -15.90 -44.00 -21.39
CA LEU B 113 -14.62 -44.45 -20.83
C LEU B 113 -14.33 -45.83 -21.38
N ASP B 114 -13.06 -46.14 -21.64
CA ASP B 114 -12.71 -47.30 -22.44
C ASP B 114 -12.55 -48.57 -21.61
N ASN B 115 -13.26 -48.68 -20.50
CA ASN B 115 -13.45 -49.99 -19.89
C ASN B 115 -14.84 -50.52 -20.21
N GLY B 116 -14.90 -51.79 -20.58
CA GLY B 116 -16.10 -52.37 -21.15
C GLY B 116 -15.87 -52.78 -22.58
N SER B 117 -15.81 -54.09 -22.83
CA SER B 117 -15.38 -54.64 -24.11
C SER B 117 -16.50 -54.78 -25.12
N GLU B 118 -17.63 -54.11 -24.92
CA GLU B 118 -18.68 -54.11 -25.92
C GLU B 118 -18.41 -53.07 -27.00
N SER B 119 -18.77 -53.40 -28.24
CA SER B 119 -18.33 -52.65 -29.42
C SER B 119 -19.11 -51.34 -29.51
N GLU B 120 -18.61 -50.30 -28.85
CA GLU B 120 -19.08 -48.95 -29.07
C GLU B 120 -17.89 -48.02 -29.20
N ARG B 121 -18.05 -47.00 -30.03
CA ARG B 121 -16.94 -46.14 -30.39
C ARG B 121 -16.56 -44.99 -29.44
N PRO B 122 -17.49 -44.18 -28.80
CA PRO B 122 -17.00 -42.93 -28.20
C PRO B 122 -16.30 -43.13 -26.87
N ARG B 123 -14.97 -43.04 -26.85
CA ARG B 123 -14.22 -43.45 -25.68
C ARG B 123 -13.09 -42.48 -25.39
N ARG B 124 -12.77 -42.36 -24.10
CA ARG B 124 -11.57 -41.70 -23.60
C ARG B 124 -10.88 -42.63 -22.62
N TRP B 125 -9.62 -42.96 -22.92
CA TRP B 125 -8.82 -43.99 -22.26
C TRP B 125 -8.50 -43.60 -20.82
N LYS B 126 -8.12 -44.59 -20.03
CA LYS B 126 -7.74 -44.37 -18.63
C LYS B 126 -6.38 -45.01 -18.36
N SER B 127 -5.40 -44.20 -17.96
CA SER B 127 -4.10 -44.71 -17.57
C SER B 127 -3.90 -44.57 -16.08
N GLU B 128 -3.38 -45.61 -15.45
CA GLU B 128 -3.27 -45.66 -14.00
C GLU B 128 -1.85 -46.08 -13.66
N ARG B 129 -1.51 -45.98 -12.37
CA ARG B 129 -0.18 -46.23 -11.82
C ARG B 129 0.86 -45.32 -12.50
N VAL B 130 0.56 -44.04 -12.54
CA VAL B 130 1.49 -43.06 -13.06
C VAL B 130 2.10 -42.31 -11.89
N ASN B 131 3.39 -42.55 -11.64
CA ASN B 131 4.05 -41.95 -10.47
C ASN B 131 4.32 -40.48 -10.75
N VAL B 132 3.73 -39.62 -9.94
CA VAL B 132 3.75 -38.17 -10.13
C VAL B 132 4.38 -37.53 -8.91
N GLN B 133 5.52 -36.87 -9.09
CA GLN B 133 6.13 -36.16 -7.98
C GLN B 133 5.44 -34.83 -7.75
N GLU B 134 4.92 -34.66 -6.53
CA GLU B 134 4.31 -33.40 -6.12
C GLU B 134 5.36 -32.30 -6.08
N LEU B 135 4.91 -31.06 -6.20
CA LEU B 135 5.79 -29.90 -6.16
C LEU B 135 5.92 -29.31 -4.76
N ALA B 136 5.88 -30.14 -3.72
CA ALA B 136 6.07 -29.67 -2.34
C ALA B 136 7.35 -30.17 -1.69
N GLY B 137 7.93 -31.26 -2.17
CA GLY B 137 9.19 -31.77 -1.64
C GLY B 137 9.07 -33.22 -1.23
N HIS B 138 7.87 -33.76 -1.36
CA HIS B 138 7.54 -35.09 -0.89
C HIS B 138 7.80 -36.12 -2.00
N GLU B 139 7.28 -37.32 -1.81
CA GLU B 139 7.52 -38.42 -2.74
C GLU B 139 6.39 -38.44 -3.76
N GLN B 140 6.37 -39.46 -4.61
CA GLN B 140 5.37 -39.61 -5.64
C GLN B 140 4.32 -40.64 -5.23
N SER B 141 3.35 -40.85 -6.11
CA SER B 141 2.16 -41.63 -5.79
C SER B 141 1.48 -42.06 -7.08
N GLU B 142 0.57 -43.01 -6.98
CA GLU B 142 -0.14 -43.58 -8.12
C GLU B 142 -1.48 -42.89 -8.29
N VAL B 143 -1.63 -42.15 -9.37
CA VAL B 143 -2.87 -41.44 -9.67
C VAL B 143 -3.50 -42.05 -10.91
N ALA B 144 -4.68 -41.56 -11.27
CA ALA B 144 -5.30 -41.88 -12.54
C ALA B 144 -5.27 -40.64 -13.42
N VAL B 145 -4.96 -40.83 -14.70
CA VAL B 145 -4.73 -39.73 -15.64
C VAL B 145 -5.56 -39.98 -16.88
N LEU B 146 -6.23 -38.94 -17.36
CA LEU B 146 -6.99 -39.03 -18.60
C LEU B 146 -6.08 -39.11 -19.82
N ARG B 147 -6.38 -40.07 -20.69
CA ARG B 147 -5.72 -40.21 -21.98
C ARG B 147 -6.77 -40.19 -23.08
N HIS B 148 -6.55 -39.39 -24.11
CA HIS B 148 -7.46 -39.41 -25.25
C HIS B 148 -7.27 -40.69 -26.04
N ASN B 149 -8.34 -41.16 -26.66
CA ASN B 149 -8.31 -42.42 -27.40
C ASN B 149 -8.19 -42.13 -28.90
N LEU B 150 -6.97 -41.80 -29.29
CA LEU B 150 -6.68 -41.43 -30.67
C LEU B 150 -6.40 -42.65 -31.52
N THR B 151 -6.54 -42.47 -32.84
CA THR B 151 -6.14 -43.44 -33.84
C THR B 151 -6.04 -42.75 -35.20
N LEU B 152 -5.44 -43.45 -36.15
CA LEU B 152 -5.27 -42.97 -37.53
C LEU B 152 -6.30 -43.64 -38.43
N ARG B 153 -6.79 -42.91 -39.43
CA ARG B 153 -7.79 -43.47 -40.31
C ARG B 153 -7.43 -43.21 -41.77
N MET B 154 -8.33 -43.57 -42.70
CA MET B 154 -7.98 -43.62 -44.13
C MET B 154 -8.69 -42.63 -45.03
N ALA B 155 -9.73 -41.95 -44.54
CA ALA B 155 -10.47 -40.89 -45.23
C ALA B 155 -11.22 -41.35 -46.48
N HIS B 156 -11.19 -42.63 -46.82
CA HIS B 156 -12.06 -43.18 -47.84
C HIS B 156 -13.06 -44.14 -47.24
N GLN B 157 -12.94 -44.42 -45.95
CA GLN B 157 -13.93 -45.18 -45.19
C GLN B 157 -15.11 -44.28 -44.83
N GLU B 158 -15.93 -44.74 -43.90
CA GLU B 158 -17.04 -43.94 -43.39
C GLU B 158 -16.65 -43.37 -42.04
N ASN B 159 -16.58 -42.05 -41.94
CA ASN B 159 -16.20 -41.35 -40.72
C ASN B 159 -17.39 -40.54 -40.25
N ALA B 160 -18.30 -41.19 -39.52
CA ALA B 160 -19.52 -40.53 -39.08
C ALA B 160 -19.56 -40.27 -37.59
N ALA B 161 -18.83 -41.04 -36.79
CA ALA B 161 -18.81 -40.87 -35.35
C ALA B 161 -17.41 -40.54 -34.87
N TRP B 162 -16.65 -39.83 -35.70
CA TRP B 162 -15.29 -39.45 -35.38
C TRP B 162 -15.13 -37.98 -35.77
N LEU B 163 -13.93 -37.44 -35.56
CA LEU B 163 -13.60 -36.12 -36.08
C LEU B 163 -12.58 -36.25 -37.19
N THR B 164 -12.54 -35.25 -38.07
CA THR B 164 -11.67 -35.27 -39.23
C THR B 164 -10.73 -34.08 -39.23
N CYS B 165 -9.43 -34.37 -39.19
CA CYS B 165 -8.37 -33.40 -39.37
C CYS B 165 -7.27 -34.04 -40.21
N PRO B 166 -7.13 -33.65 -41.48
CA PRO B 166 -6.19 -34.34 -42.37
C PRO B 166 -4.74 -34.09 -41.98
N VAL B 167 -3.88 -35.06 -42.29
CA VAL B 167 -2.49 -34.98 -41.86
C VAL B 167 -1.54 -35.08 -43.05
N THR B 168 -1.55 -36.21 -43.76
CA THR B 168 -0.54 -36.46 -44.79
C THR B 168 -1.22 -37.05 -46.02
N ARG B 169 -0.41 -37.28 -47.06
CA ARG B 169 -0.90 -37.86 -48.31
C ARG B 169 0.19 -38.79 -48.86
N LEU B 170 -0.20 -40.00 -49.25
CA LEU B 170 0.76 -40.97 -49.77
C LEU B 170 0.49 -41.27 -51.23
N VAL B 171 1.56 -41.32 -52.00
CA VAL B 171 1.57 -41.80 -53.37
C VAL B 171 2.63 -42.88 -53.47
N ARG B 172 2.26 -44.05 -54.00
CA ARG B 172 3.23 -45.11 -54.20
C ARG B 172 4.17 -44.72 -55.33
N ASP B 173 5.47 -44.92 -55.13
CA ASP B 173 6.44 -44.69 -56.17
C ASP B 173 6.35 -45.81 -57.21
N ALA B 174 7.01 -45.61 -58.35
CA ALA B 174 6.88 -46.51 -59.49
C ALA B 174 7.54 -47.86 -59.27
N GLN B 175 8.32 -48.03 -58.21
CA GLN B 175 8.95 -49.31 -57.93
C GLN B 175 8.20 -50.11 -56.88
N GLY B 176 7.06 -49.61 -56.42
CA GLY B 176 6.25 -50.32 -55.44
C GLY B 176 6.39 -49.83 -54.02
N GLN B 177 7.47 -49.16 -53.68
CA GLN B 177 7.69 -48.69 -52.32
C GLN B 177 6.99 -47.35 -52.09
N TRP B 178 6.41 -47.21 -50.89
CA TRP B 178 5.62 -46.05 -50.55
C TRP B 178 6.49 -44.85 -50.25
N CYS B 179 6.06 -43.68 -50.74
CA CYS B 179 6.76 -42.45 -50.44
C CYS B 179 5.75 -41.36 -50.12
N ARG B 180 6.20 -40.36 -49.38
CA ARG B 180 5.35 -39.28 -48.94
C ARG B 180 5.37 -38.14 -49.93
N ASP B 181 4.21 -37.51 -50.12
CA ASP B 181 4.06 -36.43 -51.09
C ASP B 181 4.80 -35.20 -50.58
N PRO B 182 5.70 -34.60 -51.35
CA PRO B 182 6.35 -33.36 -50.92
C PRO B 182 5.48 -32.13 -51.03
N ARG B 183 4.32 -32.20 -51.66
CA ARG B 183 3.43 -31.06 -51.78
C ARG B 183 2.07 -31.44 -51.18
N PHE B 184 1.98 -31.29 -49.86
CA PHE B 184 0.71 -31.49 -49.19
C PHE B 184 0.67 -30.57 -47.98
N ILE B 185 -0.43 -29.83 -47.85
CA ILE B 185 -0.58 -28.80 -46.83
C ILE B 185 -1.77 -29.17 -45.97
N PRO B 186 -1.57 -29.49 -44.70
CA PRO B 186 -2.70 -29.66 -43.80
C PRO B 186 -3.29 -28.31 -43.44
N PRO B 187 -4.50 -28.25 -42.86
CA PRO B 187 -5.04 -26.97 -42.42
C PRO B 187 -4.20 -26.32 -41.36
N LEU B 188 -3.58 -25.21 -41.72
CA LEU B 188 -2.47 -24.68 -40.95
C LEU B 188 -2.94 -23.93 -39.72
N LEU B 189 -2.04 -23.84 -38.77
CA LEU B 189 -2.17 -23.01 -37.60
C LEU B 189 -0.91 -22.21 -37.32
N THR B 190 0.24 -22.66 -37.80
CA THR B 190 1.48 -21.94 -37.70
C THR B 190 2.31 -22.31 -38.92
N LEU B 191 2.91 -21.29 -39.56
CA LEU B 191 3.54 -21.47 -40.86
C LEU B 191 4.79 -22.34 -40.83
N SER B 192 5.35 -22.63 -39.66
CA SER B 192 6.46 -23.55 -39.57
C SER B 192 6.02 -25.00 -39.46
N ALA B 193 4.80 -25.32 -39.87
CA ALA B 193 4.33 -26.69 -39.89
C ALA B 193 4.41 -27.34 -41.26
N SER B 194 4.77 -26.58 -42.29
CA SER B 194 5.00 -27.15 -43.61
C SER B 194 6.15 -26.40 -44.28
N PRO B 195 7.33 -27.02 -44.41
CA PRO B 195 8.52 -26.26 -44.80
C PRO B 195 8.56 -25.84 -46.26
N SER B 196 7.88 -26.55 -47.16
CA SER B 196 7.94 -26.22 -48.59
C SER B 196 7.27 -24.88 -48.89
N LEU B 197 6.23 -24.55 -48.12
CA LEU B 197 5.63 -23.24 -48.23
C LEU B 197 6.61 -22.15 -47.80
N MET B 198 7.41 -22.42 -46.77
CA MET B 198 8.44 -21.47 -46.37
C MET B 198 9.52 -21.34 -47.43
N THR B 199 9.83 -22.43 -48.12
CA THR B 199 10.78 -22.37 -49.24
C THR B 199 10.25 -21.48 -50.36
N GLU B 200 8.98 -21.64 -50.70
CA GLU B 200 8.39 -20.83 -51.76
C GLU B 200 8.29 -19.36 -51.36
N LEU B 201 8.04 -19.07 -50.08
CA LEU B 201 7.97 -17.67 -49.68
C LEU B 201 9.36 -17.01 -49.61
N LEU B 202 10.37 -17.75 -49.18
CA LEU B 202 11.74 -17.23 -49.22
C LEU B 202 12.17 -16.96 -50.65
N GLU B 203 11.78 -17.82 -51.60
CA GLU B 203 12.09 -17.54 -52.99
C GLU B 203 11.33 -16.33 -53.51
N LEU B 204 10.07 -16.17 -53.07
CA LEU B 204 9.29 -14.98 -53.42
C LEU B 204 9.96 -13.68 -52.98
N LEU B 205 10.57 -13.68 -51.81
CA LEU B 205 11.11 -12.43 -51.29
C LEU B 205 12.35 -11.98 -52.07
N HIS B 206 13.24 -12.91 -52.40
CA HIS B 206 14.40 -12.55 -53.20
C HIS B 206 14.03 -12.36 -54.67
N HIS B 207 12.94 -12.96 -55.11
CA HIS B 207 12.34 -12.59 -56.38
C HIS B 207 11.88 -11.14 -56.38
N LEU B 208 11.38 -10.68 -55.24
CA LEU B 208 10.82 -9.34 -55.14
C LEU B 208 11.89 -8.26 -55.07
N GLN B 209 12.89 -8.44 -54.21
CA GLN B 209 13.81 -7.35 -53.95
C GLN B 209 14.70 -7.00 -55.15
N ALA B 210 15.00 -7.95 -56.02
CA ALA B 210 15.78 -7.61 -57.21
C ALA B 210 14.95 -6.83 -58.22
N ARG B 211 13.64 -7.15 -58.32
CA ARG B 211 12.73 -6.33 -59.12
C ARG B 211 12.64 -4.93 -58.56
N ARG B 212 12.76 -4.79 -57.25
CA ARG B 212 12.81 -3.45 -56.67
C ARG B 212 14.11 -2.74 -57.01
N GLN B 213 15.24 -3.45 -56.94
CA GLN B 213 16.54 -2.81 -57.09
C GLN B 213 16.82 -2.38 -58.52
N ARG B 214 16.34 -3.14 -59.51
CA ARG B 214 16.49 -2.69 -60.89
C ARG B 214 15.73 -1.40 -61.15
N LEU B 215 14.55 -1.26 -60.54
CA LEU B 215 13.78 -0.05 -60.69
C LEU B 215 14.39 1.12 -59.95
N MET B 216 14.99 0.87 -58.79
CA MET B 216 15.71 1.94 -58.12
C MET B 216 16.97 2.32 -58.87
N SER B 217 17.59 1.40 -59.60
CA SER B 217 18.75 1.76 -60.41
C SER B 217 18.35 2.45 -61.70
N MET B 218 17.08 2.32 -62.11
CA MET B 218 16.57 3.06 -63.27
C MET B 218 16.07 4.46 -62.91
N ARG B 219 16.52 5.02 -61.78
CA ARG B 219 16.16 6.40 -61.40
C ARG B 219 17.45 7.20 -61.22
N ARG B 220 17.72 8.08 -62.16
CA ARG B 220 18.79 9.06 -62.06
C ARG B 220 18.46 10.13 -61.03
N GLU B 221 19.42 11.01 -60.78
CA GLU B 221 19.23 12.08 -59.81
C GLU B 221 18.59 13.31 -60.41
N ASN B 222 18.28 13.31 -61.71
CA ASN B 222 17.66 14.45 -62.37
C ASN B 222 16.15 14.21 -62.43
N ASN B 223 15.46 14.67 -61.39
CA ASN B 223 14.01 14.59 -61.31
C ASN B 223 13.34 15.83 -61.87
N ALA B 224 13.98 16.49 -62.85
CA ALA B 224 13.48 17.77 -63.34
C ALA B 224 12.82 17.64 -64.72
N ARG B 225 13.46 16.90 -65.62
CA ARG B 225 12.99 16.82 -67.01
C ARG B 225 11.70 16.02 -67.09
N LEU B 226 10.58 16.72 -67.33
CA LEU B 226 9.28 16.09 -67.41
C LEU B 226 9.08 15.28 -68.69
N ALA B 227 9.76 15.65 -69.78
CA ALA B 227 9.55 15.00 -71.07
C ALA B 227 10.07 13.57 -71.06
N ASP B 228 11.23 13.36 -70.44
CA ASP B 228 11.73 12.01 -70.18
C ASP B 228 11.06 11.37 -68.98
N PHE B 229 10.23 12.12 -68.26
CA PHE B 229 9.44 11.60 -67.15
C PHE B 229 8.01 11.25 -67.57
N ALA B 230 7.55 11.78 -68.69
CA ALA B 230 6.18 11.58 -69.13
C ALA B 230 5.97 10.31 -69.94
N VAL B 231 7.03 9.62 -70.36
CA VAL B 231 6.82 8.40 -71.12
C VAL B 231 7.49 7.22 -70.42
N ALA B 232 8.81 7.25 -70.32
CA ALA B 232 9.54 6.09 -69.82
C ALA B 232 9.58 6.06 -68.31
N ASP B 233 9.14 7.13 -67.65
CA ASP B 233 9.17 7.24 -66.20
C ASP B 233 7.81 7.66 -65.63
N VAL B 234 6.73 7.43 -66.39
CA VAL B 234 5.41 7.87 -65.96
C VAL B 234 4.62 6.75 -65.29
N SER B 235 5.12 5.52 -65.35
CA SER B 235 4.54 4.42 -64.58
C SER B 235 5.50 3.84 -63.56
N LEU B 236 6.76 4.27 -63.56
CA LEU B 236 7.73 3.72 -62.62
C LEU B 236 7.41 4.14 -61.19
N PHE B 237 6.84 5.33 -61.01
CA PHE B 237 6.45 5.70 -59.67
C PHE B 237 5.19 4.98 -59.21
N TRP B 238 4.27 4.68 -60.14
CA TRP B 238 3.14 3.81 -59.82
C TRP B 238 3.61 2.44 -59.38
N LEU B 239 4.66 1.92 -59.99
CA LEU B 239 5.18 0.62 -59.61
C LEU B 239 6.01 0.66 -58.33
N LEU B 240 6.78 1.72 -58.12
CA LEU B 240 7.53 1.85 -56.87
C LEU B 240 6.63 2.11 -55.67
N ASN B 241 5.47 2.72 -55.88
CA ASN B 241 4.47 2.81 -54.81
C ASN B 241 4.13 1.43 -54.27
N ALA B 242 3.69 0.53 -55.14
CA ALA B 242 3.28 -0.80 -54.74
C ALA B 242 4.43 -1.62 -54.19
N LEU B 243 5.62 -1.51 -54.77
CA LEU B 243 6.72 -2.30 -54.23
C LEU B 243 7.34 -1.70 -52.99
N ASN B 244 7.06 -0.44 -52.66
CA ASN B 244 7.63 0.11 -51.44
C ASN B 244 6.66 0.08 -50.27
N SER B 245 5.35 0.03 -50.53
CA SER B 245 4.39 0.04 -49.46
C SER B 245 3.87 -1.34 -49.10
N ALA B 246 4.56 -2.40 -49.52
CA ALA B 246 4.18 -3.75 -49.11
C ALA B 246 5.37 -4.66 -48.84
N GLU B 247 6.58 -4.15 -48.87
CA GLU B 247 7.72 -4.96 -48.46
C GLU B 247 7.89 -5.09 -46.94
N PRO B 248 7.96 -4.01 -46.13
CA PRO B 248 8.34 -4.22 -44.72
C PRO B 248 7.30 -4.91 -43.88
N VAL B 249 6.05 -4.94 -44.33
CA VAL B 249 5.05 -5.76 -43.67
C VAL B 249 5.35 -7.24 -43.90
N LEU B 250 5.64 -7.58 -45.15
CA LEU B 250 5.89 -8.96 -45.52
C LEU B 250 7.19 -9.47 -44.94
N LYS B 251 8.19 -8.61 -44.80
CA LYS B 251 9.44 -9.03 -44.17
C LYS B 251 9.25 -9.27 -42.68
N GLU B 252 8.47 -8.38 -42.02
CA GLU B 252 8.04 -8.57 -40.63
C GLU B 252 7.38 -9.92 -40.42
N LEU B 253 6.47 -10.30 -41.31
CA LEU B 253 5.73 -11.55 -41.10
C LEU B 253 6.59 -12.79 -41.34
N LEU B 254 7.69 -12.68 -42.07
CA LEU B 254 8.54 -13.83 -42.34
C LEU B 254 9.83 -13.79 -41.55
N ASP B 255 10.01 -12.80 -40.68
CA ASP B 255 11.06 -12.86 -39.69
C ASP B 255 10.86 -14.00 -38.69
N MET B 256 9.70 -14.01 -38.02
CA MET B 256 9.39 -14.91 -36.92
C MET B 256 8.13 -15.69 -37.30
N PRO B 257 8.27 -16.77 -38.05
CA PRO B 257 7.12 -17.39 -38.76
C PRO B 257 6.21 -18.18 -37.83
N TYR B 258 5.56 -17.50 -36.89
CA TYR B 258 4.83 -18.19 -35.84
C TYR B 258 3.35 -17.85 -35.80
N ARG B 259 2.80 -17.26 -36.85
CA ARG B 259 1.45 -16.72 -36.78
C ARG B 259 0.46 -17.51 -37.65
N HIS B 260 -0.82 -17.24 -37.47
CA HIS B 260 -1.93 -17.84 -38.21
C HIS B 260 -1.92 -17.32 -39.65
N PRO B 261 -2.36 -18.11 -40.63
CA PRO B 261 -2.20 -17.70 -42.04
C PRO B 261 -3.07 -16.56 -42.51
N GLU B 262 -4.10 -16.15 -41.74
CA GLU B 262 -5.00 -15.12 -42.21
C GLU B 262 -4.31 -13.78 -42.35
N LEU B 263 -3.36 -13.50 -41.46
CA LEU B 263 -2.50 -12.33 -41.58
C LEU B 263 -1.72 -12.31 -42.87
N LEU B 264 -1.20 -13.47 -43.30
CA LEU B 264 -0.37 -13.50 -44.50
C LEU B 264 -1.23 -13.38 -45.75
N TYR B 265 -2.42 -13.99 -45.73
CA TYR B 265 -3.35 -13.82 -46.85
C TYR B 265 -3.78 -12.38 -47.00
N ARG B 266 -4.01 -11.69 -45.88
CA ARG B 266 -4.44 -10.29 -45.94
C ARG B 266 -3.34 -9.33 -46.36
N GLU B 267 -2.13 -9.81 -46.63
CA GLU B 267 -1.11 -8.99 -47.25
C GLU B 267 -0.86 -9.38 -48.69
N LEU B 268 -0.82 -10.69 -48.97
CA LEU B 268 -0.61 -11.11 -50.35
C LEU B 268 -1.78 -10.72 -51.24
N ALA B 269 -3.02 -10.85 -50.75
CA ALA B 269 -4.15 -10.41 -51.54
C ALA B 269 -4.30 -8.91 -51.59
N ARG B 270 -3.58 -8.17 -50.74
CA ARG B 270 -3.56 -6.72 -50.89
C ARG B 270 -2.56 -6.29 -51.94
N LEU B 271 -1.41 -6.95 -51.98
CA LEU B 271 -0.41 -6.60 -52.98
C LEU B 271 -0.83 -7.05 -54.37
N ALA B 272 -1.52 -8.20 -54.47
CA ALA B 272 -1.90 -8.72 -55.76
C ALA B 272 -3.00 -7.89 -56.42
N GLY B 273 -3.84 -7.22 -55.64
CA GLY B 273 -4.81 -6.32 -56.25
C GLY B 273 -4.17 -5.04 -56.73
N SER B 274 -3.11 -4.59 -56.06
CA SER B 274 -2.41 -3.39 -56.47
C SER B 274 -1.58 -3.63 -57.71
N LEU B 275 -0.99 -4.81 -57.87
CA LEU B 275 -0.20 -5.15 -59.04
C LEU B 275 -1.02 -5.85 -60.11
N LEU B 276 -2.30 -5.54 -60.20
CA LEU B 276 -3.14 -6.10 -61.25
C LEU B 276 -3.63 -5.04 -62.22
N THR B 277 -3.53 -3.76 -61.85
CA THR B 277 -3.96 -2.68 -62.73
C THR B 277 -2.95 -2.37 -63.81
N PHE B 278 -1.70 -2.77 -63.62
CA PHE B 278 -0.67 -2.48 -64.61
C PHE B 278 -0.87 -3.32 -65.86
N SER B 279 -1.15 -4.60 -65.70
CA SER B 279 -1.37 -5.50 -66.80
C SER B 279 -2.83 -5.94 -66.87
N LEU B 280 -3.76 -5.00 -66.65
CA LEU B 280 -5.18 -5.35 -66.58
C LEU B 280 -5.75 -5.57 -67.98
N GLU B 281 -5.32 -6.64 -68.63
CA GLU B 281 -5.88 -7.12 -69.88
C GLU B 281 -6.30 -8.57 -69.75
N HIS B 282 -5.91 -9.23 -68.67
CA HIS B 282 -6.28 -10.59 -68.36
C HIS B 282 -7.54 -10.58 -67.50
N ASN B 283 -7.83 -11.70 -66.82
CA ASN B 283 -9.03 -11.82 -66.02
C ASN B 283 -8.99 -10.83 -64.86
N VAL B 284 -10.16 -10.26 -64.55
CA VAL B 284 -10.21 -9.13 -63.63
C VAL B 284 -10.08 -9.58 -62.19
N ASP B 285 -10.52 -10.80 -61.87
CA ASP B 285 -10.40 -11.32 -60.51
C ASP B 285 -10.03 -12.80 -60.60
N ALA B 286 -8.74 -13.08 -60.64
CA ALA B 286 -8.24 -14.44 -60.52
C ALA B 286 -7.68 -14.71 -59.14
N VAL B 287 -7.84 -13.77 -58.21
CA VAL B 287 -7.30 -13.90 -56.86
C VAL B 287 -8.19 -14.84 -56.06
N PRO B 288 -7.65 -15.95 -55.54
CA PRO B 288 -8.51 -16.98 -54.94
C PRO B 288 -9.08 -16.53 -53.61
N ALA B 289 -10.33 -16.90 -53.37
CA ALA B 289 -10.98 -16.57 -52.12
C ALA B 289 -10.52 -17.52 -51.02
N TYR B 290 -10.00 -16.95 -49.94
CA TYR B 290 -9.55 -17.75 -48.80
C TYR B 290 -10.78 -18.16 -48.02
N HIS B 291 -11.35 -19.30 -48.35
CA HIS B 291 -12.45 -19.84 -47.58
C HIS B 291 -12.12 -21.25 -47.11
N HIS B 292 -10.86 -21.53 -46.90
CA HIS B 292 -10.40 -22.89 -47.01
C HIS B 292 -9.83 -23.49 -45.73
N GLU B 293 -10.08 -24.78 -45.62
CA GLU B 293 -9.24 -25.73 -44.92
C GLU B 293 -8.27 -26.42 -45.87
N THR B 294 -8.30 -26.10 -47.17
CA THR B 294 -7.49 -26.77 -48.19
C THR B 294 -6.56 -25.76 -48.84
N PRO B 295 -5.35 -25.56 -48.33
CA PRO B 295 -4.50 -24.47 -48.85
C PRO B 295 -3.77 -24.80 -50.15
N GLU B 296 -3.86 -26.04 -50.65
CA GLU B 296 -3.28 -26.37 -51.95
C GLU B 296 -3.97 -25.62 -53.07
N ASN B 297 -5.27 -25.37 -52.92
CA ASN B 297 -6.02 -24.54 -53.85
C ASN B 297 -5.84 -23.05 -53.59
N VAL B 298 -4.98 -22.68 -52.64
CA VAL B 298 -4.92 -21.29 -52.21
C VAL B 298 -3.53 -20.69 -52.44
N PHE B 299 -2.51 -21.19 -51.74
CA PHE B 299 -1.25 -20.45 -51.79
C PHE B 299 -0.38 -20.66 -53.03
N PRO B 300 -0.22 -21.86 -53.60
CA PRO B 300 0.47 -21.95 -54.90
C PRO B 300 -0.25 -21.24 -56.05
N PRO B 301 -1.58 -21.06 -56.04
CA PRO B 301 -2.14 -20.10 -57.01
C PRO B 301 -1.71 -18.67 -56.79
N LEU B 302 -1.54 -18.21 -55.56
CA LEU B 302 -1.12 -16.82 -55.37
C LEU B 302 0.35 -16.61 -55.66
N LEU B 303 1.19 -17.57 -55.31
CA LEU B 303 2.61 -17.38 -55.61
C LEU B 303 2.90 -17.45 -57.10
N SER B 304 2.20 -18.31 -57.83
CA SER B 304 2.32 -18.32 -59.29
C SER B 304 1.76 -17.06 -59.93
N LEU B 305 0.76 -16.43 -59.30
CA LEU B 305 0.21 -15.20 -59.85
C LEU B 305 1.13 -14.02 -59.61
N LEU B 306 1.76 -13.96 -58.44
CA LEU B 306 2.72 -12.90 -58.18
C LEU B 306 4.01 -13.08 -58.98
N ASN B 307 4.44 -14.33 -59.17
CA ASN B 307 5.65 -14.59 -59.97
C ASN B 307 5.45 -14.20 -61.42
N ARG B 308 4.23 -14.31 -61.96
CA ARG B 308 3.94 -13.69 -63.23
C ARG B 308 3.90 -12.18 -63.15
N LEU B 309 3.15 -11.61 -62.20
CA LEU B 309 2.91 -10.18 -62.27
C LEU B 309 4.07 -9.32 -61.79
N LEU B 310 5.18 -9.89 -61.36
CA LEU B 310 6.36 -9.05 -61.17
C LEU B 310 7.08 -8.75 -62.47
N GLU B 311 6.64 -9.33 -63.59
CA GLU B 311 7.31 -9.19 -64.87
C GLU B 311 6.93 -7.90 -65.59
N MET C 1 7.46 -30.38 -19.23
CA MET C 1 7.49 -30.82 -17.84
C MET C 1 6.45 -31.89 -17.54
N LYS C 2 5.85 -32.44 -18.60
CA LYS C 2 4.85 -33.50 -18.54
C LYS C 2 3.63 -33.09 -17.69
N ILE C 3 2.92 -32.10 -18.21
CA ILE C 3 1.72 -31.59 -17.57
C ILE C 3 0.59 -32.59 -17.78
N TYR C 4 0.30 -33.39 -16.77
CA TYR C 4 -0.72 -34.42 -16.84
C TYR C 4 -2.10 -33.80 -16.70
N ARG C 5 -3.13 -34.61 -16.90
CA ARG C 5 -4.51 -34.17 -16.71
C ARG C 5 -5.29 -35.22 -15.93
N PRO C 6 -5.96 -34.86 -14.86
CA PRO C 6 -6.53 -35.86 -13.97
C PRO C 6 -7.87 -36.36 -14.49
N LEU C 7 -8.31 -37.48 -13.93
CA LEU C 7 -9.52 -38.17 -14.33
C LEU C 7 -10.41 -38.31 -13.11
N TRP C 8 -11.59 -37.69 -13.15
CA TRP C 8 -12.54 -37.79 -12.05
C TRP C 8 -13.67 -38.74 -12.44
N GLU C 9 -13.70 -39.89 -11.80
CA GLU C 9 -14.76 -40.87 -11.92
C GLU C 9 -15.33 -41.16 -10.53
N ASP C 10 -16.21 -42.15 -10.47
CA ASP C 10 -16.90 -42.50 -9.24
C ASP C 10 -16.01 -43.23 -8.25
N GLY C 11 -14.76 -43.53 -8.60
CA GLY C 11 -13.86 -44.19 -7.69
C GLY C 11 -12.56 -43.44 -7.53
N ALA C 12 -12.42 -42.36 -8.28
CA ALA C 12 -11.22 -41.55 -8.20
C ALA C 12 -11.23 -40.78 -6.89
N PHE C 13 -10.07 -40.57 -6.30
CA PHE C 13 -10.02 -39.95 -4.98
C PHE C 13 -8.91 -38.91 -4.89
N LEU C 14 -8.94 -38.18 -3.78
CA LEU C 14 -8.43 -36.81 -3.70
C LEU C 14 -6.94 -36.81 -3.44
N MET C 15 -6.19 -36.07 -4.24
CA MET C 15 -4.76 -35.89 -4.07
C MET C 15 -4.43 -34.44 -4.36
N PRO C 16 -3.29 -33.94 -3.87
CA PRO C 16 -2.83 -32.61 -4.28
C PRO C 16 -2.43 -32.53 -5.74
N GLN C 17 -1.87 -33.60 -6.31
CA GLN C 17 -1.51 -33.56 -7.72
C GLN C 17 -2.73 -33.62 -8.63
N GLN C 18 -3.89 -33.99 -8.09
CA GLN C 18 -5.13 -33.81 -8.84
C GLN C 18 -5.33 -32.36 -9.21
N PHE C 19 -5.06 -31.46 -8.27
CA PHE C 19 -5.38 -30.06 -8.46
C PHE C 19 -4.23 -29.27 -9.04
N GLN C 20 -2.99 -29.65 -8.74
CA GLN C 20 -1.84 -28.88 -9.23
C GLN C 20 -1.72 -28.94 -10.75
N GLN C 21 -1.95 -30.11 -11.35
CA GLN C 21 -1.82 -30.25 -12.79
C GLN C 21 -2.97 -29.56 -13.51
N GLN C 22 -4.17 -29.64 -12.95
CA GLN C 22 -5.31 -28.92 -13.51
C GLN C 22 -5.13 -27.41 -13.39
N ALA C 23 -4.41 -26.97 -12.36
CA ALA C 23 -4.04 -25.57 -12.31
C ALA C 23 -3.05 -25.20 -13.41
N ALA C 24 -2.07 -26.07 -13.67
CA ALA C 24 -1.04 -25.75 -14.66
C ALA C 24 -1.57 -25.82 -16.09
N TRP C 25 -2.59 -26.65 -16.33
CA TRP C 25 -3.08 -26.84 -17.70
C TRP C 25 -3.75 -25.59 -18.26
N ASP C 26 -4.52 -24.88 -17.43
CA ASP C 26 -5.15 -23.68 -17.93
C ASP C 26 -4.22 -22.48 -17.95
N VAL C 27 -3.10 -22.55 -17.24
CA VAL C 27 -2.03 -21.60 -17.47
C VAL C 27 -1.41 -21.85 -18.84
N HIS C 28 -1.19 -23.13 -19.18
CA HIS C 28 -0.56 -23.47 -20.46
C HIS C 28 -1.47 -23.17 -21.64
N LEU C 29 -2.78 -23.19 -21.46
CA LEU C 29 -3.64 -22.80 -22.58
C LEU C 29 -3.57 -21.31 -22.90
N ALA C 30 -3.19 -20.47 -21.93
CA ALA C 30 -3.14 -19.03 -22.15
C ALA C 30 -2.05 -18.62 -23.11
N ASP C 31 -1.02 -19.45 -23.30
CA ASP C 31 -0.05 -19.17 -24.36
C ASP C 31 -0.55 -19.68 -25.70
N SER C 32 -1.25 -20.81 -25.69
CA SER C 32 -1.74 -21.38 -26.93
C SER C 32 -2.87 -20.57 -27.54
N VAL C 33 -3.51 -19.68 -26.79
CA VAL C 33 -4.48 -18.79 -27.39
C VAL C 33 -3.89 -17.46 -27.83
N ALA C 34 -2.58 -17.29 -27.75
CA ALA C 34 -1.92 -16.08 -28.21
C ALA C 34 -1.17 -16.37 -29.50
N ARG C 35 -1.56 -15.68 -30.58
CA ARG C 35 -0.93 -15.83 -31.88
C ARG C 35 -0.19 -14.56 -32.27
N MET C 36 -0.25 -13.53 -31.44
CA MET C 36 0.58 -12.33 -31.52
C MET C 36 1.40 -12.11 -30.28
N GLY C 37 0.92 -12.54 -29.12
CA GLY C 37 1.64 -12.53 -27.86
C GLY C 37 2.66 -13.63 -27.70
N LEU C 38 2.67 -14.59 -28.63
CA LEU C 38 3.79 -15.46 -28.92
C LEU C 38 4.69 -14.92 -30.02
N ALA C 39 4.23 -13.96 -30.82
CA ALA C 39 5.08 -13.44 -31.88
C ALA C 39 6.15 -12.59 -31.25
N HIS C 40 5.78 -11.50 -30.66
CA HIS C 40 6.69 -10.95 -29.67
C HIS C 40 6.54 -11.77 -28.39
N PRO C 41 7.61 -11.98 -27.63
CA PRO C 41 7.47 -12.69 -26.35
C PRO C 41 6.73 -11.92 -25.26
N TRP C 42 6.85 -12.44 -24.05
CA TRP C 42 6.09 -11.93 -22.92
C TRP C 42 6.61 -10.56 -22.50
N GLY C 43 5.72 -9.73 -21.99
CA GLY C 43 5.99 -8.29 -21.86
C GLY C 43 5.98 -7.67 -20.48
N VAL C 44 5.92 -6.33 -20.42
CA VAL C 44 5.94 -5.53 -19.20
C VAL C 44 4.98 -4.37 -19.35
N VAL C 45 4.01 -4.25 -18.45
CA VAL C 45 2.96 -3.25 -18.60
C VAL C 45 3.02 -2.12 -17.58
N ALA C 46 3.76 -2.28 -16.48
CA ALA C 46 3.88 -1.23 -15.48
C ALA C 46 5.08 -1.51 -14.59
N ALA C 47 5.90 -0.49 -14.38
CA ALA C 47 7.07 -0.62 -13.51
C ALA C 47 7.47 0.76 -13.02
N GLU C 48 7.26 1.02 -11.72
CA GLU C 48 7.45 2.36 -11.17
C GLU C 48 8.32 2.29 -9.92
N PHE C 49 9.34 3.16 -9.86
CA PHE C 49 10.32 3.13 -8.78
C PHE C 49 10.34 4.44 -8.01
N ASP C 50 11.15 4.46 -6.95
CA ASP C 50 11.31 5.57 -6.03
C ASP C 50 12.71 6.14 -6.19
N ASP C 51 12.82 7.46 -6.08
CA ASP C 51 14.12 8.12 -6.22
C ASP C 51 14.69 8.63 -4.91
N SER C 52 13.86 8.81 -3.88
CA SER C 52 14.33 9.39 -2.63
C SER C 52 15.25 8.44 -1.87
N LEU C 53 15.13 7.14 -2.13
CA LEU C 53 15.99 6.16 -1.49
C LEU C 53 17.35 6.04 -2.15
N LEU C 54 17.59 6.76 -3.23
CA LEU C 54 18.87 6.72 -3.93
C LEU C 54 20.02 7.46 -3.25
N PRO C 55 19.86 8.62 -2.58
CA PRO C 55 21.00 9.16 -1.83
C PRO C 55 21.45 8.28 -0.68
N LEU C 56 20.59 7.42 -0.17
CA LEU C 56 21.00 6.43 0.80
C LEU C 56 21.57 5.17 0.14
N SER C 57 21.64 5.16 -1.20
CA SER C 57 22.08 4.02 -2.01
C SER C 57 21.24 2.79 -1.75
N ARG C 58 19.96 2.99 -1.51
CA ARG C 58 18.99 1.91 -1.50
C ARG C 58 18.18 1.97 -2.78
N LEU C 59 17.25 1.02 -2.93
CA LEU C 59 16.33 1.01 -4.05
C LEU C 59 15.14 0.15 -3.68
N ASN C 60 13.94 0.63 -3.98
CA ASN C 60 12.74 -0.11 -3.61
C ASN C 60 11.69 0.05 -4.69
N ALA C 61 10.93 -1.00 -4.93
CA ALA C 61 9.90 -1.02 -5.95
C ALA C 61 8.56 -0.56 -5.38
N THR C 62 7.68 -0.11 -6.27
CA THR C 62 6.32 0.25 -5.88
C THR C 62 5.28 -0.59 -6.61
N ARG C 63 5.31 -0.64 -7.93
CA ARG C 63 4.35 -1.36 -8.74
C ARG C 63 5.09 -2.16 -9.78
N LEU C 64 4.71 -3.42 -9.96
CA LEU C 64 5.35 -4.30 -10.93
C LEU C 64 4.30 -5.23 -11.50
N ILE C 65 3.95 -5.07 -12.77
CA ILE C 65 3.04 -5.98 -13.42
C ILE C 65 3.76 -6.51 -14.67
N VAL C 66 4.41 -7.67 -14.54
CA VAL C 66 5.34 -8.16 -15.54
C VAL C 66 4.90 -9.54 -15.99
N ARG C 67 4.81 -9.74 -17.30
CA ARG C 67 4.74 -11.08 -17.86
C ARG C 67 6.13 -11.67 -18.01
N PHE C 68 6.26 -12.92 -17.66
CA PHE C 68 7.48 -13.69 -17.76
C PHE C 68 7.37 -14.73 -18.88
N PRO C 69 8.49 -15.16 -19.47
CA PRO C 69 8.41 -16.04 -20.65
C PRO C 69 7.82 -17.41 -20.40
N ASP C 70 7.73 -17.88 -19.16
CA ASP C 70 7.16 -19.18 -18.88
C ASP C 70 5.64 -19.16 -18.81
N GLY C 71 5.03 -17.97 -18.93
CA GLY C 71 3.60 -17.83 -18.80
C GLY C 71 3.12 -17.34 -17.45
N THR C 72 4.02 -17.16 -16.49
CA THR C 72 3.63 -16.73 -15.16
C THR C 72 3.43 -15.23 -15.13
N LEU C 73 2.27 -14.79 -14.66
CA LEU C 73 1.98 -13.36 -14.56
C LEU C 73 2.10 -12.88 -13.13
N ILE C 74 2.84 -11.77 -12.96
CA ILE C 74 3.12 -11.19 -11.66
C ILE C 74 2.38 -9.87 -11.57
N ASP C 75 1.76 -9.59 -10.42
CA ASP C 75 0.97 -8.38 -10.27
C ASP C 75 0.99 -7.99 -8.80
N THR C 76 1.70 -6.91 -8.47
CA THR C 76 1.79 -6.47 -7.08
C THR C 76 0.66 -5.60 -6.64
N GLU C 77 -0.47 -5.63 -7.33
CA GLU C 77 -1.70 -5.05 -6.83
C GLU C 77 -2.81 -6.07 -6.78
N ARG C 78 -2.53 -7.30 -7.18
CA ARG C 78 -3.47 -8.41 -7.04
C ARG C 78 -2.84 -9.65 -6.43
N ALA C 79 -1.53 -9.88 -6.58
CA ALA C 79 -0.74 -10.52 -5.54
C ALA C 79 -0.25 -9.40 -4.64
N ASP C 80 0.42 -9.72 -3.54
CA ASP C 80 0.60 -8.69 -2.51
C ASP C 80 2.05 -8.33 -2.24
N ASN C 81 2.94 -9.31 -2.20
CA ASN C 81 4.28 -9.07 -1.72
C ASN C 81 5.10 -8.36 -2.78
N LEU C 82 5.83 -7.35 -2.36
CA LEU C 82 6.77 -6.58 -3.13
C LEU C 82 8.18 -7.06 -2.88
N PRO C 83 9.10 -6.90 -3.82
CA PRO C 83 10.47 -7.35 -3.59
C PRO C 83 11.20 -6.45 -2.62
N PRO C 84 12.06 -7.01 -1.78
CA PRO C 84 12.76 -6.21 -0.77
C PRO C 84 13.86 -5.31 -1.32
N VAL C 85 14.63 -4.73 -0.42
CA VAL C 85 15.53 -3.63 -0.74
C VAL C 85 16.76 -4.16 -1.45
N CYS C 86 17.11 -3.51 -2.57
CA CYS C 86 18.28 -3.86 -3.37
C CYS C 86 19.48 -3.09 -2.85
N ASP C 87 20.36 -3.78 -2.12
CA ASP C 87 21.47 -3.12 -1.47
C ASP C 87 22.56 -2.79 -2.48
N LEU C 88 22.70 -1.50 -2.81
CA LEU C 88 23.66 -1.08 -3.83
C LEU C 88 25.08 -0.93 -3.32
N SER C 89 25.35 -1.19 -2.04
CA SER C 89 26.66 -0.81 -1.53
C SER C 89 27.74 -1.86 -1.79
N THR C 90 27.83 -2.34 -3.03
CA THR C 90 28.91 -3.18 -3.51
C THR C 90 29.50 -2.67 -4.80
N VAL C 91 28.84 -1.72 -5.46
CA VAL C 91 29.29 -1.21 -6.73
C VAL C 91 30.18 0.00 -6.46
N SER C 92 31.47 -0.17 -6.71
CA SER C 92 32.42 0.92 -6.60
C SER C 92 32.62 1.64 -7.92
N ASP C 93 32.71 0.89 -9.01
CA ASP C 93 32.95 1.46 -10.32
C ASP C 93 31.68 2.15 -10.81
N ARG C 94 31.75 3.47 -11.00
CA ARG C 94 30.56 4.30 -11.17
C ARG C 94 30.11 4.40 -12.61
N SER C 95 30.31 3.36 -13.39
CA SER C 95 29.70 3.34 -14.71
C SER C 95 28.22 3.01 -14.59
N LEU C 96 27.59 2.75 -15.72
CA LEU C 96 26.16 2.51 -15.74
C LEU C 96 25.86 1.10 -15.23
N VAL C 97 24.69 0.93 -14.62
CA VAL C 97 24.26 -0.33 -14.01
C VAL C 97 22.84 -0.63 -14.47
N ASP C 98 22.59 -1.87 -14.90
CA ASP C 98 21.24 -2.30 -15.28
C ASP C 98 20.62 -3.19 -14.21
N ILE C 99 19.29 -3.17 -14.13
CA ILE C 99 18.54 -3.84 -13.07
C ILE C 99 17.52 -4.79 -13.66
N VAL C 100 17.55 -6.05 -13.23
CA VAL C 100 16.61 -7.06 -13.70
C VAL C 100 15.79 -7.57 -12.53
N LEU C 101 14.58 -8.04 -12.84
CA LEU C 101 13.68 -8.62 -11.85
C LEU C 101 13.71 -10.14 -11.98
N ALA C 102 14.42 -10.80 -11.08
CA ALA C 102 14.62 -12.23 -11.20
C ALA C 102 13.39 -12.98 -10.73
N LEU C 103 13.39 -14.28 -11.00
CA LEU C 103 12.42 -15.24 -10.50
C LEU C 103 13.03 -16.63 -10.64
N PRO C 104 13.20 -17.38 -9.57
CA PRO C 104 13.93 -18.65 -9.64
C PRO C 104 13.21 -19.72 -10.46
N LEU C 105 14.01 -20.48 -11.21
CA LEU C 105 13.50 -21.49 -12.11
C LEU C 105 12.85 -22.63 -11.36
N LEU C 106 11.79 -23.16 -11.95
CA LEU C 106 11.00 -24.21 -11.31
C LEU C 106 11.72 -25.54 -11.38
N ASN C 107 12.15 -26.04 -10.23
CA ASN C 107 12.66 -27.39 -10.13
C ASN C 107 11.50 -28.37 -10.22
N ALA C 108 11.58 -29.29 -11.17
CA ALA C 108 10.56 -30.31 -11.33
C ALA C 108 10.79 -31.52 -10.44
N ASN C 109 11.67 -31.41 -9.44
CA ASN C 109 11.78 -32.42 -8.40
C ASN C 109 11.89 -31.84 -7.00
N GLY C 110 12.16 -30.56 -6.84
CA GLY C 110 12.15 -29.95 -5.54
C GLY C 110 10.75 -29.49 -5.22
N GLY C 111 10.56 -28.20 -5.00
CA GLY C 111 9.22 -27.74 -4.79
C GLY C 111 9.08 -26.35 -4.19
N ASN C 112 8.31 -26.29 -3.13
CA ASN C 112 7.98 -25.05 -2.45
C ASN C 112 9.09 -24.72 -1.45
N LEU C 113 8.85 -23.77 -0.57
CA LEU C 113 9.76 -23.50 0.52
C LEU C 113 9.11 -23.94 1.82
N ASP C 114 9.96 -24.36 2.76
CA ASP C 114 9.51 -24.59 4.13
C ASP C 114 10.10 -23.61 5.11
N ASN C 115 11.43 -23.48 5.17
CA ASN C 115 12.07 -22.49 6.02
C ASN C 115 13.32 -21.87 5.41
N GLY C 116 13.65 -22.17 4.15
CA GLY C 116 14.70 -21.46 3.46
C GLY C 116 16.10 -21.98 3.69
N SER C 117 16.44 -22.30 4.94
CA SER C 117 17.78 -22.78 5.26
C SER C 117 17.90 -24.28 5.06
N GLU C 118 17.76 -24.73 3.81
CA GLU C 118 17.83 -26.15 3.49
C GLU C 118 18.79 -26.51 2.36
N SER C 119 18.86 -25.73 1.28
CA SER C 119 19.64 -26.13 0.13
C SER C 119 20.43 -24.94 -0.39
N GLU C 120 21.06 -25.15 -1.54
CA GLU C 120 21.83 -24.11 -2.22
C GLU C 120 21.18 -23.71 -3.53
N ARG C 121 19.98 -24.20 -3.83
CA ARG C 121 19.28 -23.82 -5.02
C ARG C 121 18.10 -22.93 -4.64
N PRO C 122 18.01 -21.71 -5.16
CA PRO C 122 16.93 -20.81 -4.78
C PRO C 122 15.59 -21.27 -5.35
N ARG C 123 14.54 -21.01 -4.57
CA ARG C 123 13.25 -21.66 -4.76
C ARG C 123 12.12 -20.63 -4.74
N ARG C 124 11.10 -20.90 -5.53
CA ARG C 124 9.86 -20.11 -5.58
C ARG C 124 8.92 -20.47 -4.44
N TRP C 125 7.64 -20.09 -4.59
CA TRP C 125 6.52 -20.62 -3.82
C TRP C 125 6.62 -20.37 -2.31
N LYS C 126 6.51 -19.12 -1.88
CA LYS C 126 6.45 -18.83 -0.45
C LYS C 126 5.00 -18.76 0.03
N SER C 127 4.79 -19.21 1.27
CA SER C 127 3.48 -19.38 1.86
C SER C 127 3.15 -18.20 2.77
N GLU C 128 1.90 -18.15 3.20
CA GLU C 128 1.31 -16.98 3.81
C GLU C 128 -0.04 -17.42 4.37
N ARG C 129 -0.55 -16.73 5.39
CA ARG C 129 -1.88 -17.02 5.91
C ARG C 129 -2.71 -15.74 5.90
N VAL C 130 -3.77 -15.74 5.11
CA VAL C 130 -4.59 -14.57 4.86
C VAL C 130 -6.03 -14.90 5.22
N ASN C 131 -6.68 -14.01 5.97
CA ASN C 131 -8.09 -14.13 6.28
C ASN C 131 -8.89 -13.85 5.00
N VAL C 132 -9.69 -14.83 4.56
CA VAL C 132 -10.36 -14.78 3.26
C VAL C 132 -11.86 -14.67 3.46
N GLN C 133 -12.47 -13.68 2.82
CA GLN C 133 -13.92 -13.55 2.83
C GLN C 133 -14.55 -14.54 1.88
N GLU C 134 -15.32 -15.47 2.41
CA GLU C 134 -16.06 -16.39 1.56
C GLU C 134 -17.22 -15.66 0.89
N LEU C 135 -17.30 -15.79 -0.41
CA LEU C 135 -18.41 -15.20 -1.14
C LEU C 135 -19.67 -16.02 -0.92
N ALA C 136 -20.81 -15.40 -1.24
CA ALA C 136 -22.16 -15.97 -1.12
C ALA C 136 -22.45 -16.48 0.29
N GLY C 137 -21.93 -15.79 1.30
CA GLY C 137 -22.10 -16.25 2.66
C GLY C 137 -21.67 -15.20 3.67
N HIS C 138 -21.36 -15.69 4.87
CA HIS C 138 -20.99 -14.82 5.99
C HIS C 138 -19.82 -15.41 6.78
N GLU C 139 -18.74 -15.81 6.12
CA GLU C 139 -17.62 -16.35 6.86
C GLU C 139 -16.32 -15.63 6.49
N GLN C 140 -15.38 -15.67 7.44
CA GLN C 140 -14.03 -15.13 7.25
C GLN C 140 -13.05 -16.11 7.86
N SER C 141 -12.60 -17.08 7.08
CA SER C 141 -11.73 -18.15 7.58
C SER C 141 -10.35 -18.01 6.98
N GLU C 142 -9.35 -18.64 7.62
CA GLU C 142 -7.97 -18.51 7.19
C GLU C 142 -7.62 -19.57 6.16
N VAL C 143 -7.09 -19.13 5.02
CA VAL C 143 -6.66 -20.00 3.93
C VAL C 143 -5.21 -19.68 3.62
N ALA C 144 -4.36 -20.71 3.59
CA ALA C 144 -2.98 -20.53 3.17
C ALA C 144 -2.93 -20.21 1.68
N VAL C 145 -2.16 -19.19 1.31
CA VAL C 145 -2.17 -18.70 -0.07
C VAL C 145 -0.77 -18.72 -0.65
N LEU C 146 -0.64 -18.23 -1.88
CA LEU C 146 0.58 -18.35 -2.68
C LEU C 146 1.08 -16.98 -3.09
N ARG C 147 2.34 -16.69 -2.78
CA ARG C 147 3.00 -15.44 -3.13
C ARG C 147 4.42 -15.73 -3.58
N HIS C 148 4.79 -15.23 -4.75
CA HIS C 148 6.03 -15.61 -5.42
C HIS C 148 7.24 -14.99 -4.75
N ASN C 149 8.41 -15.45 -5.16
CA ASN C 149 9.70 -15.07 -4.58
C ASN C 149 10.42 -14.19 -5.59
N LEU C 150 10.38 -12.88 -5.38
CA LEU C 150 10.86 -11.90 -6.34
C LEU C 150 11.99 -11.07 -5.73
N THR C 151 13.11 -11.00 -6.44
CA THR C 151 14.23 -10.20 -6.00
C THR C 151 14.69 -9.32 -7.17
N LEU C 152 15.21 -8.15 -6.84
CA LEU C 152 15.75 -7.22 -7.82
C LEU C 152 17.25 -7.45 -7.92
N ARG C 153 17.72 -7.81 -9.12
CA ARG C 153 19.13 -8.10 -9.30
C ARG C 153 19.72 -7.25 -10.40
N MET C 154 21.05 -7.17 -10.40
CA MET C 154 21.80 -6.43 -11.39
C MET C 154 22.07 -7.33 -12.58
N ALA C 155 22.16 -6.76 -13.77
CA ALA C 155 22.37 -7.60 -14.95
C ALA C 155 23.84 -7.80 -15.25
N HIS C 156 24.64 -8.16 -14.25
CA HIS C 156 26.02 -8.54 -14.49
C HIS C 156 26.50 -9.63 -13.55
N GLN C 157 25.66 -10.17 -12.69
CA GLN C 157 26.12 -11.10 -11.69
C GLN C 157 26.15 -12.51 -12.24
N GLU C 158 26.56 -13.46 -11.40
CA GLU C 158 26.61 -14.88 -11.78
C GLU C 158 25.18 -15.35 -11.91
N ASN C 159 24.68 -15.32 -13.15
CA ASN C 159 23.35 -15.81 -13.46
C ASN C 159 23.28 -17.29 -13.16
N ALA C 160 22.10 -17.73 -12.75
CA ALA C 160 21.92 -19.04 -12.15
C ALA C 160 20.52 -19.49 -12.49
N ALA C 161 19.98 -20.40 -11.69
CA ALA C 161 18.65 -20.94 -11.93
C ALA C 161 17.57 -19.92 -11.66
N TRP C 162 17.49 -18.88 -12.49
CA TRP C 162 16.40 -17.93 -12.44
C TRP C 162 16.18 -17.28 -13.80
N LEU C 163 14.91 -17.01 -14.10
CA LEU C 163 14.54 -16.19 -15.23
C LEU C 163 14.89 -14.73 -14.95
N THR C 164 14.86 -13.90 -16.00
CA THR C 164 15.09 -12.47 -15.84
C THR C 164 14.13 -11.67 -16.70
N CYS C 165 14.06 -10.37 -16.39
CA CYS C 165 13.51 -9.30 -17.21
C CYS C 165 13.99 -7.98 -16.66
N PRO C 166 14.60 -7.13 -17.47
CA PRO C 166 15.12 -5.85 -16.96
C PRO C 166 14.02 -4.83 -16.75
N VAL C 167 14.23 -3.94 -15.79
CA VAL C 167 13.23 -2.91 -15.53
C VAL C 167 13.80 -1.49 -15.66
N THR C 168 15.08 -1.27 -15.35
CA THR C 168 15.63 0.09 -15.37
C THR C 168 17.15 0.06 -15.43
N ARG C 169 17.72 1.23 -15.72
CA ARG C 169 19.15 1.47 -15.72
C ARG C 169 19.49 2.37 -14.55
N LEU C 170 20.78 2.52 -14.28
CA LEU C 170 21.23 3.44 -13.24
C LEU C 170 22.45 4.20 -13.75
N VAL C 171 22.25 5.44 -14.16
CA VAL C 171 23.33 6.30 -14.54
C VAL C 171 23.85 6.96 -13.29
N ARG C 172 25.06 7.49 -13.37
CA ARG C 172 25.70 8.11 -12.22
C ARG C 172 25.88 9.59 -12.52
N ASP C 173 25.16 10.43 -11.77
CA ASP C 173 25.30 11.86 -11.94
C ASP C 173 26.62 12.31 -11.34
N ALA C 174 27.15 13.42 -11.87
CA ALA C 174 28.51 13.86 -11.60
C ALA C 174 28.75 14.38 -10.18
N GLN C 175 27.75 14.35 -9.31
CA GLN C 175 27.92 14.75 -7.93
C GLN C 175 28.17 13.56 -7.01
N GLY C 176 28.54 12.41 -7.57
CA GLY C 176 28.57 11.19 -6.78
C GLY C 176 27.20 10.66 -6.45
N GLN C 177 26.19 11.08 -7.20
CA GLN C 177 24.80 10.82 -6.88
C GLN C 177 24.22 9.90 -7.94
N TRP C 178 23.57 8.82 -7.52
CA TRP C 178 22.83 8.02 -8.48
C TRP C 178 21.58 8.75 -8.90
N CYS C 179 21.11 8.44 -10.10
CA CYS C 179 19.75 8.78 -10.52
C CYS C 179 19.33 7.79 -11.58
N ARG C 180 18.21 8.07 -12.24
CA ARG C 180 17.68 7.13 -13.22
C ARG C 180 17.89 7.67 -14.63
N ASP C 181 17.96 6.75 -15.58
CA ASP C 181 18.20 7.13 -16.97
C ASP C 181 16.93 7.72 -17.56
N PRO C 182 17.01 8.81 -18.31
CA PRO C 182 15.82 9.41 -18.90
C PRO C 182 15.42 8.85 -20.25
N ARG C 183 16.32 8.15 -20.95
CA ARG C 183 16.04 7.68 -22.29
C ARG C 183 15.67 6.21 -22.36
N PHE C 184 15.84 5.45 -21.29
CA PHE C 184 15.70 4.00 -21.33
C PHE C 184 14.25 3.59 -21.48
N ILE C 185 13.88 3.18 -22.69
CA ILE C 185 12.58 2.54 -22.88
C ILE C 185 12.65 1.12 -22.30
N PRO C 186 11.74 0.76 -21.42
CA PRO C 186 11.84 -0.52 -20.72
C PRO C 186 11.63 -1.67 -21.67
N PRO C 187 12.34 -2.77 -21.47
CA PRO C 187 12.35 -3.82 -22.47
C PRO C 187 11.07 -4.62 -22.39
N LEU C 188 10.78 -5.31 -23.49
CA LEU C 188 9.59 -6.15 -23.64
C LEU C 188 8.33 -5.32 -23.38
N LEU C 189 8.11 -4.34 -24.22
CA LEU C 189 7.14 -3.31 -23.93
C LEU C 189 5.72 -3.80 -24.20
N THR C 190 4.75 -3.22 -23.47
CA THR C 190 3.34 -3.25 -23.84
C THR C 190 2.79 -1.86 -23.57
N LEU C 191 2.26 -1.23 -24.63
CA LEU C 191 2.42 0.19 -24.97
C LEU C 191 2.44 1.22 -23.84
N SER C 192 1.49 1.18 -22.92
CA SER C 192 1.37 2.26 -21.96
C SER C 192 2.34 2.16 -20.78
N ALA C 193 3.32 1.25 -20.84
CA ALA C 193 4.24 1.06 -19.72
C ALA C 193 5.26 2.18 -19.60
N SER C 194 5.51 2.93 -20.67
CA SER C 194 6.46 4.03 -20.62
C SER C 194 5.73 5.27 -21.11
N PRO C 195 5.56 6.31 -20.28
CA PRO C 195 4.73 7.44 -20.69
C PRO C 195 5.40 8.39 -21.66
N SER C 196 6.71 8.31 -21.85
CA SER C 196 7.41 9.31 -22.64
C SER C 196 7.15 9.13 -24.13
N LEU C 197 6.94 7.88 -24.58
CA LEU C 197 6.73 7.66 -26.01
C LEU C 197 5.37 8.17 -26.46
N MET C 198 4.37 8.10 -25.58
CA MET C 198 3.02 8.48 -25.94
C MET C 198 2.92 9.96 -26.27
N THR C 199 3.70 10.79 -25.57
CA THR C 199 3.76 12.22 -25.87
C THR C 199 4.32 12.48 -27.27
N GLU C 200 5.39 11.77 -27.64
CA GLU C 200 6.00 11.98 -28.95
C GLU C 200 5.11 11.44 -30.06
N LEU C 201 4.33 10.40 -29.78
CA LEU C 201 3.34 9.97 -30.76
C LEU C 201 2.24 11.01 -30.93
N LEU C 202 1.84 11.67 -29.84
CA LEU C 202 0.87 12.75 -29.96
C LEU C 202 1.41 13.92 -30.78
N GLU C 203 2.68 14.27 -30.55
CA GLU C 203 3.30 15.36 -31.31
C GLU C 203 3.47 14.99 -32.77
N LEU C 204 3.75 13.72 -33.07
CA LEU C 204 3.86 13.28 -34.46
C LEU C 204 2.51 13.35 -35.16
N LEU C 205 1.44 12.92 -34.47
CA LEU C 205 0.11 12.97 -35.05
C LEU C 205 -0.33 14.41 -35.31
N HIS C 206 0.02 15.35 -34.44
CA HIS C 206 -0.33 16.72 -34.73
C HIS C 206 0.55 17.32 -35.82
N HIS C 207 1.81 16.89 -35.89
CA HIS C 207 2.71 17.42 -36.91
C HIS C 207 2.34 16.94 -38.30
N LEU C 208 1.66 15.79 -38.39
CA LEU C 208 1.14 15.35 -39.69
C LEU C 208 0.04 16.29 -40.17
N GLN C 209 -0.91 16.61 -39.30
CA GLN C 209 -2.01 17.49 -39.68
C GLN C 209 -1.56 18.93 -39.85
N ALA C 210 -0.39 19.29 -39.32
CA ALA C 210 0.19 20.59 -39.62
C ALA C 210 0.59 20.71 -41.08
N ARG C 211 1.20 19.68 -41.66
CA ARG C 211 1.57 19.74 -43.06
C ARG C 211 0.36 19.51 -43.96
N ARG C 212 -0.60 18.70 -43.50
CA ARG C 212 -1.68 18.26 -44.38
C ARG C 212 -2.62 19.40 -44.75
N GLN C 213 -2.87 20.34 -43.84
CA GLN C 213 -3.73 21.45 -44.22
C GLN C 213 -3.07 22.39 -45.21
N ARG C 214 -1.74 22.54 -45.13
CA ARG C 214 -1.03 23.35 -46.12
C ARG C 214 -1.07 22.69 -47.50
N LEU C 215 -0.83 21.38 -47.53
CA LEU C 215 -0.94 20.63 -48.78
C LEU C 215 -2.36 20.60 -49.32
N MET C 216 -3.34 20.75 -48.45
CA MET C 216 -4.71 20.84 -48.92
C MET C 216 -5.01 22.21 -49.48
N SER C 217 -4.51 23.26 -48.83
CA SER C 217 -4.86 24.62 -49.23
C SER C 217 -4.13 25.03 -50.51
N MET C 218 -2.93 24.48 -50.74
CA MET C 218 -2.21 24.83 -51.97
C MET C 218 -2.87 24.29 -53.22
N ARG C 219 -3.76 23.32 -53.09
CA ARG C 219 -4.45 22.76 -54.25
C ARG C 219 -5.76 23.48 -54.55
N ARG C 220 -6.30 24.24 -53.59
CA ARG C 220 -7.67 24.76 -53.64
C ARG C 220 -7.92 25.83 -54.70
N GLU C 221 -6.91 26.25 -55.45
CA GLU C 221 -7.09 27.20 -56.55
C GLU C 221 -7.16 26.52 -57.91
N ASN C 222 -7.12 25.19 -57.96
CA ASN C 222 -6.93 24.49 -59.22
C ASN C 222 -8.23 24.18 -59.94
N ASN C 223 -9.38 24.43 -59.31
CA ASN C 223 -10.72 24.38 -59.92
C ASN C 223 -11.15 22.97 -60.35
N ALA C 224 -10.34 21.95 -60.03
CA ALA C 224 -10.57 20.54 -60.37
C ALA C 224 -10.82 20.34 -61.86
N ARG C 225 -10.04 21.02 -62.70
CA ARG C 225 -10.07 20.84 -64.15
C ARG C 225 -8.62 20.75 -64.61
N LEU C 226 -8.07 19.53 -64.55
CA LEU C 226 -6.65 19.32 -64.70
C LEU C 226 -6.24 19.30 -66.17
N ALA C 227 -4.94 19.38 -66.39
CA ALA C 227 -4.34 19.00 -67.66
C ALA C 227 -4.10 17.49 -67.63
N ASP C 228 -3.65 16.93 -68.75
CA ASP C 228 -3.43 15.48 -68.82
C ASP C 228 -2.25 15.04 -67.97
N PHE C 229 -1.25 15.91 -67.82
CA PHE C 229 -0.04 15.64 -67.05
C PHE C 229 0.67 16.96 -66.76
N ALA C 230 1.31 17.03 -65.60
CA ALA C 230 2.21 18.12 -65.28
C ALA C 230 3.33 17.58 -64.40
N VAL C 231 4.41 18.35 -64.27
CA VAL C 231 5.61 17.82 -63.64
C VAL C 231 5.47 17.73 -62.12
N ALA C 232 4.68 18.60 -61.50
CA ALA C 232 4.41 18.52 -60.07
C ALA C 232 3.01 18.06 -59.76
N ASP C 233 2.07 18.21 -60.68
CA ASP C 233 0.68 17.82 -60.47
C ASP C 233 0.46 16.32 -60.57
N VAL C 234 1.52 15.52 -60.65
CA VAL C 234 1.47 14.15 -60.17
C VAL C 234 2.24 13.99 -58.86
N SER C 235 3.32 14.75 -58.65
CA SER C 235 4.04 14.66 -57.39
C SER C 235 3.39 15.46 -56.27
N LEU C 236 2.33 16.21 -56.58
CA LEU C 236 1.52 16.79 -55.52
C LEU C 236 0.58 15.76 -54.93
N PHE C 237 -0.06 14.97 -55.79
CA PHE C 237 -1.10 14.06 -55.34
C PHE C 237 -0.57 12.83 -54.62
N TRP C 238 0.71 12.49 -54.75
CA TRP C 238 1.21 11.38 -53.96
C TRP C 238 1.31 11.73 -52.49
N LEU C 239 1.64 12.98 -52.18
CA LEU C 239 1.74 13.34 -50.78
C LEU C 239 0.37 13.53 -50.16
N LEU C 240 -0.69 13.60 -50.96
CA LEU C 240 -2.01 13.49 -50.39
C LEU C 240 -2.44 12.04 -50.29
N ASN C 241 -2.08 11.20 -51.26
CA ASN C 241 -2.50 9.81 -51.21
C ASN C 241 -1.75 9.02 -50.16
N ALA C 242 -0.62 9.52 -49.71
CA ALA C 242 0.10 8.82 -48.66
C ALA C 242 -0.23 9.34 -47.27
N LEU C 243 -1.02 10.40 -47.17
CA LEU C 243 -1.43 10.86 -45.86
C LEU C 243 -2.92 10.62 -45.61
N ASN C 244 -3.74 10.70 -46.64
CA ASN C 244 -5.17 10.58 -46.44
C ASN C 244 -5.65 9.15 -46.30
N SER C 245 -4.76 8.17 -46.29
CA SER C 245 -5.12 6.80 -45.97
C SER C 245 -4.33 6.25 -44.80
N ALA C 246 -3.52 7.08 -44.15
CA ALA C 246 -2.87 6.70 -42.92
C ALA C 246 -3.10 7.69 -41.80
N GLU C 247 -3.83 8.79 -42.02
CA GLU C 247 -4.24 9.61 -40.90
C GLU C 247 -5.38 9.01 -40.08
N PRO C 248 -6.54 8.61 -40.64
CA PRO C 248 -7.63 8.16 -39.76
C PRO C 248 -7.43 6.80 -39.12
N VAL C 249 -6.38 6.06 -39.47
CA VAL C 249 -6.10 4.81 -38.79
C VAL C 249 -5.09 5.01 -37.67
N LEU C 250 -4.05 5.79 -37.95
CA LEU C 250 -3.11 6.16 -36.92
C LEU C 250 -3.76 7.05 -35.85
N LYS C 251 -4.85 7.74 -36.18
CA LYS C 251 -5.63 8.43 -35.16
C LYS C 251 -6.24 7.46 -34.17
N GLU C 252 -6.69 6.31 -34.62
CA GLU C 252 -7.40 5.37 -33.77
C GLU C 252 -6.48 4.39 -33.09
N LEU C 253 -5.24 4.30 -33.53
CA LEU C 253 -4.26 3.57 -32.73
C LEU C 253 -3.62 4.42 -31.65
N LEU C 254 -4.08 5.66 -31.43
CA LEU C 254 -3.47 6.53 -30.43
C LEU C 254 -4.40 7.01 -29.34
N ASP C 255 -5.71 6.88 -29.51
CA ASP C 255 -6.60 7.30 -28.43
C ASP C 255 -6.65 6.28 -27.30
N MET C 256 -6.51 4.99 -27.60
CA MET C 256 -6.58 3.94 -26.59
C MET C 256 -5.26 3.18 -26.57
N PRO C 257 -4.33 3.59 -25.74
CA PRO C 257 -2.99 2.98 -25.70
C PRO C 257 -2.90 1.74 -24.82
N TYR C 258 -3.89 0.86 -24.92
CA TYR C 258 -3.89 -0.39 -24.17
C TYR C 258 -3.93 -1.50 -25.20
N ARG C 259 -2.77 -1.82 -25.77
CA ARG C 259 -2.72 -2.57 -27.01
C ARG C 259 -1.27 -2.91 -27.29
N HIS C 260 -1.04 -4.04 -27.95
CA HIS C 260 0.33 -4.47 -28.19
C HIS C 260 0.95 -3.61 -29.29
N PRO C 261 2.22 -3.22 -29.14
CA PRO C 261 2.83 -2.29 -30.11
C PRO C 261 3.19 -2.91 -31.45
N GLU C 262 3.10 -4.24 -31.58
CA GLU C 262 3.32 -4.89 -32.86
C GLU C 262 2.32 -4.44 -33.91
N LEU C 263 1.10 -4.12 -33.50
CA LEU C 263 0.15 -3.50 -34.41
C LEU C 263 0.58 -2.09 -34.80
N LEU C 264 1.42 -1.44 -34.00
CA LEU C 264 1.86 -0.11 -34.37
C LEU C 264 3.08 -0.12 -35.28
N TYR C 265 3.91 -1.18 -35.22
CA TYR C 265 5.01 -1.37 -36.16
C TYR C 265 4.51 -1.32 -37.60
N ARG C 266 3.52 -2.15 -37.90
CA ARG C 266 3.01 -2.34 -39.25
C ARG C 266 2.27 -1.13 -39.78
N GLU C 267 1.82 -0.23 -38.92
CA GLU C 267 1.13 0.94 -39.39
C GLU C 267 2.02 2.16 -39.50
N LEU C 268 3.16 2.17 -38.81
CA LEU C 268 4.11 3.20 -39.16
C LEU C 268 4.98 2.81 -40.35
N ALA C 269 5.21 1.51 -40.56
CA ALA C 269 6.13 1.09 -41.61
C ALA C 269 5.56 1.33 -42.99
N ARG C 270 4.24 1.20 -43.16
CA ARG C 270 3.62 1.47 -44.45
C ARG C 270 3.71 2.95 -44.79
N LEU C 271 3.50 3.82 -43.81
CA LEU C 271 3.67 5.24 -44.01
C LEU C 271 5.10 5.61 -44.36
N ALA C 272 6.08 4.96 -43.75
CA ALA C 272 7.47 5.20 -44.14
C ALA C 272 7.79 4.69 -45.54
N GLY C 273 7.26 3.52 -45.90
CA GLY C 273 7.51 2.99 -47.22
C GLY C 273 6.85 3.79 -48.31
N SER C 274 5.70 4.39 -48.02
CA SER C 274 5.03 5.19 -49.04
C SER C 274 5.65 6.56 -49.21
N LEU C 275 6.68 6.88 -48.43
CA LEU C 275 7.33 8.17 -48.52
C LEU C 275 8.81 8.08 -48.80
N LEU C 276 9.41 6.89 -48.69
CA LEU C 276 10.79 6.76 -49.16
C LEU C 276 10.90 7.01 -50.66
N THR C 277 9.92 6.54 -51.43
CA THR C 277 9.88 6.80 -52.87
C THR C 277 9.58 8.25 -53.19
N PHE C 278 8.99 8.98 -52.26
CA PHE C 278 8.54 10.33 -52.56
C PHE C 278 9.71 11.30 -52.68
N SER C 279 10.80 11.01 -51.97
CA SER C 279 11.99 11.84 -52.03
C SER C 279 13.18 10.97 -51.62
N LEU C 280 13.97 10.53 -52.59
CA LEU C 280 15.21 9.82 -52.27
C LEU C 280 16.25 10.08 -53.35
N GLU C 281 17.44 10.46 -52.93
CA GLU C 281 18.64 10.46 -53.76
C GLU C 281 19.82 9.90 -53.00
N HIS C 282 19.56 9.15 -51.92
CA HIS C 282 20.63 8.75 -51.00
C HIS C 282 20.61 7.28 -50.61
N ASN C 283 19.78 6.45 -51.26
CA ASN C 283 19.73 4.99 -51.07
C ASN C 283 19.38 4.62 -49.62
N VAL C 284 18.57 5.46 -48.99
CA VAL C 284 18.25 5.28 -47.58
C VAL C 284 16.98 4.44 -47.46
N ASP C 285 17.09 3.30 -46.78
CA ASP C 285 15.96 2.39 -46.59
C ASP C 285 15.51 2.41 -45.13
N ALA C 286 14.30 1.91 -44.90
CA ALA C 286 13.58 2.10 -43.65
C ALA C 286 14.24 1.35 -42.50
N VAL C 287 13.98 1.82 -41.29
CA VAL C 287 14.45 1.13 -40.11
C VAL C 287 13.58 -0.11 -39.94
N PRO C 288 14.11 -1.20 -39.37
CA PRO C 288 13.33 -2.44 -39.29
C PRO C 288 12.43 -2.40 -38.06
N ALA C 289 11.12 -2.46 -38.28
CA ALA C 289 10.14 -2.39 -37.20
C ALA C 289 9.87 -3.80 -36.66
N TYR C 290 10.94 -4.43 -36.17
CA TYR C 290 10.87 -5.75 -35.58
C TYR C 290 10.78 -5.62 -34.08
N HIS C 291 10.01 -6.52 -33.48
CA HIS C 291 9.98 -6.63 -32.03
C HIS C 291 11.31 -7.19 -31.53
N HIS C 292 11.71 -6.75 -30.34
CA HIS C 292 12.97 -7.21 -29.77
C HIS C 292 12.87 -7.04 -28.27
N GLU C 293 13.92 -7.46 -27.58
CA GLU C 293 14.14 -7.06 -26.20
C GLU C 293 14.72 -5.66 -26.09
N THR C 294 15.16 -5.04 -27.19
CA THR C 294 15.70 -3.68 -27.14
C THR C 294 14.92 -2.83 -28.10
N PRO C 295 13.81 -2.23 -27.66
CA PRO C 295 13.07 -1.31 -28.53
C PRO C 295 13.64 0.10 -28.59
N GLU C 296 14.86 0.31 -28.09
CA GLU C 296 15.54 1.59 -28.29
C GLU C 296 15.94 1.81 -29.73
N ASN C 297 16.08 0.76 -30.51
CA ASN C 297 16.54 0.88 -31.88
C ASN C 297 15.44 0.61 -32.88
N VAL C 298 14.17 0.75 -32.48
CA VAL C 298 13.06 0.53 -33.39
C VAL C 298 12.23 1.80 -33.47
N PHE C 299 11.72 2.26 -32.34
CA PHE C 299 10.88 3.46 -32.37
C PHE C 299 11.61 4.80 -32.44
N PRO C 300 12.68 5.08 -31.69
CA PRO C 300 13.31 6.42 -31.82
C PRO C 300 13.98 6.66 -33.17
N PRO C 301 14.62 5.67 -33.85
CA PRO C 301 15.02 5.96 -35.23
C PRO C 301 13.85 6.17 -36.17
N LEU C 302 12.74 5.47 -35.96
CA LEU C 302 11.59 5.67 -36.82
C LEU C 302 10.96 7.04 -36.61
N LEU C 303 10.97 7.53 -35.39
CA LEU C 303 10.50 8.88 -35.12
C LEU C 303 11.46 9.94 -35.62
N SER C 304 12.76 9.66 -35.64
CA SER C 304 13.69 10.57 -36.29
C SER C 304 13.47 10.61 -37.78
N LEU C 305 13.10 9.47 -38.37
CA LEU C 305 12.93 9.39 -39.81
C LEU C 305 11.67 10.11 -40.26
N LEU C 306 10.57 9.92 -39.53
CA LEU C 306 9.30 10.39 -40.06
C LEU C 306 9.10 11.90 -39.94
N ASN C 307 9.78 12.55 -38.99
CA ASN C 307 9.72 14.01 -38.93
C ASN C 307 10.46 14.62 -40.10
N ARG C 308 11.59 14.02 -40.48
CA ARG C 308 12.40 14.54 -41.57
C ARG C 308 11.75 14.26 -42.91
N LEU C 309 11.25 13.04 -43.12
CA LEU C 309 10.84 12.60 -44.44
C LEU C 309 9.53 13.23 -44.88
N LEU C 310 8.72 13.72 -43.94
CA LEU C 310 7.48 14.42 -44.29
C LEU C 310 7.72 15.82 -44.83
N GLU C 311 8.95 16.31 -44.79
CA GLU C 311 9.23 17.66 -45.25
C GLU C 311 10.69 17.81 -45.64
N MET D 1 -9.41 -5.49 -7.56
CA MET D 1 -9.42 -5.88 -6.16
C MET D 1 -8.46 -7.02 -5.91
N LYS D 2 -8.39 -7.48 -4.68
CA LYS D 2 -7.50 -8.56 -4.30
C LYS D 2 -8.00 -9.89 -4.86
N ILE D 3 -7.06 -10.74 -5.27
CA ILE D 3 -7.34 -12.10 -5.73
C ILE D 3 -6.29 -13.02 -5.14
N TYR D 4 -6.72 -14.06 -4.43
CA TYR D 4 -5.82 -14.87 -3.59
C TYR D 4 -5.77 -16.31 -4.09
N ARG D 5 -4.77 -16.61 -4.90
CA ARG D 5 -4.61 -17.97 -5.41
C ARG D 5 -4.09 -18.89 -4.31
N PRO D 6 -4.69 -20.05 -4.10
CA PRO D 6 -4.34 -20.88 -2.97
C PRO D 6 -3.07 -21.68 -3.19
N LEU D 7 -2.42 -22.01 -2.08
CA LEU D 7 -1.31 -22.94 -2.07
C LEU D 7 -1.87 -24.34 -1.97
N TRP D 8 -1.27 -25.27 -2.70
CA TRP D 8 -1.72 -26.66 -2.73
C TRP D 8 -0.61 -27.55 -2.16
N GLU D 9 -0.86 -28.13 -0.99
CA GLU D 9 0.08 -29.07 -0.41
C GLU D 9 -0.68 -29.99 0.54
N ASP D 10 0.07 -30.88 1.19
CA ASP D 10 -0.51 -32.01 1.93
C ASP D 10 -0.86 -31.64 3.37
N GLY D 11 -1.49 -30.48 3.58
CA GLY D 11 -1.96 -30.19 4.91
C GLY D 11 -3.39 -29.69 4.99
N ALA D 12 -3.86 -29.05 3.92
CA ALA D 12 -4.96 -28.11 4.03
C ALA D 12 -6.30 -28.80 4.13
N PHE D 13 -7.20 -28.17 4.86
CA PHE D 13 -8.57 -28.65 4.89
C PHE D 13 -9.20 -28.30 3.55
N LEU D 14 -10.30 -28.97 3.23
CA LEU D 14 -10.95 -28.77 1.94
C LEU D 14 -11.96 -27.64 2.12
N MET D 15 -11.47 -26.41 2.14
CA MET D 15 -12.26 -25.23 2.44
C MET D 15 -12.77 -24.60 1.15
N PRO D 16 -14.00 -24.08 1.14
CA PRO D 16 -14.59 -23.59 -0.10
C PRO D 16 -13.99 -22.30 -0.60
N GLN D 17 -13.12 -21.63 0.15
CA GLN D 17 -12.57 -20.37 -0.32
C GLN D 17 -11.44 -20.58 -1.32
N GLN D 18 -10.97 -21.81 -1.48
CA GLN D 18 -9.93 -22.10 -2.46
C GLN D 18 -10.50 -22.05 -3.87
N PHE D 19 -11.66 -22.67 -4.08
CA PHE D 19 -12.14 -22.93 -5.42
C PHE D 19 -12.70 -21.68 -6.07
N GLN D 20 -13.34 -20.83 -5.28
CA GLN D 20 -13.88 -19.59 -5.81
C GLN D 20 -12.80 -18.63 -6.23
N GLN D 21 -11.72 -18.54 -5.45
CA GLN D 21 -10.59 -17.70 -5.82
C GLN D 21 -9.81 -18.26 -7.00
N GLN D 22 -9.59 -19.59 -7.02
CA GLN D 22 -8.90 -20.20 -8.16
C GLN D 22 -9.70 -20.08 -9.44
N ALA D 23 -11.02 -20.17 -9.36
CA ALA D 23 -11.82 -19.96 -10.55
C ALA D 23 -11.90 -18.49 -10.91
N ALA D 24 -11.73 -17.60 -9.94
CA ALA D 24 -11.75 -16.18 -10.25
C ALA D 24 -10.48 -15.72 -10.93
N TRP D 25 -9.37 -16.39 -10.67
CA TRP D 25 -8.11 -15.98 -11.30
C TRP D 25 -8.07 -16.29 -12.80
N ASP D 26 -8.75 -17.35 -13.22
CA ASP D 26 -8.72 -17.73 -14.62
C ASP D 26 -9.46 -16.77 -15.52
N VAL D 27 -10.47 -16.07 -14.99
CA VAL D 27 -11.14 -15.03 -15.76
C VAL D 27 -10.21 -13.85 -15.99
N HIS D 28 -9.39 -13.52 -14.98
CA HIS D 28 -8.44 -12.43 -15.13
C HIS D 28 -7.36 -12.78 -16.15
N LEU D 29 -6.90 -14.04 -16.17
CA LEU D 29 -5.97 -14.45 -17.23
C LEU D 29 -6.61 -14.41 -18.61
N ALA D 30 -7.83 -14.95 -18.75
CA ALA D 30 -8.49 -14.98 -20.04
C ALA D 30 -8.92 -13.60 -20.51
N ASP D 31 -8.99 -12.62 -19.63
CA ASP D 31 -9.22 -11.25 -20.06
C ASP D 31 -7.94 -10.49 -20.38
N SER D 32 -6.86 -10.77 -19.66
CA SER D 32 -5.58 -10.18 -20.05
C SER D 32 -5.06 -10.74 -21.36
N VAL D 33 -5.49 -11.93 -21.76
CA VAL D 33 -5.21 -12.40 -23.12
C VAL D 33 -6.01 -11.59 -24.14
N ALA D 34 -7.28 -11.34 -23.85
CA ALA D 34 -8.13 -10.63 -24.80
C ALA D 34 -7.80 -9.16 -24.92
N ARG D 35 -7.12 -8.58 -23.93
CA ARG D 35 -6.68 -7.21 -24.04
C ARG D 35 -5.30 -7.06 -24.66
N MET D 36 -4.78 -8.12 -25.28
CA MET D 36 -3.54 -7.98 -26.02
C MET D 36 -3.79 -7.35 -27.38
N GLY D 37 -4.97 -7.60 -27.94
CA GLY D 37 -5.41 -7.09 -29.23
C GLY D 37 -6.35 -5.93 -29.02
N LEU D 38 -7.65 -6.19 -28.99
CA LEU D 38 -8.71 -5.21 -28.95
C LEU D 38 -8.67 -4.37 -27.66
N ALA D 39 -9.50 -3.32 -27.65
CA ALA D 39 -9.71 -2.49 -26.48
C ALA D 39 -11.18 -2.12 -26.44
N HIS D 40 -11.90 -2.60 -25.43
CA HIS D 40 -13.35 -2.60 -25.54
C HIS D 40 -14.05 -2.79 -24.18
N PRO D 41 -15.10 -2.01 -23.90
CA PRO D 41 -16.20 -2.53 -23.10
C PRO D 41 -17.07 -3.42 -23.97
N TRP D 42 -17.23 -4.66 -23.51
CA TRP D 42 -17.74 -5.79 -24.27
C TRP D 42 -19.13 -5.53 -24.85
N GLY D 43 -19.49 -6.31 -25.86
CA GLY D 43 -20.74 -6.05 -26.56
C GLY D 43 -21.66 -7.25 -26.66
N VAL D 44 -22.77 -7.11 -27.37
CA VAL D 44 -23.73 -8.21 -27.47
C VAL D 44 -23.23 -9.21 -28.48
N VAL D 45 -23.86 -10.39 -28.51
CA VAL D 45 -23.55 -11.42 -29.49
C VAL D 45 -24.81 -11.85 -30.24
N ALA D 46 -25.90 -12.07 -29.53
CA ALA D 46 -27.18 -12.35 -30.17
C ALA D 46 -28.31 -11.87 -29.27
N ALA D 47 -29.35 -11.31 -29.88
CA ALA D 47 -30.48 -10.77 -29.12
C ALA D 47 -31.70 -10.79 -30.04
N GLU D 48 -32.58 -11.77 -29.84
CA GLU D 48 -33.72 -11.99 -30.72
C GLU D 48 -34.99 -12.16 -29.91
N PHE D 49 -36.05 -11.47 -30.31
CA PHE D 49 -37.28 -11.35 -29.56
C PHE D 49 -38.43 -11.97 -30.34
N ASP D 50 -39.64 -11.85 -29.80
CA ASP D 50 -40.81 -12.51 -30.37
C ASP D 50 -41.92 -11.49 -30.54
N ASP D 51 -42.25 -11.18 -31.80
CA ASP D 51 -43.21 -10.15 -32.14
C ASP D 51 -44.64 -10.67 -32.19
N SER D 52 -44.95 -11.75 -31.49
CA SER D 52 -46.31 -12.27 -31.47
C SER D 52 -47.15 -11.60 -30.39
N LEU D 53 -46.59 -11.49 -29.18
CA LEU D 53 -47.35 -10.99 -28.04
C LEU D 53 -47.59 -9.49 -28.09
N LEU D 54 -46.78 -8.75 -28.85
CA LEU D 54 -46.74 -7.28 -28.87
C LEU D 54 -48.05 -6.51 -29.05
N PRO D 55 -49.11 -7.06 -29.65
CA PRO D 55 -50.42 -6.40 -29.46
C PRO D 55 -50.96 -6.44 -28.04
N LEU D 56 -50.36 -7.20 -27.13
CA LEU D 56 -50.76 -7.19 -25.72
C LEU D 56 -49.66 -6.62 -24.81
N SER D 57 -48.67 -5.94 -25.41
CA SER D 57 -47.64 -5.17 -24.70
C SER D 57 -46.81 -6.02 -23.73
N ARG D 58 -46.43 -7.21 -24.17
CA ARG D 58 -45.56 -8.05 -23.37
C ARG D 58 -44.41 -8.55 -24.25
N LEU D 59 -43.19 -8.38 -23.77
CA LEU D 59 -41.98 -8.65 -24.56
C LEU D 59 -41.20 -9.78 -23.90
N ASN D 60 -40.67 -10.69 -24.71
CA ASN D 60 -39.96 -11.84 -24.20
C ASN D 60 -38.71 -12.06 -25.03
N ALA D 61 -37.73 -12.74 -24.45
CA ALA D 61 -36.46 -12.99 -25.12
C ALA D 61 -36.25 -14.48 -25.34
N THR D 62 -36.14 -14.87 -26.61
CA THR D 62 -35.91 -16.26 -26.98
C THR D 62 -34.45 -16.66 -26.79
N ARG D 63 -33.51 -15.82 -27.23
CA ARG D 63 -32.11 -16.14 -27.08
C ARG D 63 -31.33 -14.86 -26.85
N LEU D 64 -30.48 -14.87 -25.83
CA LEU D 64 -29.56 -13.77 -25.56
C LEU D 64 -28.21 -14.37 -25.25
N ILE D 65 -27.17 -13.81 -25.86
CA ILE D 65 -25.79 -14.11 -25.51
C ILE D 65 -25.09 -12.76 -25.48
N VAL D 66 -24.60 -12.34 -24.32
CA VAL D 66 -23.92 -11.06 -24.21
C VAL D 66 -22.65 -11.24 -23.40
N ARG D 67 -21.91 -10.15 -23.29
CA ARG D 67 -20.86 -10.02 -22.29
C ARG D 67 -21.09 -8.68 -21.59
N PHE D 68 -20.21 -8.37 -20.63
CA PHE D 68 -20.36 -7.26 -19.69
C PHE D 68 -19.01 -6.64 -19.38
N PRO D 69 -18.96 -5.31 -19.11
CA PRO D 69 -17.68 -4.60 -19.01
C PRO D 69 -16.73 -5.01 -17.89
N ASP D 70 -17.09 -6.02 -17.11
CA ASP D 70 -16.14 -6.64 -16.20
C ASP D 70 -15.70 -8.03 -16.67
N GLY D 71 -16.30 -8.55 -17.72
CA GLY D 71 -15.87 -9.82 -18.29
C GLY D 71 -16.68 -11.00 -17.82
N THR D 72 -18.01 -10.89 -17.85
CA THR D 72 -18.87 -11.91 -17.30
C THR D 72 -19.76 -12.46 -18.40
N LEU D 73 -19.49 -13.68 -18.84
CA LEU D 73 -20.19 -14.23 -19.99
C LEU D 73 -21.57 -14.70 -19.57
N ILE D 74 -22.58 -14.18 -20.26
CA ILE D 74 -23.97 -14.54 -20.06
C ILE D 74 -24.42 -15.31 -21.29
N ASP D 75 -24.94 -16.51 -21.08
CA ASP D 75 -25.67 -17.20 -22.11
C ASP D 75 -27.09 -17.47 -21.60
N THR D 76 -28.04 -17.40 -22.51
CA THR D 76 -29.39 -17.87 -22.23
C THR D 76 -29.66 -19.19 -22.93
N GLU D 77 -28.64 -20.03 -23.01
CA GLU D 77 -28.79 -21.42 -23.35
C GLU D 77 -28.34 -22.32 -22.21
N ARG D 78 -27.20 -22.01 -21.62
CA ARG D 78 -26.76 -22.57 -20.35
C ARG D 78 -26.58 -21.40 -19.39
N ALA D 79 -26.95 -21.64 -18.12
CA ALA D 79 -27.10 -20.62 -17.07
C ALA D 79 -28.12 -19.54 -17.48
N ASP D 80 -29.38 -19.98 -17.59
CA ASP D 80 -30.45 -19.19 -18.17
C ASP D 80 -31.67 -19.05 -17.27
N ASN D 81 -32.36 -17.92 -17.45
CA ASN D 81 -33.76 -17.60 -17.15
C ASN D 81 -33.96 -16.15 -17.56
N LEU D 82 -35.23 -15.74 -17.75
CA LEU D 82 -35.58 -14.33 -17.90
C LEU D 82 -37.07 -14.07 -17.69
N PRO D 83 -37.46 -13.12 -16.83
CA PRO D 83 -38.88 -12.77 -16.69
C PRO D 83 -39.31 -11.80 -17.77
N PRO D 84 -40.56 -11.84 -18.20
CA PRO D 84 -41.02 -10.92 -19.24
C PRO D 84 -41.25 -9.52 -18.69
N VAL D 85 -41.64 -8.63 -19.60
CA VAL D 85 -41.96 -7.25 -19.25
C VAL D 85 -43.47 -7.16 -19.07
N CYS D 86 -43.91 -6.55 -17.97
CA CYS D 86 -45.32 -6.63 -17.59
C CYS D 86 -46.20 -5.74 -18.46
N ASP D 87 -45.95 -4.44 -18.43
CA ASP D 87 -46.72 -3.50 -19.20
C ASP D 87 -45.77 -2.67 -20.05
N LEU D 88 -46.29 -2.10 -21.13
CA LEU D 88 -45.53 -1.16 -21.93
C LEU D 88 -46.15 0.23 -21.98
N SER D 89 -47.47 0.36 -21.82
CA SER D 89 -48.14 1.65 -21.91
C SER D 89 -47.98 2.47 -20.64
N THR D 90 -47.16 2.02 -19.69
CA THR D 90 -46.69 2.87 -18.62
C THR D 90 -45.90 4.07 -19.16
N VAL D 91 -45.27 3.94 -20.32
CA VAL D 91 -44.80 5.08 -21.10
C VAL D 91 -45.86 5.36 -22.17
N SER D 92 -46.19 6.63 -22.35
CA SER D 92 -47.19 7.05 -23.33
C SER D 92 -46.55 7.68 -24.57
N ASP D 93 -45.42 7.14 -24.99
CA ASP D 93 -44.72 7.62 -26.18
C ASP D 93 -44.00 6.44 -26.80
N ARG D 94 -43.70 6.52 -28.10
CA ARG D 94 -43.05 5.41 -28.77
C ARG D 94 -41.55 5.58 -28.91
N SER D 95 -41.05 6.78 -29.18
CA SER D 95 -39.66 6.94 -29.59
C SER D 95 -38.70 6.84 -28.41
N LEU D 96 -39.20 6.87 -27.19
CA LEU D 96 -38.39 6.77 -25.99
C LEU D 96 -38.33 5.36 -25.41
N VAL D 97 -39.16 4.45 -25.89
CA VAL D 97 -39.22 3.11 -25.32
C VAL D 97 -38.07 2.30 -25.89
N ASP D 98 -37.19 1.82 -25.02
CA ASP D 98 -36.10 0.93 -25.41
C ASP D 98 -35.72 0.09 -24.21
N ILE D 99 -35.34 -1.15 -24.46
CA ILE D 99 -35.23 -2.16 -23.43
C ILE D 99 -33.75 -2.46 -23.20
N VAL D 100 -33.37 -2.74 -21.96
CA VAL D 100 -31.98 -3.02 -21.62
C VAL D 100 -31.89 -4.30 -20.81
N LEU D 101 -30.67 -4.81 -20.66
CA LEU D 101 -30.39 -6.00 -19.88
C LEU D 101 -29.61 -5.58 -18.64
N ALA D 102 -29.98 -6.11 -17.48
CA ALA D 102 -29.43 -5.65 -16.21
C ALA D 102 -29.04 -6.80 -15.30
N LEU D 103 -27.80 -6.74 -14.79
CA LEU D 103 -27.17 -7.72 -13.91
C LEU D 103 -26.54 -7.02 -12.71
N PRO D 104 -27.16 -7.10 -11.53
CA PRO D 104 -26.88 -6.16 -10.44
C PRO D 104 -25.45 -6.19 -9.93
N LEU D 105 -25.08 -5.11 -9.25
CA LEU D 105 -23.70 -4.83 -8.90
C LEU D 105 -23.16 -5.82 -7.88
N LEU D 106 -21.85 -5.83 -7.71
CA LEU D 106 -21.21 -6.82 -6.85
C LEU D 106 -21.17 -6.31 -5.42
N ASN D 107 -21.81 -7.03 -4.51
CA ASN D 107 -21.74 -6.76 -3.08
C ASN D 107 -20.52 -7.48 -2.52
N ALA D 108 -19.58 -6.73 -1.98
CA ALA D 108 -18.27 -7.29 -1.64
C ALA D 108 -18.23 -8.07 -0.31
N ASN D 109 -19.38 -8.32 0.31
CA ASN D 109 -19.45 -9.09 1.55
C ASN D 109 -20.46 -10.22 1.53
N GLY D 110 -21.60 -10.05 0.88
CA GLY D 110 -22.78 -10.86 1.13
C GLY D 110 -22.93 -11.96 0.11
N GLY D 111 -23.73 -11.76 -0.94
CA GLY D 111 -23.75 -12.76 -1.98
C GLY D 111 -25.09 -13.04 -2.60
N ASN D 112 -25.54 -14.29 -2.53
CA ASN D 112 -26.67 -14.74 -3.33
C ASN D 112 -28.01 -14.31 -2.72
N LEU D 113 -29.09 -14.90 -3.20
CA LEU D 113 -30.44 -14.52 -2.80
C LEU D 113 -31.18 -15.80 -2.38
N ASP D 114 -31.48 -15.92 -1.10
CA ASP D 114 -32.08 -17.15 -0.57
C ASP D 114 -33.39 -16.92 0.15
N ASN D 115 -33.80 -15.67 0.33
CA ASN D 115 -35.04 -15.40 1.05
C ASN D 115 -35.56 -14.04 0.62
N GLY D 116 -36.60 -13.58 1.31
CA GLY D 116 -37.19 -12.28 1.07
C GLY D 116 -36.62 -11.21 1.97
N SER D 117 -35.34 -10.92 1.81
CA SER D 117 -34.65 -9.99 2.68
C SER D 117 -34.28 -8.75 1.88
N GLU D 118 -35.24 -8.23 1.12
CA GLU D 118 -35.05 -7.23 0.07
C GLU D 118 -34.38 -5.98 0.62
N SER D 119 -33.18 -5.73 0.14
CA SER D 119 -32.36 -4.63 0.62
C SER D 119 -32.41 -3.49 -0.40
N GLU D 120 -31.62 -2.45 -0.15
CA GLU D 120 -31.42 -1.40 -1.13
C GLU D 120 -30.39 -1.81 -2.17
N ARG D 121 -29.55 -2.80 -1.86
CA ARG D 121 -28.63 -3.37 -2.82
C ARG D 121 -29.14 -4.73 -3.24
N PRO D 122 -29.45 -4.96 -4.51
CA PRO D 122 -29.93 -6.28 -4.91
C PRO D 122 -28.81 -7.30 -4.92
N ARG D 123 -29.18 -8.55 -5.18
CA ARG D 123 -28.18 -9.59 -5.34
C ARG D 123 -28.05 -9.91 -6.81
N ARG D 124 -27.02 -10.67 -7.19
CA ARG D 124 -26.93 -11.11 -8.57
C ARG D 124 -26.78 -12.61 -8.72
N TRP D 125 -26.68 -13.36 -7.65
CA TRP D 125 -26.63 -14.80 -7.75
C TRP D 125 -27.88 -15.41 -7.17
N LYS D 126 -28.06 -16.71 -7.43
CA LYS D 126 -29.22 -17.47 -7.01
C LYS D 126 -28.77 -18.84 -6.57
N SER D 127 -29.71 -19.76 -6.52
CA SER D 127 -29.40 -21.17 -6.60
C SER D 127 -30.51 -21.88 -7.37
N GLU D 128 -30.23 -23.13 -7.71
CA GLU D 128 -31.12 -23.94 -8.52
C GLU D 128 -30.65 -25.37 -8.33
N ARG D 129 -31.48 -26.33 -8.68
CA ARG D 129 -31.11 -27.74 -8.63
C ARG D 129 -31.55 -28.41 -9.91
N VAL D 130 -30.62 -29.04 -10.64
CA VAL D 130 -30.90 -29.71 -11.90
C VAL D 130 -30.19 -31.06 -11.97
N ASN D 131 -30.47 -31.83 -13.02
CA ASN D 131 -30.00 -33.20 -13.16
C ASN D 131 -28.77 -33.25 -14.07
N VAL D 132 -27.65 -33.71 -13.51
CA VAL D 132 -26.36 -33.60 -14.18
C VAL D 132 -25.65 -34.94 -14.16
N GLN D 133 -25.25 -35.43 -15.34
CA GLN D 133 -24.30 -36.53 -15.43
C GLN D 133 -23.45 -36.37 -16.68
N GLU D 134 -22.16 -36.70 -16.55
CA GLU D 134 -21.23 -36.67 -17.67
C GLU D 134 -20.27 -37.84 -17.67
N LEU D 135 -20.12 -38.51 -16.53
CA LEU D 135 -18.96 -39.28 -16.18
C LEU D 135 -18.96 -40.66 -16.84
N ALA D 136 -18.04 -41.49 -16.37
CA ALA D 136 -18.00 -42.89 -16.73
C ALA D 136 -19.16 -43.61 -16.08
N GLY D 137 -20.22 -43.81 -16.84
CA GLY D 137 -21.42 -44.42 -16.30
C GLY D 137 -22.64 -43.90 -17.01
N HIS D 138 -23.80 -44.30 -16.49
CA HIS D 138 -25.06 -43.99 -17.15
C HIS D 138 -26.08 -43.41 -16.17
N GLU D 139 -25.68 -43.15 -14.94
CA GLU D 139 -26.61 -42.72 -13.89
C GLU D 139 -26.58 -41.21 -13.74
N GLN D 140 -27.76 -40.62 -13.72
CA GLN D 140 -27.91 -39.20 -13.46
C GLN D 140 -28.38 -38.97 -12.03
N SER D 141 -27.87 -37.91 -11.43
CA SER D 141 -28.24 -37.51 -10.09
C SER D 141 -28.50 -36.02 -10.14
N GLU D 142 -28.54 -35.39 -8.98
CA GLU D 142 -28.94 -33.99 -8.91
C GLU D 142 -27.94 -33.23 -8.05
N VAL D 143 -27.52 -32.07 -8.53
CA VAL D 143 -26.56 -31.23 -7.80
C VAL D 143 -26.95 -29.77 -8.02
N ALA D 144 -26.55 -28.92 -7.08
CA ALA D 144 -27.00 -27.54 -7.08
C ALA D 144 -26.01 -26.63 -7.81
N VAL D 145 -26.52 -25.88 -8.78
CA VAL D 145 -25.69 -25.04 -9.64
C VAL D 145 -25.99 -23.57 -9.39
N LEU D 146 -25.29 -22.68 -10.08
CA LEU D 146 -25.28 -21.26 -9.80
C LEU D 146 -25.79 -20.49 -11.03
N ARG D 147 -26.91 -19.79 -10.87
CA ARG D 147 -27.55 -19.14 -12.00
C ARG D 147 -27.68 -17.64 -11.75
N HIS D 148 -27.48 -16.86 -12.81
CA HIS D 148 -27.50 -15.41 -12.69
C HIS D 148 -28.92 -14.88 -12.57
N ASN D 149 -29.01 -13.61 -12.19
CA ASN D 149 -30.27 -12.91 -12.01
C ASN D 149 -30.34 -11.80 -13.05
N LEU D 150 -31.26 -11.93 -13.99
CA LEU D 150 -31.41 -10.96 -15.05
C LEU D 150 -32.83 -10.41 -15.06
N THR D 151 -32.97 -9.18 -15.54
CA THR D 151 -34.28 -8.58 -15.70
C THR D 151 -34.21 -7.55 -16.82
N LEU D 152 -35.36 -7.20 -17.36
CA LEU D 152 -35.44 -6.28 -18.49
C LEU D 152 -36.05 -4.97 -17.98
N ARG D 153 -35.21 -4.10 -17.46
CA ARG D 153 -35.70 -2.79 -17.08
C ARG D 153 -35.70 -1.91 -18.32
N MET D 154 -36.17 -0.68 -18.18
CA MET D 154 -36.17 0.25 -19.29
C MET D 154 -35.07 1.28 -19.09
N ALA D 155 -34.94 2.19 -20.04
CA ALA D 155 -33.76 3.04 -20.09
C ALA D 155 -33.78 4.12 -19.02
N HIS D 156 -34.95 4.60 -18.63
CA HIS D 156 -35.06 5.83 -17.86
C HIS D 156 -35.62 5.63 -16.45
N GLN D 157 -35.55 4.41 -15.92
CA GLN D 157 -36.06 4.20 -14.56
C GLN D 157 -35.03 4.57 -13.51
N GLU D 158 -33.94 3.79 -13.42
CA GLU D 158 -32.86 3.97 -12.46
C GLU D 158 -31.60 3.29 -12.95
N ASN D 159 -30.53 3.44 -12.16
CA ASN D 159 -29.25 2.82 -12.49
C ASN D 159 -28.54 2.29 -11.25
N ALA D 160 -29.27 1.83 -10.25
CA ALA D 160 -28.65 1.11 -9.15
C ALA D 160 -28.37 -0.33 -9.53
N ALA D 161 -29.09 -0.83 -10.52
CA ALA D 161 -28.74 -2.03 -11.24
C ALA D 161 -27.67 -1.69 -12.27
N TRP D 162 -27.45 -2.56 -13.25
CA TRP D 162 -26.25 -2.46 -14.08
C TRP D 162 -26.38 -1.61 -15.33
N LEU D 163 -27.57 -1.50 -15.91
CA LEU D 163 -27.84 -1.84 -17.30
C LEU D 163 -26.72 -1.71 -18.35
N THR D 164 -26.30 -0.49 -18.72
CA THR D 164 -25.21 -0.17 -19.66
C THR D 164 -25.22 -0.96 -20.99
N CYS D 165 -26.33 -1.59 -21.38
CA CYS D 165 -26.37 -2.31 -22.65
C CYS D 165 -27.78 -2.36 -23.21
N PRO D 166 -28.08 -1.53 -24.20
CA PRO D 166 -29.37 -1.64 -24.85
C PRO D 166 -29.41 -2.85 -25.76
N VAL D 167 -30.60 -3.37 -25.98
CA VAL D 167 -30.78 -4.51 -26.87
C VAL D 167 -31.76 -4.26 -27.99
N THR D 168 -32.68 -3.31 -27.88
CA THR D 168 -33.68 -3.08 -28.91
C THR D 168 -34.19 -1.66 -28.81
N ARG D 169 -35.22 -1.36 -29.59
CA ARG D 169 -35.88 -0.05 -29.54
C ARG D 169 -37.29 -0.26 -30.05
N LEU D 170 -38.27 -0.20 -29.16
CA LEU D 170 -39.65 -0.44 -29.52
C LEU D 170 -40.32 0.88 -29.88
N VAL D 171 -40.90 0.95 -31.07
CA VAL D 171 -41.75 2.06 -31.45
C VAL D 171 -43.08 1.49 -31.91
N ARG D 172 -44.12 2.32 -31.87
CA ARG D 172 -45.42 1.82 -32.28
C ARG D 172 -45.68 2.18 -33.73
N ASP D 173 -46.58 1.43 -34.34
CA ASP D 173 -47.27 1.91 -35.51
C ASP D 173 -48.55 2.60 -35.06
N ALA D 174 -49.13 3.43 -35.94
CA ALA D 174 -50.26 4.28 -35.61
C ALA D 174 -51.51 3.51 -35.20
N GLN D 175 -51.60 2.23 -35.54
CA GLN D 175 -52.71 1.40 -35.11
C GLN D 175 -52.44 0.72 -33.77
N GLY D 176 -51.62 1.33 -32.92
CA GLY D 176 -51.38 0.79 -31.59
C GLY D 176 -50.51 -0.45 -31.57
N GLN D 177 -49.57 -0.56 -32.49
CA GLN D 177 -48.81 -1.78 -32.69
C GLN D 177 -47.34 -1.47 -32.44
N TRP D 178 -46.85 -1.86 -31.27
CA TRP D 178 -45.41 -1.76 -30.99
C TRP D 178 -44.63 -2.72 -31.89
N CYS D 179 -43.59 -2.20 -32.54
CA CYS D 179 -42.74 -3.03 -33.37
C CYS D 179 -41.34 -2.45 -33.47
N ARG D 180 -40.34 -3.33 -33.60
CA ARG D 180 -38.94 -2.94 -33.55
C ARG D 180 -38.53 -2.26 -34.85
N ASP D 181 -37.85 -1.14 -34.73
CA ASP D 181 -37.34 -0.50 -35.94
C ASP D 181 -36.01 -1.15 -36.35
N PRO D 182 -35.66 -1.10 -37.62
CA PRO D 182 -34.39 -1.71 -38.04
C PRO D 182 -33.16 -0.86 -37.78
N ARG D 183 -33.32 0.44 -37.54
CA ARG D 183 -32.18 1.35 -37.47
C ARG D 183 -31.51 1.37 -36.10
N PHE D 184 -31.70 0.34 -35.30
CA PHE D 184 -31.08 0.28 -33.99
C PHE D 184 -29.91 -0.68 -33.99
N ILE D 185 -28.84 -0.30 -33.29
CA ILE D 185 -27.59 -1.06 -33.24
C ILE D 185 -27.05 -1.08 -31.82
N PRO D 186 -26.94 -2.25 -31.18
CA PRO D 186 -26.27 -2.35 -29.88
C PRO D 186 -24.76 -2.25 -30.05
N PRO D 187 -23.98 -2.11 -28.97
CA PRO D 187 -22.54 -2.30 -29.11
C PRO D 187 -22.21 -3.75 -29.43
N LEU D 188 -21.37 -3.94 -30.45
CA LEU D 188 -21.26 -5.22 -31.14
C LEU D 188 -19.92 -5.89 -30.90
N LEU D 189 -19.95 -7.13 -30.41
CA LEU D 189 -18.75 -7.96 -30.48
C LEU D 189 -18.59 -8.58 -31.84
N THR D 190 -19.68 -9.01 -32.47
CA THR D 190 -19.60 -9.61 -33.78
C THR D 190 -20.54 -8.88 -34.72
N LEU D 191 -20.29 -9.03 -36.01
CA LEU D 191 -21.31 -8.70 -36.95
C LEU D 191 -22.37 -9.81 -36.97
N SER D 192 -23.46 -9.55 -37.68
CA SER D 192 -24.67 -10.39 -37.78
C SER D 192 -25.39 -10.58 -36.44
N ALA D 193 -24.96 -9.89 -35.38
CA ALA D 193 -25.84 -9.71 -34.24
C ALA D 193 -26.98 -8.78 -34.62
N SER D 194 -26.67 -7.75 -35.39
CA SER D 194 -27.68 -6.90 -36.01
C SER D 194 -27.92 -7.40 -37.41
N PRO D 195 -29.14 -7.81 -37.75
CA PRO D 195 -29.39 -8.34 -39.09
C PRO D 195 -29.43 -7.29 -40.19
N SER D 196 -29.42 -6.00 -39.86
CA SER D 196 -29.46 -5.00 -40.91
C SER D 196 -28.24 -4.08 -40.92
N LEU D 197 -27.07 -4.58 -40.52
CA LEU D 197 -25.86 -4.07 -41.12
C LEU D 197 -25.46 -4.91 -42.31
N MET D 198 -25.84 -6.19 -42.33
CA MET D 198 -25.28 -7.10 -43.31
C MET D 198 -25.86 -6.85 -44.70
N THR D 199 -27.15 -6.51 -44.77
CA THR D 199 -27.75 -6.16 -46.05
C THR D 199 -27.15 -4.87 -46.58
N GLU D 200 -26.89 -3.91 -45.71
CA GLU D 200 -26.31 -2.65 -46.12
C GLU D 200 -24.80 -2.70 -46.22
N LEU D 201 -24.20 -3.87 -46.01
CA LEU D 201 -22.85 -4.16 -46.49
C LEU D 201 -22.86 -4.89 -47.82
N LEU D 202 -23.84 -5.76 -48.04
CA LEU D 202 -23.92 -6.46 -49.31
C LEU D 202 -24.26 -5.53 -50.46
N GLU D 203 -25.14 -4.56 -50.23
CA GLU D 203 -25.40 -3.57 -51.27
C GLU D 203 -24.20 -2.70 -51.54
N LEU D 204 -23.38 -2.44 -50.52
CA LEU D 204 -22.11 -1.73 -50.69
C LEU D 204 -21.18 -2.50 -51.62
N LEU D 205 -21.01 -3.80 -51.38
CA LEU D 205 -20.09 -4.57 -52.20
C LEU D 205 -20.60 -4.72 -53.63
N HIS D 206 -21.93 -4.87 -53.78
CA HIS D 206 -22.52 -4.96 -55.11
C HIS D 206 -22.35 -3.66 -55.90
N HIS D 207 -22.51 -2.52 -55.25
CA HIS D 207 -22.28 -1.28 -55.98
C HIS D 207 -20.80 -0.98 -56.18
N LEU D 208 -19.93 -1.57 -55.36
CA LEU D 208 -18.51 -1.38 -55.60
C LEU D 208 -18.04 -2.14 -56.82
N GLN D 209 -18.52 -3.39 -56.98
CA GLN D 209 -18.10 -4.20 -58.12
C GLN D 209 -18.56 -3.65 -59.45
N ALA D 210 -19.75 -3.04 -59.50
CA ALA D 210 -20.23 -2.47 -60.75
C ALA D 210 -19.41 -1.26 -61.18
N ARG D 211 -19.08 -0.38 -60.25
CA ARG D 211 -18.26 0.77 -60.56
C ARG D 211 -16.78 0.44 -60.62
N ARG D 212 -16.41 -0.81 -60.36
CA ARG D 212 -15.10 -1.28 -60.80
C ARG D 212 -15.14 -1.82 -62.24
N GLN D 213 -16.14 -2.65 -62.56
CA GLN D 213 -16.23 -3.24 -63.89
C GLN D 213 -16.51 -2.20 -64.98
N ARG D 214 -17.20 -1.12 -64.61
CA ARG D 214 -17.45 -0.02 -65.53
C ARG D 214 -16.14 0.61 -66.01
N LEU D 215 -15.27 0.96 -65.09
CA LEU D 215 -14.00 1.53 -65.47
C LEU D 215 -13.02 0.48 -65.96
N MET D 216 -13.23 -0.78 -65.65
CA MET D 216 -12.42 -1.81 -66.30
C MET D 216 -12.80 -1.95 -67.77
N SER D 217 -14.08 -1.77 -68.11
CA SER D 217 -14.51 -1.76 -69.50
C SER D 217 -13.99 -0.53 -70.24
N MET D 218 -14.00 0.63 -69.56
CA MET D 218 -13.32 1.81 -70.09
C MET D 218 -11.83 1.53 -70.30
N ARG D 219 -11.21 0.78 -69.39
CA ARG D 219 -9.80 0.40 -69.51
C ARG D 219 -9.60 -0.55 -70.68
N ARG D 220 -10.61 -1.36 -71.01
CA ARG D 220 -10.54 -2.19 -72.21
C ARG D 220 -10.79 -1.39 -73.47
N GLU D 221 -11.37 -0.19 -73.34
CA GLU D 221 -11.22 0.79 -74.42
C GLU D 221 -9.85 1.45 -74.35
N ASN D 222 -9.30 1.61 -73.14
CA ASN D 222 -8.01 2.25 -72.93
C ASN D 222 -6.82 1.31 -73.12
N ASN D 223 -7.04 0.08 -73.58
CA ASN D 223 -5.90 -0.77 -73.94
C ASN D 223 -5.38 -0.41 -75.31
N ALA D 224 -6.16 0.33 -76.09
CA ALA D 224 -5.62 1.03 -77.24
C ALA D 224 -4.81 2.26 -76.82
N ARG D 225 -4.99 2.72 -75.58
CA ARG D 225 -4.34 3.93 -75.07
C ARG D 225 -3.53 3.67 -73.80
N LEU D 226 -2.71 2.62 -73.80
CA LEU D 226 -1.84 2.33 -72.67
C LEU D 226 -0.80 3.43 -72.48
N ALA D 227 0.07 3.61 -73.48
CA ALA D 227 1.08 4.65 -73.42
C ALA D 227 0.56 6.02 -73.82
N ASP D 228 -0.72 6.13 -74.13
CA ASP D 228 -1.36 7.42 -74.42
C ASP D 228 -2.34 7.71 -73.29
N PHE D 229 -1.82 8.33 -72.25
CA PHE D 229 -2.66 8.70 -71.12
C PHE D 229 -3.17 10.12 -71.28
N ALA D 230 -4.27 10.40 -70.59
CA ALA D 230 -4.84 11.73 -70.46
C ALA D 230 -5.12 11.99 -68.97
N VAL D 231 -5.84 13.07 -68.69
CA VAL D 231 -6.34 13.31 -67.34
C VAL D 231 -7.32 12.21 -66.94
N ALA D 232 -8.13 11.74 -67.90
CA ALA D 232 -9.03 10.62 -67.67
C ALA D 232 -8.24 9.35 -67.34
N ASP D 233 -7.18 9.08 -68.09
CA ASP D 233 -6.41 7.86 -67.84
C ASP D 233 -5.55 7.97 -66.58
N VAL D 234 -4.99 9.15 -66.28
CA VAL D 234 -4.17 9.28 -65.07
C VAL D 234 -5.03 9.17 -63.82
N SER D 235 -6.07 10.01 -63.72
CA SER D 235 -7.01 9.92 -62.61
C SER D 235 -7.75 8.59 -62.59
N LEU D 236 -7.91 7.95 -63.74
CA LEU D 236 -8.46 6.60 -63.80
C LEU D 236 -7.50 5.59 -63.18
N PHE D 237 -6.20 5.77 -63.39
CA PHE D 237 -5.24 4.88 -62.74
C PHE D 237 -5.18 5.11 -61.25
N TRP D 238 -5.31 6.36 -60.81
CA TRP D 238 -5.45 6.68 -59.38
C TRP D 238 -6.66 5.98 -58.77
N LEU D 239 -7.82 6.14 -59.39
CA LEU D 239 -9.06 5.57 -58.89
C LEU D 239 -9.05 4.05 -58.95
N LEU D 240 -8.41 3.48 -59.97
CA LEU D 240 -8.38 2.04 -60.11
C LEU D 240 -7.45 1.41 -59.08
N ASN D 241 -6.30 2.04 -58.82
CA ASN D 241 -5.45 1.59 -57.72
C ASN D 241 -6.04 1.88 -56.36
N ALA D 242 -7.04 2.75 -56.27
CA ALA D 242 -7.80 2.81 -55.02
C ALA D 242 -8.70 1.59 -54.87
N LEU D 243 -9.45 1.24 -55.92
CA LEU D 243 -10.47 0.22 -55.76
C LEU D 243 -9.90 -1.20 -55.71
N ASN D 244 -8.89 -1.50 -56.54
CA ASN D 244 -8.46 -2.88 -56.67
C ASN D 244 -7.66 -3.39 -55.49
N SER D 245 -6.99 -2.53 -54.75
CA SER D 245 -6.25 -3.05 -53.63
C SER D 245 -7.14 -3.28 -52.43
N ALA D 246 -8.38 -2.81 -52.46
CA ALA D 246 -9.24 -2.85 -51.31
C ALA D 246 -10.52 -3.65 -51.51
N GLU D 247 -10.83 -4.11 -52.73
CA GLU D 247 -11.91 -5.08 -52.84
C GLU D 247 -11.61 -6.46 -52.21
N PRO D 248 -10.47 -7.14 -52.49
CA PRO D 248 -10.34 -8.52 -51.98
C PRO D 248 -10.21 -8.66 -50.48
N VAL D 249 -9.89 -7.59 -49.75
CA VAL D 249 -9.98 -7.67 -48.31
C VAL D 249 -11.44 -7.61 -47.86
N LEU D 250 -12.25 -6.80 -48.53
CA LEU D 250 -13.65 -6.71 -48.17
C LEU D 250 -14.42 -7.95 -48.54
N LYS D 251 -14.00 -8.69 -49.56
CA LYS D 251 -14.70 -9.95 -49.79
C LYS D 251 -14.33 -11.00 -48.76
N GLU D 252 -13.22 -10.80 -48.04
CA GLU D 252 -12.93 -11.66 -46.89
C GLU D 252 -13.77 -11.25 -45.69
N LEU D 253 -13.83 -9.95 -45.40
CA LEU D 253 -14.47 -9.48 -44.18
C LEU D 253 -15.97 -9.31 -44.32
N LEU D 254 -16.59 -9.95 -45.30
CA LEU D 254 -18.04 -10.09 -45.36
C LEU D 254 -18.49 -11.53 -45.43
N ASP D 255 -17.57 -12.48 -45.40
CA ASP D 255 -17.93 -13.88 -45.34
C ASP D 255 -17.44 -14.55 -44.07
N MET D 256 -16.93 -13.76 -43.12
CA MET D 256 -16.62 -14.20 -41.76
C MET D 256 -17.34 -13.25 -40.81
N PRO D 257 -18.64 -13.41 -40.61
CA PRO D 257 -19.35 -12.46 -39.76
C PRO D 257 -19.28 -12.81 -38.30
N TYR D 258 -18.10 -13.23 -37.83
CA TYR D 258 -17.90 -13.74 -36.48
C TYR D 258 -16.75 -13.00 -35.80
N ARG D 259 -16.29 -11.92 -36.40
CA ARG D 259 -15.09 -11.21 -35.98
C ARG D 259 -15.50 -9.94 -35.25
N HIS D 260 -14.53 -9.30 -34.61
CA HIS D 260 -14.80 -8.02 -33.99
C HIS D 260 -14.86 -6.93 -35.06
N PRO D 261 -15.75 -5.94 -34.93
CA PRO D 261 -15.94 -4.97 -36.01
C PRO D 261 -14.83 -3.95 -36.18
N GLU D 262 -13.81 -3.96 -35.32
CA GLU D 262 -12.65 -3.08 -35.47
C GLU D 262 -11.94 -3.32 -36.80
N LEU D 263 -11.88 -4.59 -37.21
CA LEU D 263 -11.19 -4.94 -38.45
C LEU D 263 -11.95 -4.43 -39.66
N LEU D 264 -13.28 -4.49 -39.64
CA LEU D 264 -14.07 -3.91 -40.72
C LEU D 264 -13.90 -2.41 -40.76
N TYR D 265 -13.91 -1.77 -39.59
CA TYR D 265 -13.88 -0.33 -39.56
C TYR D 265 -12.54 0.22 -39.99
N ARG D 266 -11.44 -0.47 -39.69
CA ARG D 266 -10.12 0.03 -40.07
C ARG D 266 -9.93 0.00 -41.58
N GLU D 267 -10.57 -0.95 -42.27
CA GLU D 267 -10.42 -1.01 -43.72
C GLU D 267 -11.39 -0.09 -44.43
N LEU D 268 -12.62 0.03 -43.90
CA LEU D 268 -13.54 1.01 -44.47
C LEU D 268 -13.05 2.44 -44.28
N ALA D 269 -12.26 2.70 -43.23
CA ALA D 269 -11.68 4.02 -43.06
C ALA D 269 -10.66 4.32 -44.15
N ARG D 270 -9.86 3.33 -44.54
CA ARG D 270 -8.91 3.54 -45.63
C ARG D 270 -9.63 3.70 -46.96
N LEU D 271 -10.70 2.92 -47.17
CA LEU D 271 -11.43 3.03 -48.43
C LEU D 271 -12.15 4.37 -48.54
N ALA D 272 -12.61 4.92 -47.42
CA ALA D 272 -13.17 6.27 -47.46
C ALA D 272 -12.08 7.31 -47.63
N GLY D 273 -10.96 7.17 -46.94
CA GLY D 273 -9.96 8.21 -46.96
C GLY D 273 -9.16 8.29 -48.23
N SER D 274 -9.11 7.21 -48.99
CA SER D 274 -8.42 7.25 -50.27
C SER D 274 -9.14 8.11 -51.30
N LEU D 275 -10.46 8.16 -51.23
CA LEU D 275 -11.27 8.79 -52.25
C LEU D 275 -11.74 10.19 -51.86
N LEU D 276 -11.20 10.75 -50.78
CA LEU D 276 -11.57 12.10 -50.39
C LEU D 276 -11.09 13.11 -51.41
N THR D 277 -9.84 12.95 -51.88
CA THR D 277 -9.12 13.98 -52.60
C THR D 277 -9.76 14.30 -53.95
N PHE D 278 -10.59 13.39 -54.45
CA PHE D 278 -11.19 13.56 -55.76
C PHE D 278 -12.44 14.44 -55.71
N SER D 279 -13.15 14.45 -54.59
CA SER D 279 -14.24 15.38 -54.42
C SER D 279 -14.11 16.24 -53.18
N LEU D 280 -12.88 16.57 -52.78
CA LEU D 280 -12.66 17.66 -51.83
C LEU D 280 -12.88 19.05 -52.43
N GLU D 281 -13.42 19.16 -53.64
CA GLU D 281 -14.03 20.44 -54.02
C GLU D 281 -15.47 20.49 -53.56
N HIS D 282 -16.06 19.34 -53.24
CA HIS D 282 -17.43 19.29 -52.74
C HIS D 282 -17.51 19.16 -51.23
N ASN D 283 -16.47 18.69 -50.56
CA ASN D 283 -16.58 18.25 -49.19
C ASN D 283 -15.44 18.81 -48.36
N VAL D 284 -15.30 18.27 -47.16
CA VAL D 284 -14.19 18.56 -46.24
C VAL D 284 -13.57 17.22 -45.86
N ASP D 285 -12.62 17.25 -44.93
CA ASP D 285 -11.94 16.03 -44.47
C ASP D 285 -12.47 15.50 -43.14
N ALA D 286 -13.80 15.56 -42.92
CA ALA D 286 -14.40 15.01 -41.72
C ALA D 286 -14.78 13.55 -41.95
N VAL D 287 -14.16 12.66 -41.16
CA VAL D 287 -14.40 11.23 -41.23
C VAL D 287 -14.82 10.78 -39.83
N PRO D 288 -15.89 10.01 -39.68
CA PRO D 288 -16.42 9.67 -38.35
C PRO D 288 -15.45 8.84 -37.53
N ALA D 289 -15.28 9.23 -36.27
CA ALA D 289 -14.42 8.50 -35.36
C ALA D 289 -15.10 7.23 -34.89
N TYR D 290 -14.36 6.42 -34.14
CA TYR D 290 -14.87 5.16 -33.66
C TYR D 290 -15.43 5.30 -32.26
N HIS D 291 -16.59 4.68 -32.03
CA HIS D 291 -17.36 4.92 -30.80
C HIS D 291 -18.10 3.63 -30.44
N HIS D 292 -17.54 2.87 -29.50
CA HIS D 292 -18.01 1.53 -29.15
C HIS D 292 -19.13 1.56 -28.11
N GLU D 293 -19.89 2.64 -28.05
CA GLU D 293 -20.93 2.79 -27.05
C GLU D 293 -22.29 2.97 -27.69
N THR D 294 -22.35 3.70 -28.80
CA THR D 294 -23.48 3.73 -29.72
C THR D 294 -22.90 3.62 -31.12
N PRO D 295 -22.84 2.41 -31.70
CA PRO D 295 -22.27 2.28 -33.04
C PRO D 295 -23.12 2.88 -34.14
N GLU D 296 -24.40 3.14 -33.88
CA GLU D 296 -25.25 3.79 -34.88
C GLU D 296 -24.90 5.25 -35.10
N ASN D 297 -24.04 5.83 -34.28
CA ASN D 297 -23.47 7.14 -34.55
C ASN D 297 -22.25 7.08 -35.45
N VAL D 298 -21.88 5.89 -35.95
CA VAL D 298 -20.69 5.76 -36.76
C VAL D 298 -21.02 5.20 -38.14
N PHE D 299 -21.52 3.96 -38.18
CA PHE D 299 -21.53 3.20 -39.43
C PHE D 299 -22.49 3.68 -40.51
N PRO D 300 -23.76 4.04 -40.25
CA PRO D 300 -24.60 4.54 -41.36
C PRO D 300 -24.17 5.89 -41.93
N PRO D 301 -23.62 6.85 -41.16
CA PRO D 301 -23.04 8.03 -41.85
C PRO D 301 -21.85 7.72 -42.75
N LEU D 302 -20.96 6.82 -42.35
CA LEU D 302 -19.85 6.46 -43.22
C LEU D 302 -20.30 5.68 -44.45
N LEU D 303 -21.25 4.77 -44.27
CA LEU D 303 -21.76 4.04 -45.42
C LEU D 303 -22.63 4.90 -46.32
N SER D 304 -23.18 6.00 -45.82
CA SER D 304 -23.83 6.95 -46.71
C SER D 304 -22.86 7.93 -47.36
N LEU D 305 -21.70 8.15 -46.73
CA LEU D 305 -20.62 8.89 -47.38
C LEU D 305 -20.10 8.15 -48.60
N LEU D 306 -19.84 6.85 -48.45
CA LEU D 306 -19.21 6.08 -49.52
C LEU D 306 -20.09 5.95 -50.75
N ASN D 307 -21.39 5.76 -50.57
CA ASN D 307 -22.27 5.64 -51.72
C ASN D 307 -22.48 6.98 -52.42
N ARG D 308 -22.17 8.08 -51.75
CA ARG D 308 -22.14 9.36 -52.44
C ARG D 308 -20.84 9.54 -53.20
N LEU D 309 -19.71 9.22 -52.58
CA LEU D 309 -18.43 9.44 -53.25
C LEU D 309 -18.14 8.44 -54.35
N LEU D 310 -18.83 7.31 -54.41
CA LEU D 310 -18.64 6.41 -55.53
C LEU D 310 -19.59 6.68 -56.69
N GLU D 311 -20.05 7.91 -56.84
CA GLU D 311 -21.10 8.16 -57.81
C GLU D 311 -21.05 9.60 -58.30
N MET E 1 -15.12 -13.75 11.93
CA MET E 1 -15.99 -13.55 13.09
C MET E 1 -16.72 -12.22 12.96
N LYS E 2 -17.92 -12.24 12.42
CA LYS E 2 -18.75 -11.06 12.43
C LYS E 2 -19.33 -10.85 13.82
N ILE E 3 -19.71 -9.62 14.11
CA ILE E 3 -20.24 -9.26 15.42
C ILE E 3 -21.59 -8.61 15.17
N TYR E 4 -22.65 -9.35 15.39
CA TYR E 4 -24.00 -8.87 15.21
C TYR E 4 -24.46 -8.17 16.49
N ARG E 5 -25.57 -7.45 16.41
CA ARG E 5 -26.15 -6.82 17.62
C ARG E 5 -27.63 -6.53 17.47
N PRO E 6 -28.45 -6.86 18.45
CA PRO E 6 -29.89 -7.01 18.22
C PRO E 6 -30.72 -5.78 18.56
N LEU E 7 -32.00 -5.84 18.17
CA LEU E 7 -33.01 -4.88 18.57
C LEU E 7 -34.03 -5.51 19.50
N TRP E 8 -34.44 -4.75 20.51
CA TRP E 8 -35.45 -5.17 21.46
C TRP E 8 -36.68 -4.29 21.31
N GLU E 9 -37.85 -4.90 21.19
CA GLU E 9 -39.12 -4.18 21.20
C GLU E 9 -40.26 -5.15 21.47
N ASP E 10 -41.13 -4.79 22.42
CA ASP E 10 -42.52 -5.25 22.51
C ASP E 10 -42.66 -6.76 22.66
N GLY E 11 -41.64 -7.39 23.23
CA GLY E 11 -41.76 -8.80 23.50
C GLY E 11 -41.06 -9.66 22.48
N ALA E 12 -39.84 -10.05 22.79
CA ALA E 12 -39.04 -10.89 21.92
C ALA E 12 -38.44 -12.00 22.77
N PHE E 13 -38.35 -13.19 22.19
CA PHE E 13 -37.86 -14.34 22.91
C PHE E 13 -36.39 -14.18 23.25
N LEU E 14 -36.06 -14.29 24.53
CA LEU E 14 -34.68 -14.10 24.96
C LEU E 14 -33.83 -15.28 24.54
N MET E 15 -32.88 -15.03 23.71
CA MET E 15 -31.99 -16.02 23.15
C MET E 15 -30.54 -15.66 23.47
N PRO E 16 -29.69 -16.67 23.71
CA PRO E 16 -28.35 -16.39 24.25
C PRO E 16 -27.42 -15.68 23.28
N GLN E 17 -27.74 -15.68 21.99
CA GLN E 17 -27.04 -14.83 21.04
C GLN E 17 -27.18 -13.36 21.40
N GLN E 18 -28.36 -12.94 21.86
CA GLN E 18 -28.62 -11.55 22.18
C GLN E 18 -27.80 -11.03 23.36
N PHE E 19 -27.16 -11.91 24.11
CA PHE E 19 -26.29 -11.52 25.22
C PHE E 19 -24.82 -11.72 24.88
N GLN E 20 -24.51 -12.82 24.18
CA GLN E 20 -23.14 -13.11 23.79
C GLN E 20 -22.59 -12.07 22.82
N GLN E 21 -23.39 -11.71 21.80
CA GLN E 21 -22.95 -10.72 20.83
C GLN E 21 -22.78 -9.36 21.48
N GLN E 22 -23.63 -9.03 22.45
CA GLN E 22 -23.51 -7.77 23.18
C GLN E 22 -22.26 -7.73 24.04
N ALA E 23 -21.89 -8.85 24.65
CA ALA E 23 -20.63 -8.89 25.40
C ALA E 23 -19.42 -8.75 24.49
N ALA E 24 -19.45 -9.42 23.34
CA ALA E 24 -18.35 -9.33 22.38
C ALA E 24 -18.17 -7.92 21.84
N TRP E 25 -19.27 -7.21 21.60
CA TRP E 25 -19.17 -5.86 21.08
C TRP E 25 -18.55 -4.89 22.07
N ASP E 26 -18.82 -5.08 23.36
CA ASP E 26 -18.23 -4.24 24.38
C ASP E 26 -16.80 -4.64 24.71
N VAL E 27 -16.38 -5.85 24.37
CA VAL E 27 -14.94 -6.13 24.35
C VAL E 27 -14.26 -5.36 23.23
N HIS E 28 -14.85 -5.42 22.03
CA HIS E 28 -14.27 -4.80 20.85
C HIS E 28 -14.18 -3.28 20.97
N LEU E 29 -15.17 -2.65 21.60
CA LEU E 29 -15.10 -1.21 21.84
C LEU E 29 -13.93 -0.83 22.73
N ALA E 30 -13.71 -1.56 23.82
CA ALA E 30 -12.62 -1.24 24.72
C ALA E 30 -11.28 -1.45 24.06
N ASP E 31 -11.14 -2.46 23.21
CA ASP E 31 -9.89 -2.61 22.50
C ASP E 31 -9.67 -1.51 21.46
N SER E 32 -10.72 -1.10 20.74
CA SER E 32 -10.55 -0.02 19.77
C SER E 32 -10.24 1.30 20.45
N VAL E 33 -10.74 1.50 21.67
CA VAL E 33 -10.31 2.66 22.43
C VAL E 33 -8.87 2.47 22.88
N ALA E 34 -8.46 1.24 23.14
CA ALA E 34 -7.11 0.99 23.61
C ALA E 34 -6.07 1.03 22.50
N ARG E 35 -6.45 1.11 21.22
CA ARG E 35 -5.39 1.16 20.22
C ARG E 35 -4.75 2.53 20.15
N MET E 36 -5.45 3.54 19.60
CA MET E 36 -5.37 4.98 19.87
C MET E 36 -4.04 5.56 20.33
N GLY E 37 -2.93 5.17 19.70
CA GLY E 37 -1.64 5.59 20.21
C GLY E 37 -0.87 4.54 20.99
N LEU E 38 -1.03 3.27 20.62
CA LEU E 38 -0.29 2.17 21.24
C LEU E 38 0.11 1.19 20.13
N ALA E 39 0.51 -0.03 20.50
CA ALA E 39 1.05 -1.02 19.55
C ALA E 39 0.21 -2.29 19.45
N HIS E 40 -0.18 -2.88 20.58
CA HIS E 40 -0.98 -4.09 20.69
C HIS E 40 -0.65 -5.39 19.92
N PRO E 41 0.61 -5.88 20.01
CA PRO E 41 0.79 -7.31 20.31
C PRO E 41 1.04 -7.56 21.79
N TRP E 42 0.05 -7.27 22.63
CA TRP E 42 0.22 -6.95 24.05
C TRP E 42 0.63 -8.14 24.89
N GLY E 43 0.84 -7.90 26.18
CA GLY E 43 1.58 -8.84 27.00
C GLY E 43 1.15 -9.00 28.42
N VAL E 44 2.11 -8.94 29.34
CA VAL E 44 1.96 -9.42 30.72
C VAL E 44 2.04 -8.26 31.69
N VAL E 45 1.08 -8.21 32.61
CA VAL E 45 1.10 -7.26 33.72
C VAL E 45 1.90 -7.78 34.90
N ALA E 46 1.55 -8.97 35.39
CA ALA E 46 2.20 -9.49 36.58
C ALA E 46 2.26 -10.99 36.53
N ALA E 47 3.39 -11.56 36.92
CA ALA E 47 3.60 -12.99 36.90
C ALA E 47 4.47 -13.37 38.08
N GLU E 48 3.90 -14.12 39.03
CA GLU E 48 4.60 -14.52 40.26
C GLU E 48 4.52 -16.03 40.38
N PHE E 49 5.54 -16.63 40.97
CA PHE E 49 5.71 -18.09 40.93
C PHE E 49 5.81 -18.72 42.32
N ASP E 50 6.04 -20.03 42.31
CA ASP E 50 6.29 -20.83 43.49
C ASP E 50 7.48 -21.73 43.17
N ASP E 51 8.57 -21.59 43.93
CA ASP E 51 9.87 -22.05 43.50
C ASP E 51 10.48 -23.08 44.43
N SER E 52 9.68 -23.77 45.23
CA SER E 52 10.25 -24.70 46.20
C SER E 52 10.42 -26.09 45.60
N LEU E 53 9.63 -26.42 44.60
CA LEU E 53 9.57 -27.78 44.06
C LEU E 53 10.67 -28.08 43.06
N LEU E 54 11.61 -27.17 42.86
CA LEU E 54 12.70 -27.35 41.90
C LEU E 54 13.74 -28.43 42.25
N PRO E 55 13.98 -28.80 43.52
CA PRO E 55 14.67 -30.08 43.74
C PRO E 55 13.90 -31.30 43.26
N LEU E 56 12.59 -31.21 43.09
CA LEU E 56 11.87 -32.19 42.29
C LEU E 56 11.74 -31.67 40.86
N SER E 57 11.07 -32.43 40.02
CA SER E 57 10.88 -32.03 38.63
C SER E 57 9.49 -31.42 38.42
N ARG E 58 9.16 -30.38 39.18
CA ARG E 58 7.85 -29.77 39.10
C ARG E 58 7.97 -28.25 39.16
N LEU E 59 6.84 -27.58 38.91
CA LEU E 59 6.79 -26.12 38.84
C LEU E 59 5.35 -25.68 38.99
N ASN E 60 5.11 -24.59 39.73
CA ASN E 60 3.76 -24.18 40.04
C ASN E 60 3.68 -22.66 40.06
N ALA E 61 2.56 -22.12 39.55
CA ALA E 61 2.37 -20.69 39.37
C ALA E 61 1.31 -20.14 40.32
N THR E 62 1.56 -18.93 40.83
CA THR E 62 0.74 -18.36 41.90
C THR E 62 -0.05 -17.11 41.51
N ARG E 63 0.35 -16.42 40.44
CA ARG E 63 -0.32 -15.17 40.08
C ARG E 63 0.00 -14.87 38.62
N LEU E 64 -1.03 -14.66 37.80
CA LEU E 64 -0.85 -14.44 36.38
C LEU E 64 -1.81 -13.37 35.90
N ILE E 65 -1.30 -12.25 35.42
CA ILE E 65 -2.14 -11.17 34.94
C ILE E 65 -1.71 -10.87 33.51
N VAL E 66 -2.38 -11.48 32.53
CA VAL E 66 -1.92 -11.47 31.16
C VAL E 66 -2.99 -10.88 30.26
N ARG E 67 -2.60 -10.00 29.35
CA ARG E 67 -3.50 -9.46 28.34
C ARG E 67 -2.97 -9.81 26.96
N PHE E 68 -3.63 -10.79 26.28
CA PHE E 68 -3.42 -11.37 24.96
C PHE E 68 -3.73 -10.37 23.86
N PRO E 69 -3.03 -10.46 22.72
CA PRO E 69 -3.11 -9.38 21.71
C PRO E 69 -4.44 -9.26 21.00
N ASP E 70 -5.36 -10.22 21.14
CA ASP E 70 -6.71 -9.96 20.69
C ASP E 70 -7.51 -9.12 21.68
N GLY E 71 -6.98 -8.88 22.87
CA GLY E 71 -7.63 -8.05 23.85
C GLY E 71 -8.46 -8.77 24.89
N THR E 72 -8.11 -10.00 25.25
CA THR E 72 -8.81 -10.77 26.27
C THR E 72 -8.03 -10.71 27.57
N LEU E 73 -8.73 -10.38 28.66
CA LEU E 73 -8.09 -10.14 29.95
C LEU E 73 -8.14 -11.39 30.82
N ILE E 74 -7.00 -11.73 31.42
CA ILE E 74 -6.84 -12.90 32.27
C ILE E 74 -6.27 -12.44 33.61
N ASP E 75 -7.05 -12.56 34.69
CA ASP E 75 -6.77 -11.85 35.94
C ASP E 75 -6.88 -12.81 37.14
N THR E 76 -5.82 -13.58 37.43
CA THR E 76 -5.89 -14.76 38.33
C THR E 76 -6.17 -14.44 39.78
N GLU E 77 -6.46 -13.22 40.19
CA GLU E 77 -7.15 -12.99 41.44
C GLU E 77 -8.67 -12.94 41.28
N ARG E 78 -9.17 -12.92 40.05
CA ARG E 78 -10.58 -12.62 39.77
C ARG E 78 -11.05 -13.39 38.53
N ALA E 79 -11.86 -14.43 38.75
CA ALA E 79 -12.61 -15.20 37.73
C ALA E 79 -11.73 -16.05 36.81
N ASP E 80 -10.65 -16.63 37.34
CA ASP E 80 -9.82 -17.60 36.63
C ASP E 80 -8.92 -18.30 37.63
N ASN E 81 -8.97 -19.63 37.62
CA ASN E 81 -8.14 -20.41 38.52
C ASN E 81 -6.84 -20.77 37.83
N LEU E 82 -5.79 -20.85 38.65
CA LEU E 82 -4.41 -21.06 38.26
C LEU E 82 -4.25 -22.35 37.49
N PRO E 83 -3.41 -22.34 36.45
CA PRO E 83 -3.23 -23.52 35.62
C PRO E 83 -2.49 -24.61 36.38
N PRO E 84 -2.64 -25.88 35.98
CA PRO E 84 -2.04 -26.97 36.76
C PRO E 84 -0.53 -27.03 36.73
N VAL E 85 0.02 -28.05 37.37
CA VAL E 85 1.45 -28.13 37.61
C VAL E 85 2.17 -28.50 36.33
N CYS E 86 3.20 -27.72 35.99
CA CYS E 86 4.05 -28.05 34.85
C CYS E 86 4.86 -29.30 35.14
N ASP E 87 5.32 -29.95 34.06
CA ASP E 87 5.94 -31.26 34.15
C ASP E 87 7.35 -31.19 33.59
N LEU E 88 8.32 -31.70 34.35
CA LEU E 88 9.72 -31.64 33.98
C LEU E 88 10.38 -33.01 33.91
N SER E 89 9.61 -34.06 33.64
CA SER E 89 10.19 -35.40 33.65
C SER E 89 10.83 -35.77 32.32
N THR E 90 10.61 -34.99 31.27
CA THR E 90 11.10 -35.33 29.93
C THR E 90 12.03 -34.25 29.39
N VAL E 91 13.00 -33.82 30.17
CA VAL E 91 13.93 -32.79 29.75
C VAL E 91 15.36 -33.35 29.80
N SER E 92 16.07 -33.23 28.68
CA SER E 92 17.42 -33.75 28.54
C SER E 92 18.50 -32.73 28.86
N ASP E 93 18.55 -31.61 28.13
CA ASP E 93 19.50 -30.54 28.41
C ASP E 93 18.78 -29.47 29.20
N ARG E 94 19.50 -28.84 30.12
CA ARG E 94 18.88 -27.99 31.13
C ARG E 94 18.91 -26.51 30.79
N SER E 95 19.36 -26.13 29.61
CA SER E 95 19.19 -24.75 29.16
C SER E 95 18.06 -24.61 28.14
N LEU E 96 17.36 -25.70 27.85
CA LEU E 96 16.41 -25.72 26.75
C LEU E 96 15.12 -24.95 27.05
N VAL E 97 14.66 -24.97 28.29
CA VAL E 97 13.24 -24.81 28.56
C VAL E 97 12.86 -23.34 28.49
N ASP E 98 11.83 -23.04 27.70
CA ASP E 98 11.23 -21.71 27.61
C ASP E 98 9.72 -21.93 27.72
N ILE E 99 9.10 -21.33 28.74
CA ILE E 99 7.72 -21.63 29.11
C ILE E 99 6.78 -20.59 28.52
N VAL E 100 5.69 -21.06 27.90
CA VAL E 100 4.68 -20.19 27.33
C VAL E 100 3.31 -20.55 27.93
N LEU E 101 2.58 -19.53 28.37
CA LEU E 101 1.26 -19.70 28.95
C LEU E 101 0.23 -19.85 27.84
N ALA E 102 -0.22 -21.08 27.59
CA ALA E 102 -1.11 -21.33 26.46
C ALA E 102 -2.55 -20.94 26.80
N LEU E 103 -3.37 -20.87 25.75
CA LEU E 103 -4.80 -20.59 25.82
C LEU E 103 -5.46 -21.01 24.53
N PRO E 104 -6.46 -21.89 24.56
CA PRO E 104 -7.03 -22.42 23.32
C PRO E 104 -7.74 -21.39 22.47
N LEU E 105 -7.55 -21.51 21.17
CA LEU E 105 -8.07 -20.59 20.19
C LEU E 105 -9.53 -20.91 19.91
N LEU E 106 -10.36 -19.86 19.84
CA LEU E 106 -11.79 -20.00 19.63
C LEU E 106 -12.14 -20.03 18.16
N ASN E 107 -13.06 -20.89 17.78
CA ASN E 107 -13.60 -20.92 16.44
C ASN E 107 -15.08 -20.59 16.42
N ALA E 108 -15.59 -20.32 15.23
CA ALA E 108 -16.94 -19.81 15.06
C ALA E 108 -17.99 -20.89 14.96
N ASN E 109 -17.69 -22.09 15.44
CA ASN E 109 -18.73 -23.10 15.57
C ASN E 109 -18.61 -23.97 16.82
N GLY E 110 -17.64 -23.72 17.68
CA GLY E 110 -17.29 -24.67 18.73
C GLY E 110 -18.06 -24.46 20.02
N GLY E 111 -17.38 -24.03 21.07
CA GLY E 111 -18.06 -23.81 22.33
C GLY E 111 -17.23 -24.11 23.55
N ASN E 112 -17.76 -24.94 24.45
CA ASN E 112 -17.06 -25.22 25.69
C ASN E 112 -16.54 -26.65 25.73
N LEU E 113 -15.75 -26.94 26.77
CA LEU E 113 -15.20 -28.28 26.96
C LEU E 113 -16.16 -29.06 27.83
N ASP E 114 -17.08 -29.75 27.16
CA ASP E 114 -17.89 -30.76 27.82
C ASP E 114 -16.99 -31.95 28.09
N ASN E 115 -16.81 -32.29 29.35
CA ASN E 115 -16.05 -33.47 29.70
C ASN E 115 -16.87 -34.72 29.32
N GLY E 116 -16.17 -35.84 29.18
CA GLY E 116 -16.79 -37.05 28.67
C GLY E 116 -16.77 -37.15 27.16
N SER E 117 -16.09 -36.23 26.48
CA SER E 117 -15.94 -36.28 25.04
C SER E 117 -14.51 -35.85 24.70
N GLU E 118 -13.99 -36.38 23.60
CA GLU E 118 -12.59 -36.24 23.26
C GLU E 118 -12.42 -35.37 22.01
N SER E 119 -11.31 -34.65 21.96
CA SER E 119 -11.04 -33.74 20.84
C SER E 119 -9.54 -33.51 20.74
N GLU E 120 -9.13 -33.16 19.52
CA GLU E 120 -7.76 -32.76 19.24
C GLU E 120 -7.57 -31.26 19.33
N ARG E 121 -8.56 -30.52 19.84
CA ARG E 121 -8.44 -29.11 20.02
C ARG E 121 -9.34 -28.69 21.19
N PRO E 122 -8.80 -27.99 22.18
CA PRO E 122 -9.59 -27.61 23.35
C PRO E 122 -10.16 -26.20 23.21
N ARG E 123 -10.94 -25.81 24.21
CA ARG E 123 -11.66 -24.54 24.26
C ARG E 123 -11.78 -24.07 25.70
N ARG E 124 -12.21 -22.81 25.91
CA ARG E 124 -12.56 -22.32 27.24
C ARG E 124 -13.79 -23.08 27.76
N TRP E 125 -13.96 -23.13 29.08
CA TRP E 125 -14.88 -24.14 29.57
C TRP E 125 -15.67 -23.74 30.80
N LYS E 126 -16.91 -24.22 30.84
CA LYS E 126 -17.75 -24.14 32.03
C LYS E 126 -17.14 -24.94 33.16
N SER E 127 -16.80 -24.26 34.24
CA SER E 127 -16.16 -24.90 35.36
C SER E 127 -17.12 -25.22 36.48
N GLU E 128 -17.73 -24.18 37.06
CA GLU E 128 -18.19 -24.28 38.42
C GLU E 128 -19.63 -23.81 38.53
N ARG E 129 -20.19 -24.07 39.69
CA ARG E 129 -21.53 -23.63 40.06
C ARG E 129 -21.37 -23.16 41.51
N VAL E 130 -21.09 -21.87 41.68
CA VAL E 130 -20.66 -21.32 42.95
C VAL E 130 -21.73 -20.36 43.47
N ASN E 131 -21.60 -20.02 44.76
CA ASN E 131 -22.68 -19.40 45.52
C ASN E 131 -22.40 -17.90 45.65
N VAL E 132 -23.15 -17.09 44.89
CA VAL E 132 -22.87 -15.67 44.70
C VAL E 132 -24.16 -14.90 44.92
N GLN E 133 -24.13 -13.88 45.80
CA GLN E 133 -25.38 -13.22 46.23
C GLN E 133 -25.35 -11.71 46.39
N GLU E 134 -24.20 -11.07 46.30
CA GLU E 134 -23.86 -10.06 47.29
C GLU E 134 -24.49 -8.69 47.02
N LEU E 135 -24.58 -8.29 45.76
CA LEU E 135 -24.93 -6.90 45.49
C LEU E 135 -26.40 -6.60 45.66
N ALA E 136 -27.26 -7.62 45.64
CA ALA E 136 -28.70 -7.36 45.65
C ALA E 136 -29.22 -7.15 47.06
N GLY E 137 -28.96 -8.09 47.96
CA GLY E 137 -29.60 -8.18 49.27
C GLY E 137 -28.95 -9.25 50.13
N HIS E 138 -29.74 -10.10 50.77
CA HIS E 138 -29.19 -11.08 51.71
C HIS E 138 -29.44 -12.53 51.33
N GLU E 139 -29.95 -12.83 50.14
CA GLU E 139 -30.31 -14.20 49.80
C GLU E 139 -29.34 -14.81 48.80
N GLN E 140 -28.82 -16.00 49.14
CA GLN E 140 -27.79 -16.66 48.36
C GLN E 140 -28.40 -17.64 47.35
N SER E 141 -27.69 -17.76 46.22
CA SER E 141 -28.07 -18.72 45.19
C SER E 141 -26.81 -19.09 44.42
N GLU E 142 -26.87 -20.24 43.77
CA GLU E 142 -25.71 -20.85 43.14
C GLU E 142 -25.74 -20.58 41.64
N VAL E 143 -24.67 -19.96 41.13
CA VAL E 143 -24.64 -19.44 39.76
C VAL E 143 -23.54 -20.17 39.00
N ALA E 144 -23.77 -20.43 37.72
CA ALA E 144 -22.80 -21.10 36.85
C ALA E 144 -21.90 -20.07 36.18
N VAL E 145 -20.64 -20.01 36.63
CA VAL E 145 -19.71 -19.02 36.11
C VAL E 145 -18.62 -19.73 35.31
N LEU E 146 -17.88 -18.99 34.49
CA LEU E 146 -16.92 -19.60 33.59
C LEU E 146 -15.49 -19.28 33.99
N ARG E 147 -14.62 -20.28 33.86
CA ARG E 147 -13.20 -20.16 34.11
C ARG E 147 -12.45 -20.59 32.86
N HIS E 148 -11.52 -19.77 32.40
CA HIS E 148 -10.81 -20.02 31.16
C HIS E 148 -9.88 -21.22 31.27
N ASN E 149 -9.52 -21.78 30.11
CA ASN E 149 -8.80 -23.05 30.05
C ASN E 149 -7.31 -22.86 29.88
N LEU E 150 -6.68 -22.15 30.81
CA LEU E 150 -5.25 -21.95 30.73
C LEU E 150 -4.50 -23.22 31.09
N THR E 151 -3.31 -23.36 30.51
CA THR E 151 -2.36 -24.37 30.92
C THR E 151 -0.97 -23.89 30.54
N LEU E 152 0.02 -24.33 31.30
CA LEU E 152 1.41 -24.05 31.01
C LEU E 152 1.84 -24.89 29.84
N ARG E 153 2.88 -24.43 29.14
CA ARG E 153 3.47 -25.21 28.06
C ARG E 153 4.88 -24.68 27.80
N MET E 154 5.78 -25.60 27.47
CA MET E 154 7.14 -25.29 27.07
C MET E 154 7.11 -24.76 25.64
N ALA E 155 8.24 -24.23 25.19
CA ALA E 155 8.47 -24.15 23.76
C ALA E 155 8.77 -25.55 23.21
N HIS E 156 9.13 -25.59 21.91
CA HIS E 156 8.88 -26.70 20.99
C HIS E 156 7.39 -26.91 20.83
N GLN E 157 6.69 -25.85 20.41
CA GLN E 157 5.27 -25.90 20.16
C GLN E 157 4.96 -26.82 18.98
N GLU E 158 4.11 -27.80 19.23
CA GLU E 158 3.82 -28.84 18.26
C GLU E 158 2.39 -28.69 17.76
N ASN E 159 2.24 -28.40 16.46
CA ASN E 159 0.95 -28.20 15.78
C ASN E 159 0.15 -27.06 16.44
N ALA E 160 0.65 -25.84 16.22
CA ALA E 160 0.28 -24.66 16.98
C ALA E 160 -1.15 -24.17 16.78
N ALA E 161 -2.01 -24.53 17.72
CA ALA E 161 -3.07 -23.64 18.19
C ALA E 161 -2.45 -22.81 19.32
N TRP E 162 -3.29 -22.18 20.15
CA TRP E 162 -2.86 -21.51 21.40
C TRP E 162 -1.95 -20.31 21.12
N LEU E 163 -2.47 -19.34 20.39
CA LEU E 163 -1.68 -18.16 20.05
C LEU E 163 -1.53 -17.28 21.27
N THR E 164 -0.32 -17.25 21.85
CA THR E 164 -0.12 -16.82 23.24
C THR E 164 1.26 -16.21 23.46
N CYS E 165 1.65 -16.09 24.75
CA CYS E 165 2.78 -15.31 25.26
C CYS E 165 3.62 -16.07 26.29
N PRO E 166 4.94 -15.89 26.26
CA PRO E 166 5.84 -16.61 27.17
C PRO E 166 6.05 -15.91 28.51
N VAL E 167 6.41 -16.71 29.53
CA VAL E 167 6.41 -16.19 30.89
C VAL E 167 7.71 -16.36 31.68
N THR E 168 8.55 -17.34 31.34
CA THR E 168 9.81 -17.57 32.07
C THR E 168 10.72 -18.50 31.29
N ARG E 169 11.89 -18.77 31.89
CA ARG E 169 12.93 -19.60 31.29
C ARG E 169 13.77 -20.22 32.40
N LEU E 170 14.30 -21.41 32.18
CA LEU E 170 14.98 -22.17 33.22
C LEU E 170 16.33 -22.70 32.77
N VAL E 171 17.33 -22.53 33.63
CA VAL E 171 18.72 -22.89 33.36
C VAL E 171 19.18 -23.92 34.40
N ARG E 172 20.41 -24.38 34.26
CA ARG E 172 20.97 -25.37 35.16
C ARG E 172 21.69 -24.71 36.33
N ASP E 173 21.53 -25.29 37.53
CA ASP E 173 22.27 -24.88 38.70
C ASP E 173 23.75 -25.26 38.56
N ALA E 174 24.60 -24.68 39.40
CA ALA E 174 26.01 -25.04 39.44
C ALA E 174 26.23 -26.46 39.96
N GLN E 175 25.39 -26.93 40.88
CA GLN E 175 25.46 -28.30 41.35
C GLN E 175 24.86 -29.29 40.36
N GLY E 176 24.11 -28.78 39.36
CA GLY E 176 23.48 -29.61 38.37
C GLY E 176 21.97 -29.51 38.31
N GLN E 177 21.35 -28.87 39.29
CA GLN E 177 19.90 -28.84 39.41
C GLN E 177 19.31 -27.74 38.53
N TRP E 178 18.05 -27.42 38.76
CA TRP E 178 17.38 -26.35 38.03
C TRP E 178 17.39 -25.06 38.85
N CYS E 179 17.10 -23.95 38.17
CA CYS E 179 17.02 -22.65 38.80
C CYS E 179 15.98 -21.79 38.12
N ARG E 180 16.02 -20.50 38.42
CA ARG E 180 15.28 -19.48 37.70
C ARG E 180 16.26 -18.39 37.32
N ASP E 181 16.33 -18.07 36.03
CA ASP E 181 17.42 -17.26 35.52
C ASP E 181 17.16 -15.77 35.78
N PRO E 182 18.22 -14.98 35.95
CA PRO E 182 18.01 -13.55 36.20
C PRO E 182 18.03 -12.70 34.95
N ARG E 183 17.99 -13.31 33.77
CA ARG E 183 17.90 -12.57 32.51
C ARG E 183 16.67 -13.08 31.77
N PHE E 184 15.54 -12.47 32.03
CA PHE E 184 14.33 -12.72 31.26
C PHE E 184 13.46 -11.48 31.38
N ILE E 185 12.97 -11.00 30.24
CA ILE E 185 12.07 -9.86 30.19
C ILE E 185 10.90 -10.25 29.30
N PRO E 186 9.74 -10.58 29.85
CA PRO E 186 8.57 -10.92 29.05
C PRO E 186 8.01 -9.68 28.39
N PRO E 187 7.09 -9.81 27.41
CA PRO E 187 6.49 -8.61 26.81
C PRO E 187 5.64 -7.81 27.78
N LEU E 188 6.09 -6.61 28.08
CA LEU E 188 5.60 -5.84 29.22
C LEU E 188 4.38 -5.04 28.81
N LEU E 189 3.32 -5.08 29.63
CA LEU E 189 2.42 -3.93 29.63
C LEU E 189 2.93 -2.85 30.56
N THR E 190 3.51 -3.25 31.69
CA THR E 190 3.93 -2.30 32.69
C THR E 190 5.39 -2.55 33.02
N LEU E 191 5.98 -1.65 33.79
CA LEU E 191 7.18 -2.06 34.49
C LEU E 191 6.80 -2.89 35.70
N SER E 192 7.81 -3.37 36.41
CA SER E 192 7.70 -4.23 37.60
C SER E 192 6.98 -5.55 37.34
N ALA E 193 6.69 -5.89 36.09
CA ALA E 193 6.53 -7.30 35.73
C ALA E 193 7.89 -7.96 35.78
N SER E 194 8.91 -7.24 35.34
CA SER E 194 10.29 -7.67 35.46
C SER E 194 10.94 -6.89 36.59
N PRO E 195 11.24 -7.51 37.73
CA PRO E 195 11.95 -6.79 38.79
C PRO E 195 13.40 -6.48 38.46
N SER E 196 13.98 -7.11 37.44
CA SER E 196 15.40 -6.94 37.17
C SER E 196 15.70 -5.61 36.50
N LEU E 197 14.69 -4.99 35.90
CA LEU E 197 14.93 -3.79 35.09
C LEU E 197 15.00 -2.52 35.93
N MET E 198 14.15 -2.44 36.96
CA MET E 198 14.04 -1.28 37.83
C MET E 198 15.35 -0.94 38.53
N THR E 199 16.12 -1.96 38.92
CA THR E 199 17.40 -1.77 39.59
C THR E 199 18.40 -1.08 38.67
N GLU E 200 18.49 -1.56 37.42
CA GLU E 200 19.37 -0.92 36.45
C GLU E 200 18.93 0.50 36.09
N LEU E 201 17.62 0.74 36.04
CA LEU E 201 17.12 2.10 35.84
C LEU E 201 17.54 3.02 36.99
N LEU E 202 17.49 2.52 38.22
CA LEU E 202 17.92 3.31 39.38
C LEU E 202 19.41 3.60 39.34
N GLU E 203 20.21 2.61 38.94
CA GLU E 203 21.65 2.85 38.80
C GLU E 203 21.97 3.89 37.73
N LEU E 204 21.24 3.84 36.61
CA LEU E 204 21.41 4.83 35.56
C LEU E 204 21.10 6.24 36.05
N LEU E 205 19.99 6.40 36.76
CA LEU E 205 19.62 7.72 37.24
C LEU E 205 20.59 8.23 38.31
N HIS E 206 21.17 7.31 39.10
CA HIS E 206 22.14 7.76 40.09
C HIS E 206 23.46 8.21 39.47
N HIS E 207 23.92 7.54 38.41
CA HIS E 207 25.10 8.07 37.72
C HIS E 207 24.80 9.39 37.00
N LEU E 208 23.57 9.52 36.49
CA LEU E 208 23.15 10.75 35.82
C LEU E 208 23.20 11.94 36.76
N GLN E 209 22.62 11.81 37.95
CA GLN E 209 22.59 12.96 38.87
C GLN E 209 23.97 13.27 39.44
N ALA E 210 24.81 12.25 39.60
CA ALA E 210 26.15 12.47 40.13
C ALA E 210 27.05 13.18 39.13
N ARG E 211 26.90 12.89 37.84
CA ARG E 211 27.64 13.68 36.86
C ARG E 211 27.05 15.08 36.73
N ARG E 212 25.73 15.19 36.89
CA ARG E 212 25.04 16.45 36.73
C ARG E 212 25.42 17.46 37.80
N GLN E 213 25.62 17.01 39.04
CA GLN E 213 26.01 17.92 40.12
C GLN E 213 27.33 18.61 39.83
N ARG E 214 28.30 17.89 39.27
CA ARG E 214 29.61 18.49 39.06
C ARG E 214 29.66 19.33 37.80
N LEU E 215 28.92 18.94 36.77
CA LEU E 215 28.82 19.82 35.62
C LEU E 215 28.05 21.09 35.94
N MET E 216 27.12 21.04 36.89
CA MET E 216 26.55 22.28 37.39
C MET E 216 27.53 23.02 38.30
N SER E 217 28.42 22.30 38.97
CA SER E 217 29.33 22.96 39.91
C SER E 217 30.47 23.67 39.21
N MET E 218 30.76 23.34 37.95
CA MET E 218 31.71 24.22 37.26
C MET E 218 31.13 25.58 36.88
N ARG E 219 29.82 25.78 37.00
CA ARG E 219 29.21 27.07 36.67
C ARG E 219 29.64 28.18 37.62
N ARG E 220 29.97 27.85 38.87
CA ARG E 220 30.42 28.88 39.80
C ARG E 220 31.79 29.43 39.41
N GLU E 221 32.59 28.66 38.70
CA GLU E 221 33.74 29.24 38.03
C GLU E 221 33.31 29.92 36.73
N ASN E 222 32.38 29.32 36.00
CA ASN E 222 32.05 29.77 34.65
C ASN E 222 31.39 31.14 34.57
N ASN E 223 30.66 31.57 35.61
CA ASN E 223 29.94 32.86 35.55
C ASN E 223 30.91 34.03 35.46
N ALA E 224 32.09 33.90 36.07
CA ALA E 224 33.18 34.85 35.91
C ALA E 224 34.28 34.28 35.02
N ARG E 225 34.09 33.08 34.48
CA ARG E 225 35.10 32.43 33.64
C ARG E 225 34.51 32.01 32.30
N LEU E 226 33.52 32.75 31.81
CA LEU E 226 33.21 32.81 30.39
C LEU E 226 33.96 33.93 29.69
N ALA E 227 35.17 34.25 30.17
CA ALA E 227 35.92 35.43 29.76
C ALA E 227 36.38 35.24 28.33
N ASP E 228 35.52 35.64 27.40
CA ASP E 228 35.59 35.36 25.97
C ASP E 228 35.73 33.85 25.73
N PHE E 229 34.66 33.14 26.12
CA PHE E 229 34.71 31.69 26.11
C PHE E 229 34.60 31.16 24.69
N ALA E 230 35.43 30.15 24.38
CA ALA E 230 35.43 29.47 23.10
C ALA E 230 34.38 28.36 23.12
N VAL E 231 34.46 27.43 22.16
CA VAL E 231 33.49 26.34 22.11
C VAL E 231 33.75 25.25 23.14
N ALA E 232 34.86 25.34 23.87
CA ALA E 232 35.10 24.45 25.00
C ALA E 232 34.06 24.60 26.09
N ASP E 233 33.46 25.79 26.21
CA ASP E 233 32.31 25.92 27.07
C ASP E 233 30.99 25.70 26.34
N VAL E 234 30.96 25.77 25.00
CA VAL E 234 29.67 25.50 24.37
C VAL E 234 29.42 24.01 24.32
N SER E 235 30.47 23.19 24.37
CA SER E 235 30.25 21.77 24.58
C SER E 235 29.68 21.49 25.96
N LEU E 236 30.12 22.25 26.98
CA LEU E 236 29.50 22.18 28.29
C LEU E 236 28.06 22.65 28.27
N PHE E 237 27.76 23.66 27.46
CA PHE E 237 26.37 24.13 27.35
C PHE E 237 25.47 23.10 26.72
N TRP E 238 25.90 22.46 25.63
CA TRP E 238 25.08 21.42 25.05
C TRP E 238 25.00 20.18 25.92
N LEU E 239 26.05 19.92 26.72
CA LEU E 239 26.03 18.81 27.65
C LEU E 239 25.02 19.03 28.78
N LEU E 240 25.02 20.23 29.36
CA LEU E 240 24.02 20.56 30.37
C LEU E 240 22.62 20.63 29.79
N ASN E 241 22.47 21.09 28.55
CA ASN E 241 21.18 21.05 27.88
C ASN E 241 20.66 19.64 27.75
N ALA E 242 21.56 18.71 27.42
CA ALA E 242 21.13 17.32 27.30
C ALA E 242 20.83 16.70 28.65
N LEU E 243 21.51 17.13 29.71
CA LEU E 243 21.27 16.47 30.99
C LEU E 243 20.04 17.02 31.70
N ASN E 244 19.94 18.34 31.80
CA ASN E 244 18.97 18.94 32.71
C ASN E 244 17.60 19.19 32.11
N SER E 245 17.42 18.98 30.81
CA SER E 245 16.06 18.98 30.28
C SER E 245 15.47 17.59 30.28
N ALA E 246 16.26 16.57 30.64
CA ALA E 246 15.79 15.21 30.71
C ALA E 246 15.87 14.59 32.09
N GLU E 247 16.53 15.25 33.05
CA GLU E 247 16.48 14.75 34.42
C GLU E 247 15.10 14.84 35.08
N PRO E 248 14.35 15.96 35.03
CA PRO E 248 13.05 15.96 35.72
C PRO E 248 11.99 15.08 35.09
N VAL E 249 12.14 14.69 33.82
CA VAL E 249 11.14 13.80 33.24
C VAL E 249 11.28 12.40 33.80
N LEU E 250 12.50 11.88 33.86
CA LEU E 250 12.71 10.52 34.36
C LEU E 250 12.54 10.44 35.87
N LYS E 251 12.70 11.55 36.58
CA LYS E 251 12.43 11.55 38.00
C LYS E 251 10.94 11.38 38.27
N GLU E 252 10.10 11.86 37.35
CA GLU E 252 8.68 11.48 37.37
C GLU E 252 8.51 10.01 37.03
N LEU E 253 9.45 9.44 36.28
CA LEU E 253 9.29 8.07 35.82
C LEU E 253 10.09 7.06 36.62
N LEU E 254 10.55 7.41 37.82
CA LEU E 254 10.76 6.38 38.83
C LEU E 254 9.46 5.88 39.41
N ASP E 255 8.42 6.71 39.39
CA ASP E 255 7.13 6.39 39.97
C ASP E 255 6.20 5.75 38.95
N MET E 256 6.76 5.06 37.96
CA MET E 256 6.06 4.51 36.81
C MET E 256 5.12 3.32 36.98
N PRO E 257 5.34 2.36 37.90
CA PRO E 257 5.28 0.93 37.52
C PRO E 257 3.98 0.39 36.92
N TYR E 258 3.01 1.25 36.64
CA TYR E 258 1.72 0.89 36.08
C TYR E 258 1.46 1.72 34.82
N ARG E 259 2.41 1.75 33.89
CA ARG E 259 2.15 2.35 32.58
C ARG E 259 3.03 1.70 31.52
N HIS E 260 2.77 2.04 30.26
CA HIS E 260 3.30 1.29 29.13
C HIS E 260 4.72 1.78 28.78
N PRO E 261 5.63 0.88 28.42
CA PRO E 261 7.05 1.25 28.35
C PRO E 261 7.42 2.14 27.18
N GLU E 262 6.58 2.24 26.16
CA GLU E 262 6.99 3.00 24.98
C GLU E 262 6.89 4.50 25.19
N LEU E 263 6.37 4.95 26.33
CA LEU E 263 6.60 6.32 26.75
C LEU E 263 8.01 6.50 27.27
N LEU E 264 8.49 5.54 28.07
CA LEU E 264 9.86 5.57 28.57
C LEU E 264 10.89 5.45 27.45
N TYR E 265 10.55 4.71 26.40
CA TYR E 265 11.46 4.57 25.27
C TYR E 265 11.68 5.89 24.55
N ARG E 266 10.62 6.68 24.39
CA ARG E 266 10.74 7.97 23.72
C ARG E 266 11.63 8.94 24.46
N GLU E 267 11.71 8.82 25.77
CA GLU E 267 12.54 9.74 26.55
C GLU E 267 13.92 9.17 26.85
N LEU E 268 14.12 7.87 26.68
CA LEU E 268 15.49 7.37 26.67
C LEU E 268 16.16 7.65 25.33
N ALA E 269 15.40 7.57 24.24
CA ALA E 269 15.99 7.72 22.92
C ALA E 269 16.45 9.13 22.65
N ARG E 270 15.72 10.14 23.13
CA ARG E 270 16.16 11.52 22.97
C ARG E 270 17.44 11.79 23.75
N LEU E 271 17.53 11.26 24.97
CA LEU E 271 18.74 11.41 25.77
C LEU E 271 19.94 10.76 25.12
N ALA E 272 19.79 9.50 24.68
CA ALA E 272 20.89 8.80 24.04
C ALA E 272 21.28 9.46 22.74
N GLY E 273 20.32 9.73 21.87
CA GLY E 273 20.60 10.33 20.59
C GLY E 273 20.77 11.83 20.65
N SER E 274 20.87 12.40 21.83
CA SER E 274 21.41 13.74 21.89
C SER E 274 22.69 13.83 22.68
N LEU E 275 23.11 12.74 23.33
CA LEU E 275 24.46 12.66 23.86
C LEU E 275 25.46 11.98 22.93
N LEU E 276 25.00 11.22 21.93
CA LEU E 276 25.95 10.56 21.05
C LEU E 276 26.44 11.43 19.90
N THR E 277 26.18 12.72 19.91
CA THR E 277 26.66 13.56 18.83
C THR E 277 28.04 14.12 19.08
N PHE E 278 28.70 13.75 20.18
CA PHE E 278 29.98 14.33 20.54
C PHE E 278 31.16 13.42 20.21
N SER E 279 31.09 12.15 20.57
CA SER E 279 32.30 11.34 20.71
C SER E 279 32.45 10.28 19.63
N LEU E 280 31.50 9.36 19.51
CA LEU E 280 31.64 8.24 18.58
C LEU E 280 31.08 8.68 17.23
N GLU E 281 31.95 9.35 16.47
CA GLU E 281 31.55 9.96 15.20
C GLU E 281 31.31 8.94 14.09
N HIS E 282 31.56 7.65 14.31
CA HIS E 282 31.51 6.67 13.24
C HIS E 282 30.52 5.54 13.49
N ASN E 283 29.95 5.43 14.68
CA ASN E 283 28.83 4.54 14.95
C ASN E 283 27.72 5.32 15.63
N VAL E 284 27.36 6.43 15.00
CA VAL E 284 26.32 7.35 15.44
C VAL E 284 24.94 6.68 15.46
N ASP E 285 24.73 5.63 14.67
CA ASP E 285 23.42 5.02 14.51
C ASP E 285 23.31 3.73 15.33
N ALA E 286 23.87 3.71 16.53
CA ALA E 286 23.77 2.57 17.42
C ALA E 286 22.62 2.71 18.42
N VAL E 287 21.43 3.04 17.92
CA VAL E 287 20.24 3.14 18.77
C VAL E 287 19.25 2.08 18.33
N PRO E 288 19.03 1.05 19.12
CA PRO E 288 18.17 -0.05 18.68
C PRO E 288 16.70 0.31 18.64
N ALA E 289 16.09 0.29 17.45
CA ALA E 289 14.65 0.45 17.36
C ALA E 289 13.98 -0.78 17.98
N TYR E 290 12.83 -0.57 18.60
CA TYR E 290 12.33 -1.57 19.52
C TYR E 290 11.20 -2.39 18.92
N HIS E 291 11.03 -3.57 19.46
CA HIS E 291 9.93 -4.46 19.17
C HIS E 291 9.64 -5.23 20.45
N HIS E 292 8.39 -5.25 20.88
CA HIS E 292 8.10 -5.78 22.21
C HIS E 292 7.53 -7.18 22.15
N GLU E 293 8.02 -7.98 21.23
CA GLU E 293 7.92 -9.42 21.35
C GLU E 293 9.15 -10.04 21.98
N THR E 294 10.33 -9.48 21.71
CA THR E 294 11.57 -9.85 22.40
C THR E 294 12.20 -8.58 22.94
N PRO E 295 11.74 -8.09 24.10
CA PRO E 295 12.32 -6.87 24.66
C PRO E 295 13.65 -7.06 25.39
N GLU E 296 14.26 -8.25 25.32
CA GLU E 296 15.60 -8.41 25.83
C GLU E 296 16.63 -7.75 24.94
N ASN E 297 16.28 -7.44 23.70
CA ASN E 297 17.22 -6.90 22.74
C ASN E 297 17.15 -5.39 22.64
N VAL E 298 16.39 -4.73 23.50
CA VAL E 298 16.25 -3.28 23.40
C VAL E 298 16.86 -2.61 24.60
N PHE E 299 16.29 -2.85 25.78
CA PHE E 299 16.72 -2.15 26.99
C PHE E 299 18.10 -2.57 27.51
N PRO E 300 18.50 -3.85 27.58
CA PRO E 300 19.88 -4.15 28.03
C PRO E 300 20.97 -3.67 27.08
N PRO E 301 20.78 -3.60 25.74
CA PRO E 301 21.81 -2.86 24.98
C PRO E 301 21.75 -1.35 25.17
N LEU E 302 20.56 -0.78 25.30
CA LEU E 302 20.48 0.67 25.33
C LEU E 302 20.95 1.24 26.67
N LEU E 303 20.72 0.51 27.76
CA LEU E 303 21.25 0.94 29.04
C LEU E 303 22.77 0.82 29.09
N SER E 304 23.32 -0.20 28.44
CA SER E 304 24.77 -0.30 28.38
C SER E 304 25.39 0.74 27.45
N LEU E 305 24.63 1.20 26.46
CA LEU E 305 25.06 2.35 25.68
C LEU E 305 25.07 3.61 26.52
N LEU E 306 24.03 3.80 27.32
CA LEU E 306 23.96 5.00 28.15
C LEU E 306 25.00 5.02 29.25
N ASN E 307 25.30 3.86 29.85
CA ASN E 307 26.29 3.82 30.91
C ASN E 307 27.71 3.96 30.38
N ARG E 308 27.92 3.73 29.08
CA ARG E 308 29.22 3.99 28.48
C ARG E 308 29.29 5.35 27.81
N LEU E 309 28.17 6.03 27.62
CA LEU E 309 28.23 7.43 27.23
C LEU E 309 28.34 8.39 28.41
N LEU E 310 27.71 8.09 29.54
CA LEU E 310 27.69 9.03 30.65
C LEU E 310 28.99 9.09 31.44
N GLU E 311 30.00 8.29 31.07
CA GLU E 311 31.31 8.36 31.72
C GLU E 311 32.46 8.33 30.73
N ALA E 312 32.19 8.66 29.46
CA ALA E 312 33.25 8.66 28.47
C ALA E 312 33.20 9.83 27.50
N SER E 313 32.19 10.68 27.56
CA SER E 313 32.07 11.80 26.64
C SER E 313 32.30 13.10 27.42
N LEU E 314 33.53 13.59 27.37
CA LEU E 314 34.24 14.77 27.86
C LEU E 314 34.17 15.90 26.84
N PRO E 315 33.92 17.14 27.31
CA PRO E 315 33.57 18.22 26.39
C PRO E 315 34.70 18.66 25.46
N SER E 316 35.78 19.14 26.06
CA SER E 316 36.90 19.74 25.34
C SER E 316 38.02 19.96 26.35
N ARG E 317 39.16 20.45 25.83
CA ARG E 317 40.43 20.72 26.55
C ARG E 317 40.89 19.57 27.47
N VAL E 318 40.48 18.35 27.16
CA VAL E 318 41.03 17.13 27.72
C VAL E 318 41.11 16.10 26.60
N VAL E 319 42.10 15.22 26.68
CA VAL E 319 42.35 14.23 25.64
C VAL E 319 42.38 12.85 26.26
N PHE E 320 41.50 11.97 25.80
CA PHE E 320 41.52 10.57 26.21
C PHE E 320 42.55 9.80 25.40
N ILE E 321 43.52 9.21 26.08
CA ILE E 321 44.76 8.74 25.48
C ILE E 321 44.74 7.22 25.46
N GLU E 322 45.01 6.64 24.29
CA GLU E 322 45.13 5.19 24.17
C GLU E 322 46.58 4.78 24.43
N LEU E 323 46.76 3.70 25.21
CA LEU E 323 48.07 3.29 25.73
C LEU E 323 48.27 1.81 25.43
N LYS E 324 49.09 1.50 24.43
CA LYS E 324 49.38 0.11 24.10
C LYS E 324 50.23 -0.54 25.18
N GLN E 325 50.21 -1.87 25.22
CA GLN E 325 50.87 -2.63 26.28
C GLN E 325 51.51 -3.89 25.72
N LYS E 326 52.71 -4.23 26.23
CA LYS E 326 53.31 -5.57 26.06
C LYS E 326 53.81 -6.04 27.43
N GLY E 327 52.95 -6.73 28.17
CA GLY E 327 53.34 -7.32 29.45
C GLY E 327 53.62 -6.29 30.53
N VAL E 328 54.85 -6.31 31.06
CA VAL E 328 55.27 -5.31 32.05
C VAL E 328 55.65 -3.99 31.41
N MET E 329 55.46 -3.84 30.11
CA MET E 329 55.81 -2.65 29.37
C MET E 329 54.56 -2.07 28.75
N TRP E 330 54.29 -0.79 29.01
CA TRP E 330 53.22 -0.11 28.31
C TRP E 330 53.52 1.36 28.11
N GLU E 331 53.34 1.81 26.87
CA GLU E 331 53.74 3.10 26.32
C GLU E 331 52.49 3.84 25.85
N GLY E 332 52.69 4.95 25.14
CA GLY E 332 51.57 5.61 24.50
C GLY E 332 51.88 6.89 23.76
N ALA E 333 51.36 7.03 22.55
CA ALA E 333 51.76 8.09 21.62
C ALA E 333 50.92 9.35 21.80
N LEU E 334 51.58 10.50 21.81
CA LEU E 334 50.94 11.81 21.93
C LEU E 334 51.52 12.72 20.86
N HIS E 335 50.82 12.79 19.73
CA HIS E 335 51.37 13.41 18.52
C HIS E 335 50.71 14.73 18.18
N ASP E 336 49.81 15.22 19.04
CA ASP E 336 49.10 16.47 18.79
C ASP E 336 49.85 17.62 19.44
N ALA E 337 50.49 18.45 18.62
CA ALA E 337 51.21 19.60 19.15
C ALA E 337 50.30 20.76 19.53
N ARG E 338 49.03 20.76 19.07
CA ARG E 338 48.03 21.71 19.55
C ARG E 338 47.79 21.58 21.04
N LEU E 339 47.93 20.37 21.57
CA LEU E 339 48.34 20.21 22.96
C LEU E 339 49.78 20.68 23.03
N ARG E 340 49.98 21.94 23.38
CA ARG E 340 51.33 22.48 23.51
C ARG E 340 52.03 21.83 24.69
N GLU E 341 53.36 21.84 24.65
CA GLU E 341 54.14 21.30 25.74
C GLU E 341 53.94 22.14 27.01
N GLY E 342 53.58 21.46 28.09
CA GLY E 342 53.44 22.10 29.38
C GLY E 342 52.10 21.91 30.06
N ALA E 343 51.12 21.31 29.39
CA ALA E 343 49.85 21.06 30.05
C ALA E 343 49.96 19.83 30.96
N ASP E 344 49.28 19.89 32.10
CA ASP E 344 49.39 18.84 33.10
C ASP E 344 48.70 17.57 32.67
N PHE E 345 49.37 16.44 32.94
CA PHE E 345 48.86 15.11 32.64
C PHE E 345 48.33 14.47 33.92
N TRP E 346 47.38 13.57 33.75
CA TRP E 346 46.80 12.88 34.90
C TRP E 346 46.70 11.40 34.60
N LEU E 347 46.69 10.61 35.68
CA LEU E 347 46.95 9.18 35.62
C LEU E 347 45.87 8.44 36.40
N SER E 348 44.87 7.94 35.69
CA SER E 348 43.83 7.15 36.34
C SER E 348 44.35 5.77 36.71
N VAL E 349 43.80 5.23 37.79
CA VAL E 349 44.26 3.95 38.33
C VAL E 349 43.08 3.00 38.44
N ARG E 350 43.25 1.78 37.93
CA ARG E 350 42.40 0.65 38.25
C ARG E 350 43.31 -0.54 38.55
N SER E 351 42.98 -1.29 39.59
CA SER E 351 43.82 -2.40 40.03
C SER E 351 43.03 -3.32 40.95
N SER E 352 43.47 -4.57 41.02
CA SER E 352 42.92 -5.55 41.95
C SER E 352 43.79 -5.59 43.21
N MET E 353 43.70 -4.51 43.97
CA MET E 353 44.68 -4.20 44.99
C MET E 353 44.12 -3.06 45.83
N PRO E 354 44.31 -3.07 47.15
CA PRO E 354 43.78 -1.98 47.97
C PRO E 354 44.60 -0.70 47.81
N GLY E 355 43.94 0.44 48.00
CA GLY E 355 44.54 1.75 47.74
C GLY E 355 45.59 2.16 48.72
N HIS E 356 45.51 1.67 49.97
CA HIS E 356 46.52 1.98 50.98
C HIS E 356 47.88 1.39 50.62
N GLU E 357 47.87 0.31 49.84
CA GLU E 357 49.08 -0.20 49.23
C GLU E 357 49.45 0.58 47.96
N LEU E 358 48.45 1.04 47.22
CA LEU E 358 48.66 1.63 45.90
C LEU E 358 49.39 2.96 45.99
N GLN E 359 48.91 3.85 46.85
CA GLN E 359 49.51 5.17 46.91
C GLN E 359 50.81 5.20 47.71
N THR E 360 51.37 4.04 48.05
CA THR E 360 52.74 3.88 48.50
C THR E 360 53.60 3.15 47.48
N LYS E 361 53.08 2.09 46.86
CA LYS E 361 53.84 1.33 45.87
C LYS E 361 54.03 2.09 44.57
N PHE E 362 52.95 2.67 44.01
CA PHE E 362 53.05 3.47 42.79
C PHE E 362 53.98 4.69 42.85
N PRO E 363 54.03 5.50 43.92
CA PRO E 363 55.02 6.62 43.91
C PRO E 363 56.48 6.19 44.02
N GLN E 364 56.79 4.90 44.09
CA GLN E 364 58.17 4.44 44.13
C GLN E 364 58.47 3.25 43.24
N LEU E 365 57.46 2.63 42.62
CA LEU E 365 57.73 1.45 41.80
C LEU E 365 57.12 1.59 40.41
N CYS E 366 56.06 2.39 40.28
CA CYS E 366 55.53 2.67 38.95
C CYS E 366 56.50 3.62 38.24
N LYS E 367 57.34 3.06 37.37
CA LYS E 367 58.50 3.76 36.86
C LYS E 367 58.30 4.19 35.42
N ALA E 368 58.87 5.35 35.08
CA ALA E 368 58.80 5.92 33.76
C ALA E 368 60.14 5.79 33.05
N GLY E 369 60.10 5.61 31.75
CA GLY E 369 61.31 5.49 30.95
C GLY E 369 61.32 6.47 29.80
N SER E 370 62.53 6.75 29.31
CA SER E 370 62.67 7.54 28.10
C SER E 370 62.33 6.71 26.88
N PRO E 371 61.71 7.31 25.85
CA PRO E 371 61.33 6.55 24.66
C PRO E 371 62.49 6.27 23.72
N ASP E 372 62.16 5.78 22.52
CA ASP E 372 63.08 5.35 21.48
C ASP E 372 63.96 4.19 21.92
N ASP E 373 63.47 3.42 22.87
CA ASP E 373 64.10 2.19 23.33
C ASP E 373 62.98 1.51 24.10
N VAL E 374 62.60 0.31 23.68
CA VAL E 374 61.33 -0.23 24.14
C VAL E 374 61.39 -0.73 25.58
N SER E 375 62.22 -1.74 25.87
CA SER E 375 62.04 -2.51 27.09
C SER E 375 63.08 -2.21 28.16
N GLU E 376 64.35 -2.04 27.79
CA GLU E 376 65.46 -2.12 28.75
C GLU E 376 65.87 -0.75 29.25
N VAL E 377 64.90 0.18 29.30
CA VAL E 377 65.12 1.49 29.89
C VAL E 377 64.59 1.54 31.33
N VAL E 378 64.22 0.38 31.88
CA VAL E 378 63.64 0.26 33.22
C VAL E 378 64.66 0.57 34.32
N ASN E 379 65.95 0.30 34.08
CA ASN E 379 66.98 0.53 35.08
C ASN E 379 67.33 2.00 35.21
N VAL E 380 66.92 2.81 34.23
CA VAL E 380 67.27 4.22 34.20
C VAL E 380 66.50 5.00 35.27
N ALA E 381 65.16 4.86 35.28
CA ALA E 381 64.24 5.69 36.05
C ALA E 381 64.47 7.17 35.73
N LEU E 382 64.08 7.51 34.49
CA LEU E 382 64.26 8.84 33.87
C LEU E 382 63.92 10.00 34.80
N SER E 383 64.88 10.91 34.91
CA SER E 383 65.01 11.76 36.10
C SER E 383 63.89 12.78 36.20
N GLY E 384 62.89 12.48 37.01
CA GLY E 384 61.97 13.48 37.50
C GLY E 384 60.55 13.41 36.97
N VAL E 385 59.69 12.74 37.75
CA VAL E 385 58.25 12.87 37.74
C VAL E 385 57.78 12.28 39.06
N ILE E 386 56.83 12.92 39.72
CA ILE E 386 56.42 12.53 41.06
C ILE E 386 54.95 12.13 41.02
N ILE E 387 54.66 10.92 41.49
CA ILE E 387 53.31 10.36 41.50
C ILE E 387 52.70 10.68 42.85
N ARG E 388 51.74 11.58 42.87
CA ARG E 388 51.15 11.98 44.13
C ARG E 388 49.73 11.47 44.24
N PRO E 389 49.30 11.10 45.43
CA PRO E 389 47.87 10.91 45.67
C PRO E 389 47.16 12.25 45.89
N VAL E 390 45.92 12.31 45.44
CA VAL E 390 45.10 13.51 45.54
C VAL E 390 43.64 13.08 45.60
N THR E 391 42.82 13.84 46.34
CA THR E 391 41.42 13.47 46.52
C THR E 391 40.55 14.01 45.40
N HIS E 392 40.75 15.26 45.00
CA HIS E 392 39.83 15.91 44.06
C HIS E 392 40.63 16.71 43.04
N VAL E 393 40.72 16.20 41.83
CA VAL E 393 41.28 16.95 40.70
C VAL E 393 40.27 18.01 40.27
N PRO E 394 40.69 19.13 39.71
CA PRO E 394 39.72 20.04 39.05
C PRO E 394 39.13 19.50 37.76
N ALA E 395 39.57 18.34 37.26
CA ALA E 395 39.16 17.81 35.97
C ALA E 395 37.77 17.16 35.98
N ALA E 396 37.04 17.29 37.09
CA ALA E 396 35.63 16.94 37.26
C ALA E 396 35.36 15.43 37.24
N ILE E 397 36.42 14.62 37.13
CA ILE E 397 36.41 13.16 37.24
C ILE E 397 35.39 12.49 36.33
N PRO E 398 35.68 12.29 35.06
CA PRO E 398 34.72 11.59 34.19
C PRO E 398 34.66 10.08 34.40
N LEU E 399 35.19 9.55 35.51
CA LEU E 399 35.12 8.12 35.80
C LEU E 399 34.35 7.84 37.09
N ARG E 400 33.93 6.58 37.22
CA ARG E 400 33.17 6.14 38.39
C ARG E 400 34.05 6.04 39.63
N LEU E 401 35.35 5.80 39.43
CA LEU E 401 36.34 5.56 40.47
C LEU E 401 35.95 4.37 41.36
N GLU E 402 36.00 3.19 40.74
CA GLU E 402 36.24 1.99 41.53
C GLU E 402 37.60 2.09 42.21
N ASN E 403 38.59 2.62 41.50
CA ASN E 403 39.93 2.85 42.01
C ASN E 403 40.30 4.28 41.63
N GLN E 404 41.44 4.75 42.13
CA GLN E 404 41.73 6.17 42.22
C GLN E 404 42.40 6.70 40.97
N TYR E 405 43.01 7.86 41.11
CA TYR E 405 43.76 8.53 40.06
C TYR E 405 44.85 9.37 40.70
N PHE E 406 46.02 9.45 40.08
CA PHE E 406 47.20 10.02 40.71
C PHE E 406 47.75 11.18 39.89
N ALA E 407 48.77 11.83 40.43
CA ALA E 407 49.37 13.01 39.83
C ALA E 407 50.65 12.65 39.09
N LEU E 408 51.10 13.55 38.22
CA LEU E 408 52.35 13.41 37.50
C LEU E 408 53.04 14.77 37.48
N ASP E 409 54.19 14.86 38.14
CA ASP E 409 54.93 16.11 38.27
C ASP E 409 56.02 16.14 37.21
N LEU E 410 55.64 16.46 35.97
CA LEU E 410 56.51 16.31 34.81
C LEU E 410 57.63 17.34 34.81
N SER E 411 58.85 16.88 34.49
CA SER E 411 60.02 17.74 34.50
C SER E 411 60.05 18.60 33.24
N THR E 412 61.00 19.54 33.23
CA THR E 412 61.02 20.57 32.19
C THR E 412 61.65 20.04 30.90
N ASP E 413 62.93 19.65 30.95
CA ASP E 413 63.65 19.20 29.77
C ASP E 413 63.35 17.76 29.40
N ALA E 414 62.91 16.94 30.37
CA ALA E 414 62.39 15.63 30.02
C ALA E 414 61.12 15.73 29.19
N ALA E 415 60.32 16.79 29.41
CA ALA E 415 59.18 17.04 28.54
C ALA E 415 59.63 17.37 27.13
N ARG E 416 60.73 18.11 27.00
CA ARG E 416 61.30 18.36 25.68
C ARG E 416 61.86 17.09 25.05
N ALA E 417 62.33 16.16 25.88
CA ALA E 417 62.86 14.89 25.38
C ALA E 417 61.78 13.92 24.96
N MET E 418 60.61 13.96 25.60
CA MET E 418 59.53 13.01 25.30
C MET E 418 58.49 13.59 24.36
N LEU E 419 57.96 14.77 24.66
CA LEU E 419 56.87 15.35 23.89
C LEU E 419 57.28 15.80 22.49
N ASP E 420 58.56 16.09 22.27
CA ASP E 420 59.03 16.30 20.90
C ASP E 420 59.06 14.98 20.14
N ALA E 421 59.43 13.89 20.82
CA ALA E 421 59.39 12.58 20.19
C ALA E 421 57.95 12.14 19.95
N GLY E 422 57.04 12.46 20.86
CA GLY E 422 55.65 12.16 20.67
C GLY E 422 55.08 11.07 21.55
N ARG E 423 55.83 10.56 22.53
CA ARG E 423 55.26 9.53 23.38
C ARG E 423 55.91 9.58 24.76
N CYS E 424 55.37 8.73 25.66
CA CYS E 424 55.88 8.50 27.00
C CYS E 424 55.71 7.03 27.34
N THR E 425 56.61 6.49 28.16
CA THR E 425 56.61 5.08 28.50
C THR E 425 56.59 4.90 30.01
N PHE E 426 55.78 3.93 30.47
CA PHE E 426 55.63 3.61 31.88
C PHE E 426 55.85 2.11 32.09
N TYR E 427 56.21 1.74 33.31
CA TYR E 427 56.58 0.36 33.64
C TYR E 427 55.83 -0.13 34.87
N THR E 428 55.38 -1.37 34.80
CA THR E 428 54.81 -2.10 35.93
C THR E 428 55.65 -3.35 36.15
N PRO E 429 56.75 -3.26 36.91
CA PRO E 429 57.62 -4.42 37.13
C PRO E 429 57.02 -5.48 38.05
N ALA E 430 57.88 -6.42 38.47
CA ALA E 430 57.48 -7.77 38.85
C ALA E 430 56.52 -7.85 40.04
N SER E 431 56.40 -6.79 40.83
CA SER E 431 55.55 -6.90 42.03
C SER E 431 54.07 -6.82 41.69
N LEU E 432 53.70 -6.02 40.69
CA LEU E 432 52.30 -5.68 40.43
C LEU E 432 51.58 -6.85 39.77
N GLY E 433 50.46 -7.26 40.37
CA GLY E 433 49.77 -8.44 39.86
C GLY E 433 48.98 -8.15 38.59
N ASP E 434 47.93 -7.34 38.71
CA ASP E 434 47.05 -7.07 37.58
C ASP E 434 46.52 -5.66 37.73
N VAL E 435 46.91 -4.76 36.82
CA VAL E 435 46.67 -3.34 37.02
C VAL E 435 46.25 -2.73 35.69
N LYS E 436 45.34 -1.75 35.75
CA LYS E 436 44.81 -1.07 34.57
C LYS E 436 44.98 0.43 34.75
N LEU E 437 45.85 1.04 33.96
CA LEU E 437 46.15 2.46 34.12
C LEU E 437 45.85 3.20 32.82
N GLU E 438 45.51 4.49 32.94
CA GLU E 438 45.17 5.33 31.80
C GLU E 438 45.85 6.68 31.96
N LEU E 439 45.88 7.48 30.89
CA LEU E 439 46.43 8.82 30.91
C LEU E 439 45.41 9.85 30.40
N PHE E 440 45.28 10.95 31.14
CA PHE E 440 44.44 12.07 30.78
C PHE E 440 45.29 13.31 30.61
N ALA E 441 45.03 14.07 29.54
CA ALA E 441 45.82 15.25 29.19
C ALA E 441 44.93 16.48 29.26
N VAL E 442 44.95 17.16 30.40
CA VAL E 442 44.11 18.34 30.61
C VAL E 442 44.84 19.54 30.01
N LEU E 443 44.23 20.17 29.01
CA LEU E 443 44.82 21.32 28.35
C LEU E 443 44.75 22.53 29.28
N ARG E 444 45.91 23.09 29.61
CA ARG E 444 45.97 24.30 30.42
C ARG E 444 45.47 25.52 29.63
N MET F 1 -28.30 12.58 27.74
CA MET F 1 -29.70 12.74 27.38
C MET F 1 -30.58 11.80 28.20
N LYS F 2 -30.55 12.01 29.52
CA LYS F 2 -31.38 11.31 30.50
C LYS F 2 -31.14 9.79 30.46
N ILE F 3 -29.87 9.43 30.41
CA ILE F 3 -29.47 8.03 30.41
C ILE F 3 -29.70 7.44 31.80
N TYR F 4 -30.47 6.36 31.87
CA TYR F 4 -31.00 5.82 33.12
C TYR F 4 -30.48 4.41 33.32
N ARG F 5 -29.38 4.24 34.03
CA ARG F 5 -29.02 2.83 34.16
C ARG F 5 -29.83 2.20 35.29
N PRO F 6 -30.43 1.04 35.04
CA PRO F 6 -31.35 0.46 36.02
C PRO F 6 -30.64 -0.55 36.91
N LEU F 7 -31.37 -1.02 37.90
CA LEU F 7 -30.88 -2.05 38.81
C LEU F 7 -31.80 -3.25 38.74
N TRP F 8 -31.26 -4.40 39.07
CA TRP F 8 -32.01 -5.63 39.15
C TRP F 8 -31.78 -6.22 40.53
N GLU F 9 -32.84 -6.33 41.34
CA GLU F 9 -32.74 -7.10 42.57
C GLU F 9 -33.66 -8.30 42.60
N ASP F 10 -34.97 -8.10 42.45
CA ASP F 10 -35.93 -9.19 42.56
C ASP F 10 -37.27 -8.73 42.02
N GLY F 11 -37.99 -9.65 41.41
CA GLY F 11 -39.36 -9.39 41.00
C GLY F 11 -39.53 -8.43 39.85
N ALA F 12 -38.45 -7.89 39.30
CA ALA F 12 -38.54 -6.91 38.23
C ALA F 12 -38.98 -7.61 36.95
N PHE F 13 -40.10 -7.19 36.41
CA PHE F 13 -40.51 -7.66 35.10
C PHE F 13 -39.53 -7.16 34.05
N LEU F 14 -39.22 -8.02 33.09
CA LEU F 14 -38.27 -7.66 32.05
C LEU F 14 -38.89 -6.66 31.09
N MET F 15 -38.06 -5.77 30.58
CA MET F 15 -38.58 -4.61 29.88
C MET F 15 -37.43 -4.03 29.09
N PRO F 16 -37.63 -3.66 27.81
CA PRO F 16 -36.49 -3.41 26.90
C PRO F 16 -35.61 -2.24 27.28
N GLN F 17 -36.14 -1.28 28.02
CA GLN F 17 -35.40 -0.05 28.28
C GLN F 17 -34.23 -0.27 29.20
N GLN F 18 -34.28 -1.31 30.03
CA GLN F 18 -33.12 -1.67 30.84
C GLN F 18 -31.94 -2.02 29.96
N PHE F 19 -32.16 -2.90 28.99
CA PHE F 19 -31.12 -3.34 28.07
C PHE F 19 -30.64 -2.20 27.19
N GLN F 20 -31.57 -1.37 26.69
CA GLN F 20 -31.19 -0.25 25.83
C GLN F 20 -30.36 0.79 26.56
N GLN F 21 -30.79 1.18 27.76
CA GLN F 21 -30.05 2.18 28.51
C GLN F 21 -28.75 1.62 29.09
N GLN F 22 -28.66 0.31 29.27
CA GLN F 22 -27.39 -0.28 29.67
C GLN F 22 -26.37 -0.22 28.53
N ALA F 23 -26.80 -0.62 27.33
CA ALA F 23 -25.95 -0.57 26.15
C ALA F 23 -25.50 0.83 25.80
N ALA F 24 -26.37 1.84 26.02
CA ALA F 24 -25.93 3.21 25.80
C ALA F 24 -24.90 3.66 26.82
N TRP F 25 -25.06 3.26 28.07
CA TRP F 25 -24.16 3.69 29.13
C TRP F 25 -22.78 3.10 28.98
N ASP F 26 -22.68 1.89 28.43
CA ASP F 26 -21.35 1.33 28.19
C ASP F 26 -20.60 2.10 27.11
N VAL F 27 -21.32 2.51 26.06
CA VAL F 27 -20.74 3.36 25.02
C VAL F 27 -20.27 4.67 25.60
N HIS F 28 -21.07 5.26 26.50
CA HIS F 28 -20.70 6.55 27.07
C HIS F 28 -19.49 6.45 28.00
N LEU F 29 -19.39 5.37 28.77
CA LEU F 29 -18.22 5.19 29.61
C LEU F 29 -16.96 4.96 28.78
N ALA F 30 -17.06 4.15 27.72
CA ALA F 30 -15.92 3.94 26.87
C ALA F 30 -15.54 5.18 26.07
N ASP F 31 -16.48 6.06 25.80
CA ASP F 31 -16.13 7.35 25.19
C ASP F 31 -15.38 8.23 26.16
N SER F 32 -15.86 8.31 27.40
CA SER F 32 -15.20 9.16 28.39
C SER F 32 -13.83 8.65 28.79
N VAL F 33 -13.55 7.37 28.59
CA VAL F 33 -12.17 6.90 28.78
C VAL F 33 -11.26 7.51 27.72
N ALA F 34 -11.70 7.50 26.46
CA ALA F 34 -10.85 8.00 25.38
C ALA F 34 -10.69 9.49 25.41
N ARG F 35 -11.67 10.21 25.96
CA ARG F 35 -11.55 11.67 25.97
C ARG F 35 -10.65 12.22 27.06
N MET F 36 -9.81 11.42 27.71
CA MET F 36 -8.96 11.96 28.76
C MET F 36 -7.66 12.53 28.19
N GLY F 37 -6.94 11.74 27.40
CA GLY F 37 -5.62 12.16 27.02
C GLY F 37 -5.51 12.88 25.68
N LEU F 38 -6.47 12.67 24.79
CA LEU F 38 -6.29 13.03 23.39
C LEU F 38 -7.01 14.29 22.96
N ALA F 39 -8.19 14.55 23.53
CA ALA F 39 -9.02 15.72 23.22
C ALA F 39 -9.35 15.80 21.74
N HIS F 40 -9.50 14.63 21.12
CA HIS F 40 -9.93 14.59 19.75
C HIS F 40 -11.19 13.76 19.65
N PRO F 41 -12.13 14.21 18.85
CA PRO F 41 -13.28 13.37 18.53
C PRO F 41 -12.91 12.21 17.62
N TRP F 42 -13.91 11.56 17.09
CA TRP F 42 -13.65 10.41 16.25
C TRP F 42 -13.28 10.88 14.84
N GLY F 43 -13.10 9.94 13.91
CA GLY F 43 -12.64 10.29 12.57
C GLY F 43 -12.79 9.16 11.57
N VAL F 44 -11.79 8.95 10.71
CA VAL F 44 -11.82 7.92 9.68
C VAL F 44 -10.69 6.94 9.95
N VAL F 45 -11.00 5.65 9.92
CA VAL F 45 -9.96 4.64 10.01
C VAL F 45 -9.56 4.14 8.62
N ALA F 46 -10.53 3.75 7.80
CA ALA F 46 -10.25 3.27 6.45
C ALA F 46 -11.44 3.56 5.55
N ALA F 47 -11.16 3.98 4.33
CA ALA F 47 -12.20 4.32 3.38
C ALA F 47 -11.69 4.01 1.99
N GLU F 48 -12.12 2.89 1.42
CA GLU F 48 -11.63 2.41 0.14
C GLU F 48 -12.79 2.29 -0.83
N PHE F 49 -12.66 2.95 -1.98
CA PHE F 49 -13.68 2.87 -3.01
C PHE F 49 -13.17 2.07 -4.20
N ASP F 50 -14.00 2.01 -5.25
CA ASP F 50 -13.75 1.18 -6.43
C ASP F 50 -13.48 2.10 -7.62
N ASP F 51 -12.42 1.80 -8.37
CA ASP F 51 -11.98 2.70 -9.42
C ASP F 51 -12.39 2.23 -10.81
N SER F 52 -12.62 0.94 -11.00
CA SER F 52 -13.00 0.46 -12.33
C SER F 52 -14.45 0.82 -12.68
N LEU F 53 -15.22 1.30 -11.73
CA LEU F 53 -16.60 1.70 -11.97
C LEU F 53 -16.75 3.19 -12.21
N LEU F 54 -15.64 3.94 -12.20
CA LEU F 54 -15.73 5.40 -12.34
C LEU F 54 -16.09 5.90 -13.73
N PRO F 55 -15.46 5.47 -14.83
CA PRO F 55 -15.80 6.11 -16.11
C PRO F 55 -17.13 5.67 -16.71
N LEU F 56 -17.88 4.80 -16.04
CA LEU F 56 -19.17 4.31 -16.53
C LEU F 56 -20.24 4.75 -15.55
N SER F 57 -20.20 6.03 -15.18
CA SER F 57 -20.31 6.54 -13.81
C SER F 57 -21.28 5.81 -12.87
N ARG F 58 -20.70 5.22 -11.83
CA ARG F 58 -21.36 4.82 -10.61
C ARG F 58 -20.36 5.02 -9.49
N LEU F 59 -20.74 4.68 -8.27
CA LEU F 59 -19.81 4.74 -7.14
C LEU F 59 -20.17 3.65 -6.15
N ASN F 60 -19.32 2.63 -6.07
CA ASN F 60 -19.53 1.52 -5.15
C ASN F 60 -18.47 1.59 -4.06
N ALA F 61 -18.83 1.14 -2.87
CA ALA F 61 -17.96 1.19 -1.71
C ALA F 61 -17.55 -0.21 -1.28
N THR F 62 -16.37 -0.31 -0.67
CA THR F 62 -15.85 -1.59 -0.23
C THR F 62 -15.60 -1.66 1.27
N ARG F 63 -14.83 -0.74 1.84
CA ARG F 63 -14.54 -0.76 3.26
C ARG F 63 -14.76 0.63 3.83
N LEU F 64 -15.69 0.75 4.77
CA LEU F 64 -16.00 2.04 5.39
C LEU F 64 -15.96 1.89 6.90
N ILE F 65 -14.76 2.01 7.48
CA ILE F 65 -14.63 2.05 8.94
C ILE F 65 -14.53 3.53 9.31
N VAL F 66 -15.68 4.15 9.52
CA VAL F 66 -15.76 5.57 9.80
C VAL F 66 -16.30 5.75 11.21
N ARG F 67 -15.64 6.58 12.00
CA ARG F 67 -16.00 6.80 13.39
C ARG F 67 -16.62 8.19 13.54
N PHE F 68 -17.87 8.24 13.95
CA PHE F 68 -18.67 9.44 14.11
C PHE F 68 -18.43 10.07 15.47
N PRO F 69 -18.60 11.40 15.61
CA PRO F 69 -18.14 12.07 16.83
C PRO F 69 -18.90 11.72 18.10
N ASP F 70 -20.10 11.16 18.02
CA ASP F 70 -20.89 10.89 19.20
C ASP F 70 -20.61 9.52 19.82
N GLY F 71 -19.53 8.86 19.42
CA GLY F 71 -19.18 7.57 19.96
C GLY F 71 -19.55 6.37 19.12
N THR F 72 -20.21 6.56 17.98
CA THR F 72 -20.71 5.46 17.18
C THR F 72 -19.60 4.81 16.38
N LEU F 73 -19.61 3.48 16.32
CA LEU F 73 -18.65 2.70 15.54
C LEU F 73 -19.32 2.08 14.33
N ILE F 74 -19.00 2.60 13.14
CA ILE F 74 -19.44 2.04 11.88
C ILE F 74 -18.34 1.14 11.34
N ASP F 75 -18.66 -0.13 11.12
CA ASP F 75 -17.69 -1.10 10.67
C ASP F 75 -18.36 -2.02 9.67
N THR F 76 -17.72 -2.19 8.51
CA THR F 76 -18.33 -2.94 7.42
C THR F 76 -17.85 -4.37 7.29
N GLU F 77 -16.69 -4.70 7.85
CA GLU F 77 -16.29 -6.10 7.88
C GLU F 77 -17.06 -6.91 8.91
N ARG F 78 -17.66 -6.25 9.90
CA ARG F 78 -18.23 -6.95 11.04
C ARG F 78 -19.66 -6.57 11.35
N ALA F 79 -20.31 -5.72 10.55
CA ALA F 79 -21.71 -5.41 10.82
C ALA F 79 -22.56 -5.24 9.57
N ASP F 80 -22.01 -5.48 8.37
CA ASP F 80 -22.73 -5.57 7.08
C ASP F 80 -23.48 -4.28 6.75
N ASN F 81 -22.72 -3.21 6.55
CA ASN F 81 -23.30 -1.89 6.36
C ASN F 81 -22.71 -1.31 5.08
N LEU F 82 -23.28 -1.65 3.93
CA LEU F 82 -22.84 -1.00 2.72
C LEU F 82 -23.95 -0.13 2.18
N PRO F 83 -23.72 1.17 2.02
CA PRO F 83 -24.73 2.05 1.48
C PRO F 83 -25.00 1.73 0.02
N PRO F 84 -26.19 2.04 -0.50
CA PRO F 84 -26.49 1.73 -1.89
C PRO F 84 -25.68 2.62 -2.84
N VAL F 85 -25.72 2.24 -4.11
CA VAL F 85 -24.78 2.76 -5.09
C VAL F 85 -25.14 4.20 -5.43
N CYS F 86 -24.13 5.07 -5.41
CA CYS F 86 -24.33 6.50 -5.62
C CYS F 86 -24.44 6.80 -7.10
N ASP F 87 -25.56 7.41 -7.51
CA ASP F 87 -25.71 7.86 -8.88
C ASP F 87 -24.80 9.07 -9.12
N LEU F 88 -24.40 9.25 -10.38
CA LEU F 88 -23.65 10.44 -10.78
C LEU F 88 -24.17 11.07 -12.06
N SER F 89 -25.29 10.58 -12.62
CA SER F 89 -25.87 11.26 -13.76
C SER F 89 -26.65 12.51 -13.36
N THR F 90 -26.92 12.69 -12.07
CA THR F 90 -27.65 13.84 -11.57
C THR F 90 -26.78 15.08 -11.45
N VAL F 91 -25.49 14.96 -11.77
CA VAL F 91 -24.55 16.08 -11.69
C VAL F 91 -23.98 16.32 -13.08
N SER F 92 -24.42 17.40 -13.72
CA SER F 92 -23.73 17.95 -14.88
C SER F 92 -22.80 19.08 -14.48
N ASP F 93 -22.80 19.46 -13.22
CA ASP F 93 -21.89 20.46 -12.68
C ASP F 93 -20.50 19.83 -12.61
N ARG F 94 -19.70 20.04 -13.66
CA ARG F 94 -18.45 19.31 -13.82
C ARG F 94 -17.26 20.00 -13.17
N SER F 95 -17.49 20.93 -12.25
CA SER F 95 -16.38 21.52 -11.53
C SER F 95 -15.69 20.48 -10.66
N LEU F 96 -16.39 20.04 -9.62
CA LEU F 96 -15.96 19.04 -8.66
C LEU F 96 -17.14 18.78 -7.73
N VAL F 97 -17.18 17.59 -7.17
CA VAL F 97 -18.22 17.20 -6.24
C VAL F 97 -17.53 16.53 -5.06
N ASP F 98 -18.19 16.55 -3.90
CA ASP F 98 -17.60 16.05 -2.67
C ASP F 98 -18.56 15.07 -2.01
N ILE F 99 -18.16 13.80 -1.96
CA ILE F 99 -18.98 12.73 -1.42
C ILE F 99 -18.78 12.70 0.09
N VAL F 100 -19.88 12.59 0.83
CA VAL F 100 -19.86 12.63 2.29
C VAL F 100 -20.82 11.58 2.82
N LEU F 101 -20.42 10.89 3.90
CA LEU F 101 -21.23 9.85 4.52
C LEU F 101 -22.12 10.47 5.60
N ALA F 102 -23.33 9.93 5.74
CA ALA F 102 -24.33 10.55 6.61
C ALA F 102 -25.05 9.50 7.44
N LEU F 103 -25.71 9.98 8.51
CA LEU F 103 -26.46 9.17 9.47
C LEU F 103 -27.41 10.06 10.27
N PRO F 104 -28.70 9.76 10.34
CA PRO F 104 -29.66 10.69 10.95
C PRO F 104 -29.63 10.68 12.47
N LEU F 105 -30.42 11.57 13.07
CA LEU F 105 -30.24 11.96 14.47
C LEU F 105 -31.42 11.65 15.40
N LEU F 106 -32.62 12.07 15.01
CA LEU F 106 -33.65 12.59 15.93
C LEU F 106 -34.32 11.48 16.73
N ASN F 107 -33.76 11.18 17.89
CA ASN F 107 -34.25 10.09 18.72
C ASN F 107 -34.56 10.53 20.14
N ALA F 108 -35.29 11.63 20.31
CA ALA F 108 -35.76 11.98 21.64
C ALA F 108 -37.12 11.39 21.94
N ASN F 109 -37.91 11.15 20.90
CA ASN F 109 -39.24 10.57 21.03
C ASN F 109 -39.37 9.38 20.11
N GLY F 110 -38.23 8.81 19.71
CA GLY F 110 -38.20 7.70 18.77
C GLY F 110 -37.51 7.96 17.46
N GLY F 111 -36.25 7.51 17.39
CA GLY F 111 -35.60 7.22 16.13
C GLY F 111 -35.74 5.73 15.93
N ASN F 112 -36.61 5.33 15.03
CA ASN F 112 -37.21 4.01 15.08
C ASN F 112 -37.26 3.46 13.66
N LEU F 113 -38.09 2.46 13.42
CA LEU F 113 -38.38 2.05 12.05
C LEU F 113 -39.77 1.42 11.98
N ASP F 114 -40.58 1.94 11.07
CA ASP F 114 -41.86 1.34 10.68
C ASP F 114 -41.93 1.52 9.17
N ASN F 115 -41.79 0.42 8.42
CA ASN F 115 -41.57 0.53 6.99
C ASN F 115 -42.83 0.90 6.21
N GLY F 116 -44.00 0.81 6.81
CA GLY F 116 -45.18 1.22 6.11
C GLY F 116 -45.57 2.67 6.29
N SER F 117 -44.78 3.45 7.02
CA SER F 117 -45.11 4.84 7.31
C SER F 117 -44.07 5.75 6.71
N GLU F 118 -44.53 6.81 6.08
CA GLU F 118 -43.65 7.73 5.38
C GLU F 118 -43.68 9.10 6.04
N SER F 119 -42.50 9.72 6.10
CA SER F 119 -42.31 10.95 6.83
C SER F 119 -41.17 11.73 6.21
N GLU F 120 -41.11 13.03 6.53
CA GLU F 120 -40.00 13.86 6.14
C GLU F 120 -38.82 13.75 7.10
N ARG F 121 -38.99 13.04 8.20
CA ARG F 121 -37.97 12.89 9.22
C ARG F 121 -37.27 11.55 9.04
N PRO F 122 -35.96 11.54 8.85
CA PRO F 122 -35.26 10.27 8.60
C PRO F 122 -35.16 9.44 9.87
N ARG F 123 -34.74 8.19 9.69
CA ARG F 123 -34.65 7.23 10.78
C ARG F 123 -33.32 6.51 10.68
N ARG F 124 -32.74 6.15 11.82
CA ARG F 124 -31.37 5.65 11.86
C ARG F 124 -31.24 4.19 12.24
N TRP F 125 -32.33 3.45 12.39
CA TRP F 125 -32.27 2.03 12.69
C TRP F 125 -33.03 1.22 11.65
N LYS F 126 -32.53 0.01 11.38
CA LYS F 126 -33.20 -0.99 10.58
C LYS F 126 -32.98 -2.36 11.20
N SER F 127 -33.73 -3.35 10.73
CA SER F 127 -33.66 -4.69 11.30
C SER F 127 -33.57 -5.73 10.21
N GLU F 128 -32.77 -6.76 10.45
CA GLU F 128 -32.64 -7.89 9.54
C GLU F 128 -32.75 -9.18 10.31
N ARG F 129 -33.03 -10.28 9.60
CA ARG F 129 -33.24 -11.58 10.21
C ARG F 129 -32.20 -12.56 9.69
N VAL F 130 -31.25 -12.93 10.54
CA VAL F 130 -30.19 -13.86 10.18
C VAL F 130 -30.17 -15.01 11.17
N ASN F 131 -29.21 -15.91 11.00
CA ASN F 131 -29.09 -17.12 11.80
C ASN F 131 -27.72 -17.14 12.47
N VAL F 132 -27.66 -16.65 13.69
CA VAL F 132 -26.42 -16.54 14.43
C VAL F 132 -26.24 -17.83 15.21
N GLN F 133 -25.04 -18.40 15.19
CA GLN F 133 -24.84 -19.66 15.87
C GLN F 133 -24.59 -19.42 17.35
N GLU F 134 -25.17 -20.27 18.18
CA GLU F 134 -24.79 -20.32 19.58
C GLU F 134 -23.33 -20.72 19.70
N LEU F 135 -22.62 -20.08 20.62
CA LEU F 135 -21.22 -20.36 20.83
C LEU F 135 -21.00 -21.37 21.95
N ALA F 136 -21.85 -22.39 22.01
CA ALA F 136 -21.69 -23.49 22.94
C ALA F 136 -21.96 -24.86 22.32
N GLY F 137 -22.03 -24.98 20.99
CA GLY F 137 -22.05 -26.26 20.31
C GLY F 137 -23.37 -26.70 19.71
N HIS F 138 -24.45 -25.97 19.95
CA HIS F 138 -25.78 -26.38 19.56
C HIS F 138 -26.10 -25.88 18.15
N GLU F 139 -27.39 -25.92 17.82
CA GLU F 139 -27.88 -25.40 16.55
C GLU F 139 -28.13 -23.90 16.66
N GLN F 140 -28.28 -23.26 15.52
CA GLN F 140 -28.59 -21.84 15.46
C GLN F 140 -30.09 -21.62 15.28
N SER F 141 -30.48 -20.35 15.32
CA SER F 141 -31.88 -19.96 15.20
C SER F 141 -31.93 -18.53 14.67
N GLU F 142 -33.13 -18.00 14.52
CA GLU F 142 -33.35 -16.79 13.74
C GLU F 142 -33.71 -15.60 14.63
N VAL F 143 -32.79 -14.64 14.72
CA VAL F 143 -32.98 -13.49 15.60
C VAL F 143 -33.07 -12.24 14.74
N ALA F 144 -33.24 -11.08 15.38
CA ALA F 144 -33.35 -9.81 14.68
C ALA F 144 -32.20 -8.92 15.13
N VAL F 145 -31.22 -8.71 14.25
CA VAL F 145 -30.09 -7.87 14.57
C VAL F 145 -30.32 -6.50 13.94
N LEU F 146 -29.58 -5.50 14.42
CA LEU F 146 -29.78 -4.13 13.95
C LEU F 146 -28.77 -3.78 12.87
N ARG F 147 -29.20 -2.95 11.94
CA ARG F 147 -28.41 -2.51 10.81
C ARG F 147 -28.63 -1.02 10.63
N HIS F 148 -27.54 -0.28 10.54
CA HIS F 148 -27.65 1.18 10.42
C HIS F 148 -28.12 1.59 9.05
N ASN F 149 -28.82 2.73 9.02
CA ASN F 149 -29.35 3.26 7.77
C ASN F 149 -28.41 4.34 7.24
N LEU F 150 -27.22 3.89 6.84
CA LEU F 150 -26.24 4.78 6.26
C LEU F 150 -26.62 5.15 4.83
N THR F 151 -26.04 6.24 4.36
CA THR F 151 -26.31 6.73 3.02
C THR F 151 -25.18 7.62 2.57
N LEU F 152 -25.14 7.87 1.26
CA LEU F 152 -24.09 8.67 0.62
C LEU F 152 -24.70 9.91 0.00
N ARG F 153 -24.31 11.07 0.50
CA ARG F 153 -24.85 12.33 0.04
C ARG F 153 -23.72 13.22 -0.43
N MET F 154 -24.09 14.38 -0.96
CA MET F 154 -23.14 15.33 -1.50
C MET F 154 -23.22 16.64 -0.73
N ALA F 155 -22.07 17.32 -0.63
CA ALA F 155 -21.97 18.47 0.27
C ALA F 155 -22.76 19.67 -0.21
N HIS F 156 -23.00 19.79 -1.51
CA HIS F 156 -23.67 20.96 -2.05
C HIS F 156 -25.19 20.85 -2.00
N GLN F 157 -25.71 19.81 -1.37
CA GLN F 157 -27.13 19.68 -1.11
C GLN F 157 -27.45 20.30 0.24
N GLU F 158 -28.63 20.00 0.78
CA GLU F 158 -28.97 20.32 2.15
C GLU F 158 -28.69 19.12 3.04
N ASN F 159 -28.00 19.34 4.15
CA ASN F 159 -27.62 18.27 5.06
C ASN F 159 -27.86 18.67 6.52
N ALA F 160 -29.07 19.14 6.81
CA ALA F 160 -29.40 19.55 8.17
C ALA F 160 -29.50 18.37 9.13
N ALA F 161 -30.41 17.44 8.85
CA ALA F 161 -30.79 16.45 9.86
C ALA F 161 -29.78 15.34 10.04
N TRP F 162 -28.78 15.25 9.18
CA TRP F 162 -27.82 14.16 9.24
C TRP F 162 -26.62 14.54 10.10
N LEU F 163 -25.67 13.62 10.18
CA LEU F 163 -24.49 13.72 11.03
C LEU F 163 -23.32 13.23 10.19
N THR F 164 -22.54 14.15 9.64
CA THR F 164 -21.73 13.86 8.48
C THR F 164 -20.24 13.71 8.80
N CYS F 165 -19.52 13.13 7.83
CA CYS F 165 -18.07 13.01 7.81
C CYS F 165 -17.61 12.84 6.36
N PRO F 166 -16.77 13.72 5.83
CA PRO F 166 -16.42 13.65 4.40
C PRO F 166 -15.43 12.53 4.11
N VAL F 167 -15.61 11.88 2.96
CA VAL F 167 -14.81 10.69 2.67
C VAL F 167 -13.98 10.79 1.40
N THR F 168 -14.43 11.51 0.36
CA THR F 168 -13.67 11.56 -0.88
C THR F 168 -14.10 12.76 -1.73
N ARG F 169 -13.36 12.96 -2.81
CA ARG F 169 -13.51 14.11 -3.70
C ARG F 169 -13.36 13.65 -5.14
N LEU F 170 -14.27 14.09 -6.00
CA LEU F 170 -14.24 13.74 -7.41
C LEU F 170 -14.05 14.98 -8.28
N VAL F 171 -13.24 14.84 -9.33
CA VAL F 171 -13.03 15.90 -10.30
C VAL F 171 -13.34 15.37 -11.69
N ARG F 172 -13.30 16.27 -12.66
CA ARG F 172 -13.56 15.93 -14.06
C ARG F 172 -12.25 15.93 -14.82
N ASP F 173 -12.13 15.00 -15.77
CA ASP F 173 -10.88 14.75 -16.46
C ASP F 173 -11.05 15.08 -17.94
N ALA F 174 -9.93 14.99 -18.70
CA ALA F 174 -9.81 15.60 -20.02
C ALA F 174 -10.75 14.97 -21.06
N GLN F 175 -10.89 13.64 -21.06
CA GLN F 175 -11.84 13.01 -21.96
C GLN F 175 -13.28 13.13 -21.51
N GLY F 176 -13.53 13.79 -20.38
CA GLY F 176 -14.89 13.91 -19.87
C GLY F 176 -15.29 12.85 -18.89
N GLN F 177 -14.33 12.28 -18.16
CA GLN F 177 -14.62 11.26 -17.18
C GLN F 177 -14.54 11.85 -15.78
N TRP F 178 -14.78 11.00 -14.79
CA TRP F 178 -14.59 11.36 -13.39
C TRP F 178 -13.37 10.64 -12.85
N CYS F 179 -12.60 11.33 -12.01
CA CYS F 179 -11.49 10.67 -11.33
C CYS F 179 -11.28 11.30 -9.97
N ARG F 180 -10.44 10.67 -9.18
CA ARG F 180 -10.26 11.00 -7.77
C ARG F 180 -9.01 11.83 -7.57
N ASP F 181 -9.13 12.90 -6.80
CA ASP F 181 -7.91 13.60 -6.45
C ASP F 181 -7.10 12.78 -5.46
N PRO F 182 -5.78 12.70 -5.64
CA PRO F 182 -4.91 12.24 -4.56
C PRO F 182 -4.54 13.30 -3.54
N ARG F 183 -5.25 14.44 -3.50
CA ARG F 183 -4.78 15.56 -2.70
C ARG F 183 -5.65 15.85 -1.49
N PHE F 184 -6.89 15.37 -1.47
CA PHE F 184 -7.72 15.59 -0.29
C PHE F 184 -7.23 14.69 0.84
N ILE F 185 -7.41 15.15 2.06
CA ILE F 185 -7.23 14.28 3.23
C ILE F 185 -8.45 14.42 4.13
N PRO F 186 -9.03 13.31 4.58
CA PRO F 186 -10.14 13.39 5.54
C PRO F 186 -9.62 13.65 6.94
N PRO F 187 -10.48 13.92 7.91
CA PRO F 187 -10.05 13.80 9.31
C PRO F 187 -9.80 12.35 9.66
N LEU F 188 -8.69 12.10 10.33
CA LEU F 188 -8.12 10.76 10.44
C LEU F 188 -7.85 10.38 11.88
N LEU F 189 -8.36 9.23 12.30
CA LEU F 189 -7.89 8.63 13.54
C LEU F 189 -6.61 7.85 13.36
N THR F 190 -6.14 7.71 12.12
CA THR F 190 -4.96 6.92 11.85
C THR F 190 -4.27 7.44 10.61
N LEU F 191 -2.97 7.23 10.56
CA LEU F 191 -2.20 7.58 9.39
C LEU F 191 -2.38 6.60 8.25
N SER F 192 -2.94 5.42 8.50
CA SER F 192 -2.96 4.37 7.50
C SER F 192 -3.96 4.65 6.39
N ALA F 193 -5.02 5.40 6.66
CA ALA F 193 -5.83 5.90 5.57
C ALA F 193 -5.12 7.06 4.89
N SER F 194 -5.54 7.36 3.65
CA SER F 194 -5.00 8.39 2.77
C SER F 194 -3.49 8.23 2.60
N PRO F 195 -3.03 7.28 1.78
CA PRO F 195 -1.60 6.92 1.77
C PRO F 195 -0.68 7.97 1.17
N SER F 196 -1.20 9.01 0.53
CA SER F 196 -0.37 10.10 0.04
C SER F 196 0.36 10.81 1.17
N LEU F 197 -0.30 10.91 2.33
CA LEU F 197 0.32 11.47 3.51
C LEU F 197 1.49 10.61 3.98
N MET F 198 1.30 9.29 3.99
CA MET F 198 2.39 8.38 4.32
C MET F 198 3.55 8.50 3.36
N THR F 199 3.27 8.67 2.06
CA THR F 199 4.34 8.83 1.08
C THR F 199 5.14 10.10 1.32
N GLU F 200 4.45 11.23 1.55
CA GLU F 200 5.14 12.49 1.82
C GLU F 200 5.96 12.42 3.10
N LEU F 201 5.41 11.83 4.16
CA LEU F 201 6.11 11.81 5.44
C LEU F 201 7.30 10.85 5.41
N LEU F 202 7.21 9.78 4.63
CA LEU F 202 8.38 8.91 4.52
C LEU F 202 9.48 9.57 3.69
N GLU F 203 9.10 10.28 2.63
CA GLU F 203 10.09 11.02 1.86
C GLU F 203 10.75 12.13 2.68
N LEU F 204 10.02 12.69 3.65
CA LEU F 204 10.61 13.64 4.58
C LEU F 204 11.71 13.02 5.41
N LEU F 205 11.49 11.80 5.90
CA LEU F 205 12.52 11.14 6.70
C LEU F 205 13.71 10.72 5.85
N HIS F 206 13.49 10.39 4.58
CA HIS F 206 14.64 10.06 3.75
C HIS F 206 15.46 11.31 3.42
N HIS F 207 14.78 12.44 3.18
CA HIS F 207 15.48 13.70 3.03
C HIS F 207 16.17 14.13 4.32
N LEU F 208 15.67 13.66 5.46
CA LEU F 208 16.35 13.92 6.72
C LEU F 208 17.63 13.11 6.85
N GLN F 209 17.55 11.81 6.61
CA GLN F 209 18.72 10.96 6.79
C GLN F 209 19.79 11.19 5.72
N ALA F 210 19.44 11.83 4.61
CA ALA F 210 20.48 12.19 3.65
C ALA F 210 21.42 13.25 4.20
N ARG F 211 20.90 14.18 5.00
CA ARG F 211 21.68 15.37 5.38
C ARG F 211 22.68 15.08 6.49
N ARG F 212 22.35 14.14 7.38
CA ARG F 212 23.18 13.83 8.53
C ARG F 212 24.54 13.31 8.13
N GLN F 213 24.60 12.48 7.10
CA GLN F 213 25.88 11.92 6.72
C GLN F 213 26.76 12.93 6.03
N ARG F 214 26.18 13.88 5.30
CA ARG F 214 26.99 14.96 4.75
C ARG F 214 27.54 15.85 5.86
N LEU F 215 26.78 16.08 6.93
CA LEU F 215 27.35 16.88 8.01
C LEU F 215 28.38 16.11 8.82
N MET F 216 28.20 14.80 8.98
CA MET F 216 29.25 14.02 9.64
C MET F 216 30.50 13.96 8.77
N SER F 217 30.33 14.00 7.45
CA SER F 217 31.45 14.13 6.54
C SER F 217 32.17 15.47 6.71
N MET F 218 31.42 16.56 6.84
CA MET F 218 32.03 17.87 7.08
C MET F 218 32.70 17.93 8.44
N ARG F 219 32.24 17.13 9.40
CA ARG F 219 32.95 17.03 10.67
C ARG F 219 34.23 16.21 10.52
N ARG F 220 34.19 15.20 9.66
CA ARG F 220 35.38 14.40 9.38
C ARG F 220 36.41 15.14 8.54
N GLU F 221 36.00 16.19 7.84
CA GLU F 221 36.92 16.96 7.01
C GLU F 221 37.92 17.78 7.83
N ASN F 222 37.51 18.28 9.00
CA ASN F 222 38.37 19.13 9.80
C ASN F 222 38.88 18.48 11.07
N ASN F 223 38.22 17.42 11.56
CA ASN F 223 38.57 16.70 12.80
C ASN F 223 38.61 17.65 14.00
N ALA F 224 37.44 18.21 14.33
CA ALA F 224 37.30 19.06 15.50
C ALA F 224 37.24 18.19 16.75
N ARG F 225 38.42 17.72 17.18
CA ARG F 225 38.60 17.13 18.50
C ARG F 225 39.13 18.17 19.48
N LEU F 226 38.77 19.42 19.28
CA LEU F 226 39.49 20.58 19.81
C LEU F 226 38.54 21.78 19.78
N ALA F 227 39.10 22.98 19.90
CA ALA F 227 38.31 24.21 19.80
C ALA F 227 38.62 24.92 18.49
N ASP F 228 37.57 25.23 17.72
CA ASP F 228 37.79 25.82 16.41
C ASP F 228 37.81 27.34 16.42
N PHE F 229 37.20 27.96 17.44
CA PHE F 229 37.14 29.42 17.63
C PHE F 229 36.49 30.08 16.41
N ALA F 230 35.26 29.66 16.15
CA ALA F 230 34.54 30.08 14.96
C ALA F 230 33.05 29.86 15.20
N VAL F 231 32.24 30.37 14.27
CA VAL F 231 30.81 30.10 14.28
C VAL F 231 30.47 28.83 13.51
N ALA F 232 31.43 28.30 12.74
CA ALA F 232 31.19 27.12 11.92
C ALA F 232 30.92 25.89 12.78
N ASP F 233 31.71 25.66 13.82
CA ASP F 233 31.50 24.44 14.59
C ASP F 233 30.30 24.54 15.52
N VAL F 234 29.97 25.74 16.00
CA VAL F 234 28.77 25.85 16.82
C VAL F 234 27.52 25.70 15.95
N SER F 235 27.54 26.20 14.70
CA SER F 235 26.43 25.94 13.78
C SER F 235 26.36 24.46 13.41
N LEU F 236 27.50 23.81 13.27
CA LEU F 236 27.53 22.39 12.94
C LEU F 236 27.02 21.54 14.10
N PHE F 237 27.50 21.80 15.32
CA PHE F 237 27.03 21.07 16.49
C PHE F 237 25.56 21.36 16.76
N TRP F 238 25.11 22.58 16.46
CA TRP F 238 23.72 22.94 16.63
C TRP F 238 22.83 22.16 15.68
N LEU F 239 23.23 22.08 14.41
CA LEU F 239 22.37 21.40 13.44
C LEU F 239 22.41 19.89 13.65
N LEU F 240 23.55 19.34 14.08
CA LEU F 240 23.57 17.94 14.45
C LEU F 240 22.76 17.67 15.71
N ASN F 241 22.72 18.62 16.64
CA ASN F 241 21.84 18.47 17.80
C ASN F 241 20.38 18.52 17.42
N ALA F 242 20.04 19.34 16.42
CA ALA F 242 18.67 19.36 15.96
C ALA F 242 18.29 18.10 15.22
N LEU F 243 19.24 17.47 14.52
CA LEU F 243 18.91 16.28 13.74
C LEU F 243 18.96 14.98 14.51
N ASN F 244 19.94 14.80 15.39
CA ASN F 244 20.14 13.50 16.02
C ASN F 244 19.06 13.13 17.02
N SER F 245 18.20 14.07 17.41
CA SER F 245 17.11 13.74 18.32
C SER F 245 15.84 13.36 17.60
N ALA F 246 15.55 14.02 16.48
CA ALA F 246 14.29 13.80 15.78
C ALA F 246 14.20 12.44 15.13
N GLU F 247 15.32 11.89 14.64
CA GLU F 247 15.29 10.60 13.96
C GLU F 247 14.88 9.44 14.86
N PRO F 248 15.45 9.21 16.04
CA PRO F 248 15.02 8.06 16.84
C PRO F 248 13.67 8.24 17.54
N VAL F 249 12.91 9.29 17.20
CA VAL F 249 11.53 9.43 17.61
C VAL F 249 10.60 9.32 16.40
N LEU F 250 10.95 10.01 15.32
CA LEU F 250 10.15 9.96 14.09
C LEU F 250 10.24 8.64 13.37
N LYS F 251 11.18 7.76 13.70
CA LYS F 251 11.17 6.46 13.04
C LYS F 251 10.05 5.57 13.56
N GLU F 252 9.90 5.51 14.89
CA GLU F 252 8.96 4.58 15.52
C GLU F 252 7.51 4.95 15.26
N LEU F 253 7.22 6.22 15.03
CA LEU F 253 5.85 6.59 14.71
C LEU F 253 5.49 6.13 13.31
N LEU F 254 6.38 6.36 12.35
CA LEU F 254 6.11 6.01 10.97
C LEU F 254 6.50 4.59 10.62
N ASP F 255 6.86 3.77 11.60
CA ASP F 255 6.84 2.33 11.34
C ASP F 255 5.44 1.76 11.40
N MET F 256 4.64 2.16 12.39
CA MET F 256 3.38 1.50 12.64
C MET F 256 2.21 2.40 12.26
N PRO F 257 1.08 1.81 11.88
CA PRO F 257 -0.13 2.62 11.69
C PRO F 257 -0.84 2.84 13.00
N TYR F 258 -2.03 3.43 12.94
CA TYR F 258 -3.03 3.52 14.01
C TYR F 258 -2.60 4.42 15.16
N ARG F 259 -1.50 5.17 15.01
CA ARG F 259 -1.27 6.30 15.90
C ARG F 259 -2.26 7.40 15.58
N HIS F 260 -2.57 8.16 16.55
CA HIS F 260 -3.36 9.35 16.28
C HIS F 260 -2.43 10.43 15.75
N PRO F 261 -2.88 11.27 14.81
CA PRO F 261 -1.96 12.23 14.18
C PRO F 261 -1.43 13.31 15.10
N GLU F 262 -2.02 13.51 16.28
CA GLU F 262 -1.55 14.54 17.19
C GLU F 262 -0.18 14.22 17.77
N LEU F 263 0.09 12.93 17.99
CA LEU F 263 1.40 12.47 18.43
C LEU F 263 2.48 12.77 17.41
N LEU F 264 2.12 12.83 16.12
CA LEU F 264 3.08 13.20 15.10
C LEU F 264 3.15 14.71 14.92
N TYR F 265 2.02 15.40 15.11
CA TYR F 265 1.99 16.84 14.97
C TYR F 265 2.83 17.53 16.04
N ARG F 266 2.84 16.99 17.26
CA ARG F 266 3.69 17.61 18.29
C ARG F 266 5.17 17.45 17.97
N GLU F 267 5.55 16.31 17.41
CA GLU F 267 6.95 16.09 17.07
C GLU F 267 7.41 16.98 15.92
N LEU F 268 6.58 17.10 14.88
CA LEU F 268 6.94 17.96 13.77
C LEU F 268 6.91 19.43 14.18
N ALA F 269 5.99 19.82 15.06
CA ALA F 269 5.98 21.18 15.55
C ALA F 269 7.19 21.52 16.39
N ARG F 270 7.66 20.59 17.24
CA ARG F 270 8.87 20.83 18.02
C ARG F 270 10.09 20.92 17.12
N LEU F 271 10.19 20.06 16.09
CA LEU F 271 11.35 20.10 15.22
C LEU F 271 11.35 21.35 14.35
N ALA F 272 10.20 21.73 13.81
CA ALA F 272 10.11 22.94 13.02
C ALA F 272 10.27 24.19 13.88
N GLY F 273 10.04 24.08 15.17
CA GLY F 273 10.47 25.16 16.03
C GLY F 273 11.95 25.24 16.24
N SER F 274 12.61 24.11 16.48
CA SER F 274 14.03 24.15 16.79
C SER F 274 14.92 24.42 15.58
N LEU F 275 14.43 24.18 14.38
CA LEU F 275 15.20 24.48 13.17
C LEU F 275 15.04 25.92 12.69
N LEU F 276 14.29 26.75 13.41
CA LEU F 276 13.90 28.06 12.90
C LEU F 276 14.55 29.19 13.71
N THR F 277 15.80 29.04 14.11
CA THR F 277 16.43 30.12 14.86
C THR F 277 16.92 31.24 13.96
N PHE F 278 17.31 30.94 12.73
CA PHE F 278 18.06 31.94 11.96
C PHE F 278 17.69 32.05 10.49
N SER F 279 17.01 31.07 9.90
CA SER F 279 17.11 30.86 8.47
C SER F 279 16.13 31.72 7.67
N LEU F 280 14.84 31.52 7.86
CA LEU F 280 13.87 32.32 7.12
C LEU F 280 13.60 33.62 7.84
N GLU F 281 12.99 34.54 7.10
CA GLU F 281 12.38 35.72 7.70
C GLU F 281 11.07 35.41 8.40
N HIS F 282 10.57 34.17 8.26
CA HIS F 282 9.43 33.70 9.02
C HIS F 282 9.69 33.71 10.51
N ASN F 283 8.66 34.00 11.27
CA ASN F 283 8.68 33.83 12.71
C ASN F 283 8.12 32.43 13.00
N VAL F 284 7.79 32.13 14.27
CA VAL F 284 7.12 30.88 14.62
C VAL F 284 5.69 30.84 14.13
N ASP F 285 5.18 31.96 13.59
CA ASP F 285 3.87 32.01 12.94
C ASP F 285 3.78 31.05 11.76
N ALA F 286 4.91 30.75 11.13
CA ALA F 286 4.93 29.83 10.00
C ALA F 286 4.57 28.42 10.41
N VAL F 287 4.77 28.05 11.66
CA VAL F 287 4.30 26.76 12.17
C VAL F 287 2.79 26.85 12.28
N PRO F 288 2.03 26.09 11.51
CA PRO F 288 0.59 26.33 11.40
C PRO F 288 -0.21 25.67 12.51
N ALA F 289 -1.41 26.21 12.72
CA ALA F 289 -2.28 25.75 13.78
C ALA F 289 -2.92 24.42 13.41
N TYR F 290 -3.38 23.70 14.42
CA TYR F 290 -3.92 22.37 14.22
C TYR F 290 -5.45 22.43 14.12
N HIS F 291 -5.99 21.83 13.06
CA HIS F 291 -7.37 22.02 12.62
C HIS F 291 -8.03 20.69 12.28
N HIS F 292 -8.04 19.74 13.22
CA HIS F 292 -8.56 18.39 12.96
C HIS F 292 -10.03 18.27 12.58
N GLU F 293 -10.74 19.40 12.53
CA GLU F 293 -12.06 19.43 11.91
C GLU F 293 -11.96 19.03 10.45
N THR F 294 -11.18 19.78 9.68
CA THR F 294 -10.81 19.44 8.32
C THR F 294 -9.35 19.83 8.16
N PRO F 295 -8.44 18.90 7.96
CA PRO F 295 -7.01 19.24 7.86
C PRO F 295 -6.61 19.81 6.51
N GLU F 296 -7.36 20.80 6.04
CA GLU F 296 -6.99 21.52 4.83
C GLU F 296 -5.77 22.35 5.14
N ASN F 297 -4.62 21.82 4.75
CA ASN F 297 -3.33 22.48 4.84
C ASN F 297 -2.97 22.81 6.29
N VAL F 298 -2.83 21.74 7.06
CA VAL F 298 -2.01 21.74 8.26
C VAL F 298 -0.74 20.92 8.06
N PHE F 299 -0.83 19.80 7.34
CA PHE F 299 0.34 19.01 6.97
C PHE F 299 1.09 19.48 5.72
N PRO F 300 0.47 19.84 4.59
CA PRO F 300 1.27 20.23 3.41
C PRO F 300 2.09 21.52 3.60
N PRO F 301 1.58 22.59 4.23
CA PRO F 301 2.49 23.73 4.44
C PRO F 301 3.54 23.46 5.49
N LEU F 302 3.25 22.62 6.47
CA LEU F 302 4.27 22.25 7.45
C LEU F 302 5.40 21.47 6.78
N LEU F 303 5.04 20.58 5.86
CA LEU F 303 6.07 19.84 5.13
C LEU F 303 6.82 20.75 4.16
N SER F 304 6.12 21.68 3.52
CA SER F 304 6.78 22.61 2.61
C SER F 304 7.66 23.60 3.37
N LEU F 305 7.35 23.84 4.64
CA LEU F 305 8.24 24.64 5.47
C LEU F 305 9.48 23.87 5.85
N LEU F 306 9.32 22.59 6.23
CA LEU F 306 10.47 21.80 6.63
C LEU F 306 11.45 21.56 5.48
N ASN F 307 10.92 21.30 4.29
CA ASN F 307 11.78 21.04 3.15
C ASN F 307 12.60 22.27 2.75
N ARG F 308 12.10 23.46 3.04
CA ARG F 308 12.91 24.64 2.79
C ARG F 308 13.81 24.98 3.96
N LEU F 309 13.47 24.55 5.17
CA LEU F 309 14.37 24.83 6.28
C LEU F 309 15.54 23.87 6.34
N LEU F 310 15.49 22.75 5.62
CA LEU F 310 16.57 21.78 5.69
C LEU F 310 17.71 22.01 4.69
N GLU F 311 17.90 23.23 4.19
CA GLU F 311 19.09 23.55 3.41
C GLU F 311 20.18 24.21 4.25
N ALA F 312 19.91 25.40 4.79
CA ALA F 312 20.52 25.93 6.02
C ALA F 312 22.05 26.02 5.96
N SER F 313 22.55 26.95 5.15
CA SER F 313 23.99 27.12 4.97
C SER F 313 24.67 27.57 6.27
N LEU F 314 25.99 27.38 6.31
CA LEU F 314 26.79 27.60 7.51
C LEU F 314 27.77 28.75 7.29
N PRO F 315 27.47 29.96 7.77
CA PRO F 315 28.12 31.21 7.33
C PRO F 315 29.44 31.64 7.98
N SER F 316 30.55 31.14 7.45
CA SER F 316 31.85 31.84 7.50
C SER F 316 32.37 31.79 6.07
N ARG F 317 31.93 32.75 5.26
CA ARG F 317 31.83 32.57 3.83
C ARG F 317 32.46 33.73 3.07
N VAL F 318 32.18 33.79 1.77
CA VAL F 318 32.85 34.72 0.85
C VAL F 318 31.95 34.90 -0.37
N VAL F 319 31.85 36.14 -0.86
CA VAL F 319 30.93 36.46 -1.95
C VAL F 319 31.43 35.87 -3.25
N PHE F 320 30.50 35.45 -4.09
CA PHE F 320 30.73 34.97 -5.46
C PHE F 320 29.74 35.73 -6.35
N ILE F 321 30.16 36.86 -6.91
CA ILE F 321 29.28 37.67 -7.74
C ILE F 321 29.86 37.75 -9.14
N GLU F 322 29.06 37.36 -10.13
CA GLU F 322 29.53 37.22 -11.50
C GLU F 322 29.40 38.56 -12.22
N LEU F 323 30.53 39.07 -12.70
CA LEU F 323 30.59 40.41 -13.28
C LEU F 323 30.06 40.34 -14.71
N LYS F 324 28.89 40.93 -14.94
CA LYS F 324 28.21 40.93 -16.22
C LYS F 324 28.24 42.32 -16.83
N GLN F 325 28.73 42.41 -18.07
CA GLN F 325 28.80 43.66 -18.79
C GLN F 325 28.96 43.35 -20.27
N LYS F 326 28.28 44.13 -21.12
CA LYS F 326 28.50 44.02 -22.55
C LYS F 326 29.93 44.38 -22.93
N GLY F 327 30.43 45.50 -22.41
CA GLY F 327 31.76 45.97 -22.72
C GLY F 327 32.84 45.12 -22.11
N VAL F 328 34.09 45.50 -22.41
CA VAL F 328 35.26 44.76 -21.93
C VAL F 328 35.53 44.98 -20.45
N MET F 329 34.87 45.96 -19.85
CA MET F 329 35.05 46.29 -18.43
C MET F 329 33.93 45.62 -17.66
N TRP F 330 34.10 44.33 -17.33
CA TRP F 330 33.07 43.55 -16.68
C TRP F 330 32.83 44.06 -15.27
N GLU F 331 31.57 43.97 -14.82
CA GLU F 331 31.19 44.72 -13.63
C GLU F 331 29.98 44.07 -12.95
N GLY F 332 30.04 43.99 -11.63
CA GLY F 332 28.96 43.44 -10.83
C GLY F 332 28.31 44.48 -9.93
N ALA F 333 27.64 44.05 -8.86
CA ALA F 333 26.86 44.96 -8.04
C ALA F 333 26.72 44.41 -6.63
N LEU F 334 25.95 45.13 -5.80
CA LEU F 334 25.42 44.69 -4.50
C LEU F 334 26.51 44.32 -3.49
N HIS F 335 27.29 45.34 -3.10
CA HIS F 335 28.29 45.17 -2.05
C HIS F 335 27.66 45.40 -0.68
N ASP F 336 27.87 44.45 0.22
CA ASP F 336 27.37 44.57 1.58
C ASP F 336 28.21 45.57 2.35
N ALA F 337 27.54 46.53 2.99
CA ALA F 337 28.22 47.55 3.80
C ALA F 337 28.70 47.00 5.14
N ARG F 338 28.31 45.77 5.49
CA ARG F 338 28.89 45.08 6.63
C ARG F 338 30.37 44.76 6.41
N LEU F 339 30.76 44.54 5.15
CA LEU F 339 32.05 43.99 4.77
C LEU F 339 33.23 44.89 5.10
N ARG F 340 33.02 46.18 5.36
CA ARG F 340 34.11 47.09 5.67
C ARG F 340 34.74 46.87 7.04
N GLU F 341 34.20 45.93 7.82
CA GLU F 341 34.89 45.49 9.04
C GLU F 341 36.21 44.81 8.69
N GLY F 342 36.13 43.74 7.91
CA GLY F 342 37.30 42.95 7.55
C GLY F 342 37.41 42.60 6.07
N ALA F 343 37.15 43.54 5.18
CA ALA F 343 37.18 43.29 3.74
C ALA F 343 38.58 42.88 3.27
N ASP F 344 38.61 41.91 2.36
CA ASP F 344 39.87 41.34 1.92
C ASP F 344 39.66 40.71 0.54
N PHE F 345 40.16 41.37 -0.50
CA PHE F 345 39.87 41.01 -1.88
C PHE F 345 40.85 39.96 -2.37
N TRP F 346 40.32 38.87 -2.88
CA TRP F 346 41.14 37.86 -3.54
C TRP F 346 40.45 37.40 -4.80
N LEU F 347 40.03 38.36 -5.63
CA LEU F 347 39.30 38.08 -6.85
C LEU F 347 40.14 37.28 -7.85
N SER F 348 39.46 36.63 -8.78
CA SER F 348 40.09 35.59 -9.57
C SER F 348 39.75 35.76 -11.03
N VAL F 349 40.50 35.03 -11.87
CA VAL F 349 40.19 34.82 -13.29
C VAL F 349 40.42 33.35 -13.62
N ARG F 350 40.24 33.02 -14.89
CA ARG F 350 40.62 31.71 -15.44
C ARG F 350 40.96 31.95 -16.91
N SER F 351 42.25 31.90 -17.26
CA SER F 351 42.69 32.36 -18.56
C SER F 351 43.27 31.20 -19.39
N SER F 352 43.92 31.54 -20.50
CA SER F 352 44.39 30.58 -21.49
C SER F 352 45.88 30.74 -21.76
N MET F 353 46.69 30.82 -20.70
CA MET F 353 48.12 31.04 -20.92
C MET F 353 48.91 29.78 -20.58
N PRO F 354 49.85 29.37 -21.43
CA PRO F 354 50.68 28.19 -21.11
C PRO F 354 51.83 28.47 -20.15
N GLY F 355 51.88 29.62 -19.51
CA GLY F 355 52.95 29.92 -18.58
C GLY F 355 52.56 31.03 -17.62
N HIS F 356 53.54 31.56 -16.88
CA HIS F 356 53.31 32.70 -15.99
C HIS F 356 53.73 34.02 -16.61
N GLU F 357 53.68 34.12 -17.94
CA GLU F 357 53.88 35.38 -18.63
C GLU F 357 52.57 36.11 -18.88
N LEU F 358 51.46 35.57 -18.38
CA LEU F 358 50.21 36.32 -18.33
C LEU F 358 50.22 37.35 -17.22
N GLN F 359 51.22 37.30 -16.33
CA GLN F 359 51.62 38.45 -15.52
C GLN F 359 51.74 39.71 -16.38
N THR F 360 52.67 39.69 -17.34
CA THR F 360 52.82 40.83 -18.23
C THR F 360 51.67 40.90 -19.25
N LYS F 361 51.07 39.76 -19.58
CA LYS F 361 49.90 39.76 -20.44
C LYS F 361 48.60 40.00 -19.67
N PHE F 362 48.70 40.27 -18.37
CA PHE F 362 47.76 41.17 -17.71
C PHE F 362 48.50 42.49 -17.58
N PRO F 363 48.48 43.34 -18.62
CA PRO F 363 49.39 44.50 -18.61
C PRO F 363 48.94 45.59 -17.66
N GLN F 364 47.67 45.61 -17.32
CA GLN F 364 47.16 46.53 -16.31
C GLN F 364 47.13 45.85 -14.95
N LEU F 365 48.25 45.28 -14.54
CA LEU F 365 48.33 44.59 -13.25
C LEU F 365 48.74 45.58 -12.15
N CYS F 366 48.09 46.74 -12.15
CA CYS F 366 48.23 47.84 -11.22
C CYS F 366 47.12 48.85 -11.52
N LYS F 367 46.44 49.31 -10.47
CA LYS F 367 45.50 50.43 -10.50
C LYS F 367 44.31 50.15 -11.42
N ALA F 368 43.60 49.08 -11.09
CA ALA F 368 42.38 48.74 -11.81
C ALA F 368 41.21 49.54 -11.25
N GLY F 369 40.21 49.79 -12.10
CA GLY F 369 39.15 50.72 -11.75
C GLY F 369 38.19 50.23 -10.70
N SER F 370 38.32 50.73 -9.48
CA SER F 370 37.37 50.35 -8.43
C SER F 370 36.06 51.15 -8.35
N PRO F 371 36.05 52.55 -8.31
CA PRO F 371 34.81 53.21 -7.85
C PRO F 371 33.70 53.23 -8.89
N ASP F 372 32.57 53.88 -8.57
CA ASP F 372 31.43 53.89 -9.48
C ASP F 372 31.65 54.69 -10.74
N ASP F 373 32.53 55.69 -10.68
CA ASP F 373 32.74 56.64 -11.77
C ASP F 373 34.01 56.34 -12.57
N VAL F 374 34.30 55.05 -12.75
CA VAL F 374 35.36 54.61 -13.66
C VAL F 374 34.69 54.02 -14.89
N SER F 375 35.28 54.25 -16.06
CA SER F 375 34.70 53.84 -17.34
C SER F 375 35.56 52.84 -18.09
N GLU F 376 36.84 53.15 -18.29
CA GLU F 376 37.84 52.18 -18.72
C GLU F 376 38.95 52.18 -17.67
N VAL F 377 39.88 51.23 -17.81
CA VAL F 377 41.02 51.21 -16.92
C VAL F 377 42.22 51.73 -17.69
N VAL F 378 42.20 51.56 -19.02
CA VAL F 378 43.29 52.05 -19.85
C VAL F 378 43.26 53.56 -20.06
N ASN F 379 42.30 54.28 -19.48
CA ASN F 379 42.43 55.72 -19.36
C ASN F 379 42.17 56.26 -17.95
N VAL F 380 41.31 55.60 -17.17
CA VAL F 380 40.99 56.04 -15.82
C VAL F 380 41.46 54.97 -14.85
N ALA F 381 42.60 55.22 -14.24
CA ALA F 381 43.16 54.34 -13.22
C ALA F 381 43.18 55.08 -11.89
N LEU F 382 43.44 54.34 -10.82
CA LEU F 382 43.47 54.93 -9.49
C LEU F 382 44.86 55.45 -9.16
N SER F 383 45.07 55.76 -7.89
CA SER F 383 46.38 56.19 -7.39
C SER F 383 46.48 55.64 -5.97
N GLY F 384 47.11 54.48 -5.82
CA GLY F 384 47.14 53.81 -4.53
C GLY F 384 46.55 52.42 -4.57
N VAL F 385 46.63 51.76 -5.72
CA VAL F 385 46.17 50.39 -5.88
C VAL F 385 47.31 49.55 -6.42
N ILE F 386 47.62 48.47 -5.71
CA ILE F 386 48.69 47.56 -6.10
C ILE F 386 48.05 46.18 -6.26
N ILE F 387 48.20 45.59 -7.43
CA ILE F 387 47.73 44.23 -7.66
C ILE F 387 48.87 43.27 -7.36
N ARG F 388 48.71 42.46 -6.34
CA ARG F 388 49.77 41.52 -6.03
C ARG F 388 49.61 40.27 -6.89
N PRO F 389 50.62 39.90 -7.66
CA PRO F 389 50.50 38.67 -8.46
C PRO F 389 50.59 37.44 -7.56
N VAL F 390 49.47 36.74 -7.44
CA VAL F 390 49.35 35.65 -6.49
C VAL F 390 49.40 34.33 -7.25
N THR F 391 50.44 33.54 -6.98
CA THR F 391 50.48 32.13 -7.36
C THR F 391 50.56 31.19 -6.16
N HIS F 392 51.14 31.64 -5.04
CA HIS F 392 51.10 30.92 -3.78
C HIS F 392 50.01 31.57 -2.93
N VAL F 393 49.06 30.76 -2.49
CA VAL F 393 47.72 31.23 -2.13
C VAL F 393 47.41 30.85 -0.69
N PRO F 394 46.87 31.74 0.12
CA PRO F 394 46.37 31.33 1.44
C PRO F 394 45.12 30.48 1.30
N ALA F 395 44.83 29.74 2.36
CA ALA F 395 43.89 28.62 2.30
C ALA F 395 42.45 29.11 2.37
N ALA F 396 41.55 28.15 2.57
CA ALA F 396 40.11 28.29 2.74
C ALA F 396 39.40 28.92 1.55
N ILE F 397 40.04 28.95 0.38
CA ILE F 397 39.45 29.54 -0.81
C ILE F 397 38.85 28.41 -1.63
N PRO F 398 37.53 28.29 -1.67
CA PRO F 398 36.89 27.12 -2.28
C PRO F 398 36.96 27.18 -3.80
N LEU F 399 36.93 25.99 -4.42
CA LEU F 399 37.00 25.77 -5.87
C LEU F 399 38.23 26.44 -6.48
N ARG F 400 39.40 26.15 -5.92
CA ARG F 400 40.56 26.98 -6.19
C ARG F 400 41.25 26.58 -7.49
N LEU F 401 41.61 27.60 -8.26
CA LEU F 401 42.37 27.46 -9.51
C LEU F 401 43.65 28.26 -9.35
N GLU F 402 44.75 27.58 -9.07
CA GLU F 402 46.02 28.27 -8.88
C GLU F 402 46.57 28.78 -10.21
N ASN F 403 47.61 29.62 -10.10
CA ASN F 403 48.25 30.32 -11.21
C ASN F 403 47.24 31.18 -12.00
N GLN F 404 46.20 31.64 -11.30
CA GLN F 404 45.17 32.49 -11.86
C GLN F 404 44.77 33.61 -10.93
N TYR F 405 45.59 33.95 -9.94
CA TYR F 405 45.14 34.70 -8.77
C TYR F 405 45.88 36.02 -8.59
N PHE F 406 45.26 36.86 -7.76
CA PHE F 406 45.65 38.24 -7.54
C PHE F 406 44.82 38.79 -6.39
N ALA F 407 45.44 39.67 -5.61
CA ALA F 407 44.76 40.42 -4.56
C ALA F 407 44.72 41.89 -4.94
N LEU F 408 43.86 42.64 -4.25
CA LEU F 408 43.56 44.02 -4.62
C LEU F 408 43.69 44.93 -3.41
N ASP F 409 44.81 45.64 -3.32
CA ASP F 409 45.03 46.67 -2.33
C ASP F 409 44.49 47.99 -2.86
N LEU F 410 44.05 48.85 -1.95
CA LEU F 410 43.50 50.16 -2.32
C LEU F 410 43.96 51.18 -1.29
N SER F 411 43.34 52.36 -1.31
CA SER F 411 43.53 53.35 -0.27
C SER F 411 42.52 53.09 0.84
N THR F 412 42.51 53.94 1.86
CA THR F 412 41.41 53.91 2.81
C THR F 412 40.21 54.69 2.30
N ASP F 413 40.39 55.52 1.27
CA ASP F 413 39.32 56.40 0.80
C ASP F 413 38.54 55.77 -0.35
N ALA F 414 39.24 55.34 -1.42
CA ALA F 414 38.57 54.83 -2.60
C ALA F 414 37.94 53.47 -2.36
N ALA F 415 38.42 52.73 -1.37
CA ALA F 415 37.78 51.47 -1.03
C ALA F 415 36.45 51.70 -0.32
N ARG F 416 36.39 52.65 0.62
CA ARG F 416 35.16 52.97 1.31
C ARG F 416 34.14 53.60 0.36
N ALA F 417 34.60 54.45 -0.55
CA ALA F 417 33.68 55.02 -1.53
C ALA F 417 33.16 53.98 -2.49
N MET F 418 33.95 52.93 -2.77
CA MET F 418 33.47 51.85 -3.62
C MET F 418 32.48 50.97 -2.87
N LEU F 419 32.70 50.78 -1.58
CA LEU F 419 31.75 50.03 -0.78
C LEU F 419 30.44 50.78 -0.61
N ASP F 420 30.49 52.11 -0.58
CA ASP F 420 29.26 52.88 -0.73
C ASP F 420 28.71 52.75 -2.14
N ALA F 421 29.58 52.58 -3.13
CA ALA F 421 29.14 52.51 -4.51
C ALA F 421 28.51 51.16 -4.84
N GLY F 422 29.16 50.07 -4.41
CA GLY F 422 28.66 48.73 -4.68
C GLY F 422 29.14 48.11 -5.96
N ARG F 423 29.83 48.85 -6.82
CA ARG F 423 30.23 48.39 -8.14
C ARG F 423 31.73 48.58 -8.33
N CYS F 424 32.31 47.72 -9.16
CA CYS F 424 33.74 47.68 -9.40
C CYS F 424 33.99 46.91 -10.69
N THR F 425 35.08 47.23 -11.39
CA THR F 425 35.30 46.64 -12.70
C THR F 425 36.72 46.09 -12.84
N PHE F 426 36.96 45.48 -14.01
CA PHE F 426 38.17 44.71 -14.31
C PHE F 426 39.00 45.47 -15.34
N TYR F 427 40.29 45.15 -15.44
CA TYR F 427 41.24 46.02 -16.10
C TYR F 427 41.53 45.66 -17.56
N THR F 428 41.51 44.39 -17.92
CA THR F 428 41.98 43.99 -19.25
C THR F 428 40.91 44.27 -20.31
N PRO F 429 41.24 44.99 -21.39
CA PRO F 429 40.30 45.10 -22.52
C PRO F 429 40.25 43.86 -23.39
N ALA F 430 41.35 43.09 -23.47
CA ALA F 430 41.38 41.82 -24.19
C ALA F 430 40.89 40.66 -23.33
N SER F 431 40.08 40.94 -22.31
CA SER F 431 39.59 39.92 -21.40
C SER F 431 38.37 39.20 -21.93
N LEU F 432 37.93 39.49 -23.15
CA LEU F 432 36.79 38.82 -23.73
C LEU F 432 37.10 37.45 -24.31
N GLY F 433 38.35 36.98 -24.18
CA GLY F 433 38.73 35.69 -24.72
C GLY F 433 38.30 34.53 -23.83
N ASP F 434 39.21 33.58 -23.60
CA ASP F 434 38.93 32.48 -22.67
C ASP F 434 39.26 32.88 -21.24
N VAL F 435 38.62 33.95 -20.77
CA VAL F 435 38.89 34.56 -19.47
C VAL F 435 37.56 34.68 -18.72
N LYS F 436 37.47 33.98 -17.60
CA LYS F 436 36.25 33.95 -16.79
C LYS F 436 36.54 34.40 -15.37
N LEU F 437 35.75 35.36 -14.88
CA LEU F 437 36.01 36.09 -13.65
C LEU F 437 35.09 35.68 -12.52
N GLU F 438 35.54 35.97 -11.28
CA GLU F 438 34.81 35.73 -10.05
C GLU F 438 35.17 36.83 -9.06
N LEU F 439 34.20 37.22 -8.23
CA LEU F 439 34.42 38.25 -7.23
C LEU F 439 34.62 37.56 -5.88
N PHE F 440 35.18 38.28 -4.91
CA PHE F 440 35.71 37.63 -3.73
C PHE F 440 35.93 38.66 -2.64
N ALA F 441 35.55 38.32 -1.40
CA ALA F 441 35.88 39.12 -0.21
C ALA F 441 35.70 38.22 1.01
N VAL F 442 36.80 37.90 1.68
CA VAL F 442 36.74 37.11 2.91
C VAL F 442 36.82 38.08 4.10
N LEU F 443 36.22 37.69 5.22
CA LEU F 443 36.16 38.55 6.38
C LEU F 443 37.38 38.32 7.27
N ARG F 444 38.20 39.35 7.43
CA ARG F 444 39.40 39.28 8.24
C ARG F 444 39.11 39.14 9.72
N MET G 1 -11.81 -7.80 45.45
CA MET G 1 -13.02 -8.62 45.57
C MET G 1 -12.90 -9.87 44.72
N LYS G 2 -14.05 -10.47 44.43
CA LYS G 2 -14.15 -11.58 43.50
C LYS G 2 -15.24 -11.26 42.50
N ILE G 3 -14.84 -10.88 41.29
CA ILE G 3 -15.74 -10.60 40.20
C ILE G 3 -15.80 -11.84 39.34
N TYR G 4 -16.99 -12.24 38.91
CA TYR G 4 -17.21 -13.48 38.20
C TYR G 4 -17.88 -13.23 36.86
N ARG G 5 -17.41 -13.90 35.81
CA ARG G 5 -18.03 -13.79 34.50
C ARG G 5 -19.19 -14.78 34.39
N PRO G 6 -20.30 -14.46 33.74
CA PRO G 6 -21.38 -15.43 33.60
C PRO G 6 -21.25 -16.18 32.28
N LEU G 7 -21.88 -17.36 32.24
CA LEU G 7 -21.90 -18.18 31.03
C LEU G 7 -23.34 -18.32 30.58
N TRP G 8 -23.66 -17.81 29.41
CA TRP G 8 -25.04 -17.79 28.93
C TRP G 8 -25.39 -19.10 28.22
N GLU G 9 -25.39 -20.18 28.99
CA GLU G 9 -25.75 -21.49 28.49
C GLU G 9 -27.22 -21.52 28.12
N ASP G 10 -27.56 -22.31 27.11
CA ASP G 10 -28.95 -22.57 26.81
C ASP G 10 -29.52 -23.48 27.90
N GLY G 11 -30.67 -23.09 28.44
CA GLY G 11 -31.27 -23.83 29.53
C GLY G 11 -30.88 -23.36 30.91
N ALA G 12 -30.07 -22.31 31.02
CA ALA G 12 -29.70 -21.71 32.30
C ALA G 12 -30.70 -20.61 32.55
N PHE G 13 -31.37 -20.66 33.71
CA PHE G 13 -32.73 -20.12 33.84
C PHE G 13 -32.84 -18.61 33.67
N LEU G 14 -32.62 -17.87 34.77
CA LEU G 14 -32.34 -16.44 34.87
C LEU G 14 -32.10 -16.17 36.34
N MET G 15 -31.17 -15.28 36.67
CA MET G 15 -31.05 -14.80 38.03
C MET G 15 -30.68 -13.33 37.98
N PRO G 16 -31.17 -12.53 38.93
CA PRO G 16 -30.76 -11.13 39.01
C PRO G 16 -29.31 -10.94 39.42
N GLN G 17 -28.67 -11.98 39.95
CA GLN G 17 -27.30 -11.84 40.38
C GLN G 17 -26.35 -11.94 39.19
N GLN G 18 -26.83 -12.39 38.04
CA GLN G 18 -25.99 -12.48 36.85
C GLN G 18 -25.68 -11.11 36.26
N PHE G 19 -26.72 -10.29 36.12
CA PHE G 19 -26.59 -9.02 35.41
C PHE G 19 -25.72 -8.03 36.14
N GLN G 20 -25.76 -8.06 37.47
CA GLN G 20 -24.88 -7.24 38.29
C GLN G 20 -23.43 -7.63 38.12
N GLN G 21 -23.14 -8.93 38.09
CA GLN G 21 -21.78 -9.40 37.88
C GLN G 21 -21.28 -9.08 36.48
N GLN G 22 -22.17 -9.07 35.49
CA GLN G 22 -21.75 -8.65 34.16
C GLN G 22 -21.43 -7.17 34.14
N ALA G 23 -22.33 -6.34 34.69
CA ALA G 23 -22.14 -4.90 34.58
C ALA G 23 -21.06 -4.38 35.52
N ALA G 24 -20.62 -5.18 36.49
CA ALA G 24 -19.39 -4.81 37.20
C ALA G 24 -18.19 -5.54 36.64
N TRP G 25 -18.07 -5.57 35.34
CA TRP G 25 -16.89 -6.10 34.66
C TRP G 25 -16.38 -5.19 33.58
N ASP G 26 -17.28 -4.55 32.83
CA ASP G 26 -16.86 -3.59 31.82
C ASP G 26 -16.25 -2.35 32.44
N VAL G 27 -16.68 -2.00 33.65
CA VAL G 27 -16.04 -0.92 34.39
C VAL G 27 -14.60 -1.28 34.72
N HIS G 28 -14.37 -2.54 35.05
CA HIS G 28 -13.02 -3.03 35.30
C HIS G 28 -12.19 -3.05 34.02
N LEU G 29 -12.81 -3.37 32.89
CA LEU G 29 -12.15 -3.20 31.59
C LEU G 29 -11.79 -1.76 31.32
N ALA G 30 -12.62 -0.81 31.74
CA ALA G 30 -12.29 0.60 31.53
C ALA G 30 -11.07 1.03 32.35
N ASP G 31 -10.92 0.54 33.58
CA ASP G 31 -9.70 0.81 34.33
C ASP G 31 -8.49 0.14 33.71
N SER G 32 -8.65 -1.10 33.21
CA SER G 32 -7.52 -1.78 32.60
C SER G 32 -7.09 -1.09 31.31
N VAL G 33 -8.01 -0.41 30.63
CA VAL G 33 -7.60 0.43 29.50
C VAL G 33 -6.95 1.71 30.00
N ALA G 34 -7.56 2.37 30.98
CA ALA G 34 -7.16 3.70 31.36
C ALA G 34 -5.86 3.75 32.15
N ARG G 35 -5.46 2.64 32.77
CA ARG G 35 -4.23 2.64 33.56
C ARG G 35 -2.99 2.38 32.73
N MET G 36 -3.03 2.71 31.44
CA MET G 36 -1.85 2.75 30.63
C MET G 36 -1.36 4.19 30.46
N GLY G 37 -2.03 5.14 31.12
CA GLY G 37 -1.66 6.54 31.14
C GLY G 37 -1.90 7.26 32.46
N LEU G 38 -1.75 6.59 33.59
CA LEU G 38 -2.05 7.21 34.89
C LEU G 38 -1.00 6.85 35.93
N ALA G 39 -0.51 7.87 36.63
CA ALA G 39 0.17 7.67 37.90
C ALA G 39 -0.79 7.39 39.05
N HIS G 40 -1.67 8.36 39.35
CA HIS G 40 -2.36 8.35 40.66
C HIS G 40 -3.85 8.68 40.59
N PRO G 41 -4.69 8.08 41.47
CA PRO G 41 -6.15 8.09 41.27
C PRO G 41 -6.83 9.46 41.24
N TRP G 42 -8.05 9.45 40.69
CA TRP G 42 -8.58 10.51 39.85
C TRP G 42 -9.31 11.60 40.62
N GLY G 43 -10.01 12.45 39.89
CA GLY G 43 -10.53 13.70 40.38
C GLY G 43 -11.71 14.28 39.62
N VAL G 44 -11.69 15.60 39.39
CA VAL G 44 -12.89 16.37 39.09
C VAL G 44 -12.91 16.79 37.63
N VAL G 45 -14.01 16.52 36.94
CA VAL G 45 -14.27 17.06 35.63
C VAL G 45 -14.80 18.49 35.70
N ALA G 46 -15.85 18.71 36.48
CA ALA G 46 -16.39 20.05 36.65
C ALA G 46 -17.18 20.11 37.96
N ALA G 47 -17.26 21.31 38.53
CA ALA G 47 -17.98 21.54 39.78
C ALA G 47 -18.37 23.00 39.86
N GLU G 48 -19.67 23.28 39.92
CA GLU G 48 -20.15 24.65 39.94
C GLU G 48 -21.11 24.82 41.11
N PHE G 49 -20.99 25.93 41.82
CA PHE G 49 -21.77 26.17 43.03
C PHE G 49 -22.59 27.45 42.93
N ASP G 50 -23.53 27.56 43.86
CA ASP G 50 -24.48 28.66 43.94
C ASP G 50 -24.25 29.38 45.25
N ASP G 51 -23.50 30.48 45.22
CA ASP G 51 -23.12 31.18 46.43
C ASP G 51 -24.11 32.25 46.83
N SER G 52 -25.29 32.30 46.20
CA SER G 52 -26.22 33.39 46.46
C SER G 52 -26.93 33.22 47.80
N LEU G 53 -27.14 31.98 48.25
CA LEU G 53 -27.86 31.69 49.49
C LEU G 53 -26.93 31.64 50.70
N LEU G 54 -25.77 32.23 50.59
CA LEU G 54 -24.77 32.35 51.65
C LEU G 54 -25.09 33.29 52.83
N PRO G 55 -25.82 34.41 52.69
CA PRO G 55 -26.20 35.15 53.90
C PRO G 55 -27.25 34.48 54.78
N LEU G 56 -27.73 33.29 54.40
CA LEU G 56 -28.74 32.56 55.15
C LEU G 56 -28.15 31.21 55.47
N SER G 57 -26.94 31.20 56.04
CA SER G 57 -25.82 30.34 55.67
C SER G 57 -26.14 28.88 55.35
N ARG G 58 -25.99 28.53 54.08
CA ARG G 58 -26.22 27.20 53.55
C ARG G 58 -25.21 26.97 52.43
N LEU G 59 -25.36 25.83 51.75
CA LEU G 59 -24.57 25.55 50.56
C LEU G 59 -25.23 24.44 49.77
N ASN G 60 -25.45 24.65 48.48
CA ASN G 60 -26.03 23.65 47.60
C ASN G 60 -25.30 23.66 46.27
N ALA G 61 -25.28 22.51 45.60
CA ALA G 61 -24.60 22.34 44.33
C ALA G 61 -25.53 22.64 43.17
N THR G 62 -24.94 22.85 42.00
CA THR G 62 -25.69 23.07 40.77
C THR G 62 -25.34 22.09 39.67
N ARG G 63 -24.06 21.77 39.51
CA ARG G 63 -23.60 20.94 38.40
C ARG G 63 -22.27 20.32 38.82
N LEU G 64 -22.22 19.00 38.85
CA LEU G 64 -21.13 18.33 39.55
C LEU G 64 -20.83 17.02 38.84
N ILE G 65 -19.64 16.91 38.23
CA ILE G 65 -19.24 15.69 37.54
C ILE G 65 -17.85 15.31 38.06
N VAL G 66 -17.77 14.18 38.76
CA VAL G 66 -16.54 13.72 39.39
C VAL G 66 -16.41 12.23 39.18
N ARG G 67 -15.24 11.78 38.73
CA ARG G 67 -14.92 10.37 38.67
C ARG G 67 -14.28 9.95 39.99
N PHE G 68 -14.55 8.72 40.40
CA PHE G 68 -14.08 8.16 41.66
C PHE G 68 -13.07 7.05 41.42
N PRO G 69 -12.11 6.87 42.34
CA PRO G 69 -10.96 5.98 42.08
C PRO G 69 -11.25 4.50 41.90
N ASP G 70 -12.49 4.04 42.01
CA ASP G 70 -12.77 2.65 41.69
C ASP G 70 -13.33 2.49 40.28
N GLY G 71 -13.42 3.59 39.54
CA GLY G 71 -14.03 3.53 38.22
C GLY G 71 -15.48 3.93 38.18
N THR G 72 -15.99 4.55 39.24
CA THR G 72 -17.37 5.02 39.26
C THR G 72 -17.42 6.43 38.71
N LEU G 73 -18.31 6.66 37.77
CA LEU G 73 -18.53 7.98 37.21
C LEU G 73 -19.80 8.58 37.81
N ILE G 74 -19.78 9.87 38.09
CA ILE G 74 -20.93 10.59 38.60
C ILE G 74 -21.34 11.59 37.56
N ASP G 75 -22.62 11.58 37.19
CA ASP G 75 -23.15 12.56 36.26
C ASP G 75 -24.47 13.06 36.81
N THR G 76 -24.53 14.35 37.10
CA THR G 76 -25.77 14.98 37.50
C THR G 76 -26.60 15.42 36.31
N GLU G 77 -25.99 15.57 35.15
CA GLU G 77 -26.74 15.97 33.97
C GLU G 77 -27.46 14.81 33.31
N ARG G 78 -26.99 13.59 33.49
CA ARG G 78 -27.62 12.49 32.77
C ARG G 78 -28.06 11.34 33.67
N ALA G 79 -27.29 11.01 34.70
CA ALA G 79 -27.54 9.77 35.44
C ALA G 79 -27.96 9.96 36.89
N ASP G 80 -27.49 10.99 37.59
CA ASP G 80 -27.73 11.04 39.03
C ASP G 80 -28.36 12.38 39.43
N ASN G 81 -28.86 12.40 40.66
CA ASN G 81 -29.51 13.58 41.23
C ASN G 81 -28.53 14.35 42.10
N LEU G 82 -28.85 15.62 42.34
CA LEU G 82 -27.95 16.51 43.05
C LEU G 82 -27.91 16.17 44.55
N PRO G 83 -26.77 16.36 45.20
CA PRO G 83 -26.67 16.06 46.63
C PRO G 83 -27.45 17.06 47.44
N PRO G 84 -27.93 16.69 48.64
CA PRO G 84 -28.77 17.60 49.40
C PRO G 84 -27.96 18.72 50.05
N VAL G 85 -28.70 19.74 50.48
CA VAL G 85 -28.11 21.00 50.91
C VAL G 85 -27.36 20.81 52.23
N CYS G 86 -26.25 21.52 52.38
CA CYS G 86 -25.40 21.41 53.57
C CYS G 86 -25.77 22.47 54.60
N ASP G 87 -25.61 22.11 55.88
CA ASP G 87 -25.98 22.95 57.00
C ASP G 87 -24.71 23.27 57.79
N LEU G 88 -24.32 24.54 57.76
CA LEU G 88 -23.02 24.97 58.30
C LEU G 88 -23.13 25.58 59.68
N SER G 89 -24.28 25.43 60.33
CA SER G 89 -24.54 26.21 61.54
C SER G 89 -23.79 25.67 62.75
N THR G 90 -23.35 24.41 62.69
CA THR G 90 -22.58 23.88 63.81
C THR G 90 -21.12 24.28 63.76
N VAL G 91 -20.65 24.80 62.64
CA VAL G 91 -19.29 25.27 62.50
C VAL G 91 -19.43 26.76 62.24
N SER G 92 -20.42 27.38 62.91
CA SER G 92 -20.68 28.79 62.70
C SER G 92 -19.57 29.69 63.22
N ASP G 93 -18.74 29.22 64.14
CA ASP G 93 -17.64 30.03 64.65
C ASP G 93 -16.36 29.20 64.55
N ARG G 94 -15.81 29.16 63.34
CA ARG G 94 -14.47 28.71 62.99
C ARG G 94 -14.08 29.48 61.75
N SER G 95 -13.04 29.05 61.04
CA SER G 95 -12.54 29.80 59.91
C SER G 95 -12.56 29.05 58.59
N LEU G 96 -12.09 27.82 58.56
CA LEU G 96 -11.91 27.07 57.33
C LEU G 96 -12.66 25.75 57.38
N VAL G 97 -13.47 25.49 56.37
CA VAL G 97 -14.02 24.16 56.16
C VAL G 97 -13.55 23.66 54.79
N ASP G 98 -13.07 22.44 54.76
CA ASP G 98 -12.64 21.80 53.53
C ASP G 98 -13.64 20.72 53.20
N ILE G 99 -14.42 20.94 52.14
CA ILE G 99 -15.61 20.16 51.85
C ILE G 99 -15.29 19.12 50.81
N VAL G 100 -15.50 17.86 51.16
CA VAL G 100 -15.31 16.75 50.24
C VAL G 100 -16.67 16.19 49.85
N LEU G 101 -16.70 15.50 48.72
CA LEU G 101 -17.86 14.76 48.26
C LEU G 101 -17.73 13.30 48.70
N ALA G 102 -18.84 12.68 49.07
CA ALA G 102 -18.75 11.37 49.68
C ALA G 102 -19.71 10.38 49.04
N LEU G 103 -19.19 9.18 48.76
CA LEU G 103 -19.95 7.95 48.56
C LEU G 103 -19.47 6.91 49.56
N PRO G 104 -20.37 6.09 50.08
CA PRO G 104 -19.95 5.08 51.05
C PRO G 104 -19.22 3.95 50.36
N LEU G 105 -18.55 3.14 51.16
CA LEU G 105 -17.86 1.98 50.61
C LEU G 105 -18.87 0.90 50.25
N LEU G 106 -18.38 -0.13 49.57
CA LEU G 106 -19.18 -1.29 49.26
C LEU G 106 -18.53 -2.53 49.87
N ASN G 107 -19.31 -3.27 50.65
CA ASN G 107 -18.85 -4.54 51.18
C ASN G 107 -19.60 -5.70 50.54
N ALA G 108 -19.06 -6.89 50.72
CA ALA G 108 -19.56 -8.08 50.06
C ALA G 108 -20.58 -8.84 50.89
N ASN G 109 -21.41 -8.13 51.66
CA ASN G 109 -22.48 -8.79 52.39
C ASN G 109 -23.82 -8.06 52.34
N GLY G 110 -23.87 -6.79 51.95
CA GLY G 110 -25.09 -6.03 52.07
C GLY G 110 -25.73 -5.62 50.77
N GLY G 111 -25.58 -4.35 50.41
CA GLY G 111 -26.18 -3.84 49.20
C GLY G 111 -26.70 -2.42 49.31
N ASN G 112 -27.97 -2.23 48.97
CA ASN G 112 -28.55 -0.90 48.99
C ASN G 112 -28.97 -0.52 50.40
N LEU G 113 -29.55 0.65 50.56
CA LEU G 113 -29.95 1.16 51.87
C LEU G 113 -31.47 1.18 51.92
N ASP G 114 -32.05 0.21 52.62
CA ASP G 114 -33.49 -0.04 52.64
C ASP G 114 -34.15 0.98 53.56
N ASN G 115 -34.50 2.13 52.97
CA ASN G 115 -35.31 3.19 53.57
C ASN G 115 -34.67 3.86 54.78
N GLY G 116 -33.38 3.62 55.02
CA GLY G 116 -32.72 4.15 56.19
C GLY G 116 -33.15 3.56 57.51
N SER G 117 -33.86 2.44 57.49
CA SER G 117 -34.35 1.82 58.72
C SER G 117 -33.25 1.18 59.55
N GLU G 118 -32.13 0.83 58.92
CA GLU G 118 -31.00 0.15 59.54
C GLU G 118 -29.72 0.94 59.28
N SER G 119 -29.78 2.23 59.52
CA SER G 119 -28.81 3.19 58.97
C SER G 119 -27.50 3.28 59.76
N GLU G 120 -27.12 2.26 60.55
CA GLU G 120 -25.79 2.29 61.17
C GLU G 120 -24.68 2.09 60.15
N ARG G 121 -24.97 1.43 59.04
CA ARG G 121 -24.04 1.27 57.92
C ARG G 121 -24.52 2.19 56.81
N PRO G 122 -23.76 3.23 56.45
CA PRO G 122 -24.18 4.08 55.33
C PRO G 122 -24.07 3.32 54.03
N ARG G 123 -25.18 3.21 53.29
CA ARG G 123 -25.19 2.41 52.09
C ARG G 123 -25.76 3.21 50.92
N ARG G 124 -25.23 2.91 49.75
CA ARG G 124 -25.55 3.63 48.53
C ARG G 124 -26.66 2.93 47.76
N TRP G 125 -26.85 3.33 46.51
CA TRP G 125 -27.86 2.82 45.58
C TRP G 125 -29.29 3.05 46.10
N LYS G 126 -29.66 4.33 46.16
CA LYS G 126 -31.07 4.65 46.37
C LYS G 126 -31.84 4.54 45.06
N SER G 127 -33.01 3.93 45.14
CA SER G 127 -33.79 3.67 43.93
C SER G 127 -34.72 4.85 43.64
N GLU G 128 -35.41 4.74 42.50
CA GLU G 128 -36.34 5.76 42.02
C GLU G 128 -37.20 5.08 40.96
N ARG G 129 -38.32 5.72 40.59
CA ARG G 129 -39.24 5.19 39.58
C ARG G 129 -39.61 6.29 38.59
N VAL G 130 -38.94 6.30 37.43
CA VAL G 130 -39.23 7.22 36.34
C VAL G 130 -39.61 6.40 35.12
N ASN G 131 -40.62 6.85 34.39
CA ASN G 131 -41.11 6.13 33.22
C ASN G 131 -40.67 6.82 31.92
N VAL G 132 -39.66 6.25 31.27
CA VAL G 132 -39.14 6.72 29.99
C VAL G 132 -38.92 5.52 29.10
N GLN G 133 -39.56 5.49 27.93
CA GLN G 133 -39.64 4.27 27.15
C GLN G 133 -39.56 4.43 25.64
N GLU G 134 -39.35 5.63 25.12
CA GLU G 134 -39.91 6.02 23.83
C GLU G 134 -39.00 5.76 22.63
N LEU G 135 -38.13 4.76 22.67
CA LEU G 135 -37.27 4.50 21.52
C LEU G 135 -37.92 3.59 20.48
N ALA G 136 -39.20 3.28 20.60
CA ALA G 136 -39.92 2.58 19.56
C ALA G 136 -41.33 3.09 19.31
N GLY G 137 -41.87 3.97 20.17
CA GLY G 137 -43.16 4.55 19.91
C GLY G 137 -44.11 4.72 21.07
N HIS G 138 -43.69 4.39 22.30
CA HIS G 138 -44.56 4.59 23.44
C HIS G 138 -43.75 4.74 24.71
N GLU G 139 -44.41 5.29 25.74
CA GLU G 139 -43.72 5.81 26.92
C GLU G 139 -44.16 5.24 28.24
N GLN G 140 -45.12 4.30 28.25
CA GLN G 140 -46.04 4.21 29.39
C GLN G 140 -45.40 3.62 30.64
N SER G 141 -44.94 2.37 30.57
CA SER G 141 -44.71 1.63 31.81
C SER G 141 -43.43 2.09 32.49
N GLU G 142 -43.17 1.53 33.67
CA GLU G 142 -42.39 2.20 34.70
C GLU G 142 -41.25 1.32 35.15
N VAL G 143 -40.04 1.87 35.13
CA VAL G 143 -38.83 1.11 35.47
C VAL G 143 -38.22 1.69 36.73
N ALA G 144 -37.31 0.93 37.31
CA ALA G 144 -36.63 1.31 38.54
C ALA G 144 -35.22 1.78 38.21
N VAL G 145 -35.07 3.06 37.98
CA VAL G 145 -33.79 3.70 37.71
C VAL G 145 -32.96 3.63 38.99
N LEU G 146 -31.64 3.57 38.86
CA LEU G 146 -30.77 3.60 40.03
C LEU G 146 -30.14 4.98 40.21
N ARG G 147 -30.12 5.45 41.46
CA ARG G 147 -29.48 6.69 41.83
C ARG G 147 -28.47 6.40 42.93
N HIS G 148 -27.43 7.22 43.02
CA HIS G 148 -26.48 7.02 44.10
C HIS G 148 -26.93 7.74 45.37
N ASN G 149 -26.04 7.77 46.35
CA ASN G 149 -26.32 8.30 47.67
C ASN G 149 -25.20 9.26 48.04
N LEU G 150 -25.33 10.51 47.62
CA LEU G 150 -24.29 11.51 47.81
C LEU G 150 -24.63 12.43 48.97
N THR G 151 -23.61 12.79 49.75
CA THR G 151 -23.73 13.80 50.79
C THR G 151 -22.61 14.82 50.68
N LEU G 152 -22.47 15.67 51.67
CA LEU G 152 -21.31 16.55 51.81
C LEU G 152 -20.84 16.46 53.24
N ARG G 153 -19.54 16.42 53.45
CA ARG G 153 -18.96 16.30 54.79
C ARG G 153 -17.79 17.25 54.88
N MET G 154 -17.76 18.08 55.93
CA MET G 154 -16.95 19.30 55.88
C MET G 154 -15.87 19.40 56.94
N ALA G 155 -16.16 19.15 58.23
CA ALA G 155 -15.24 19.50 59.30
C ALA G 155 -14.71 18.30 60.08
N HIS G 156 -15.53 17.29 60.30
CA HIS G 156 -15.09 15.98 60.74
C HIS G 156 -15.38 14.96 59.66
N GLN G 157 -15.07 15.37 58.42
CA GLN G 157 -15.15 14.51 57.25
C GLN G 157 -14.04 13.46 57.24
N GLU G 158 -13.01 13.65 58.07
CA GLU G 158 -11.93 12.70 58.31
C GLU G 158 -12.35 11.50 59.16
N ASN G 159 -13.63 11.41 59.54
CA ASN G 159 -14.19 10.24 60.19
C ASN G 159 -14.89 9.36 59.17
N ALA G 160 -14.32 9.27 57.98
CA ALA G 160 -15.02 8.72 56.82
C ALA G 160 -14.85 7.20 56.75
N ALA G 161 -15.97 6.49 56.79
CA ALA G 161 -16.10 5.19 56.14
C ALA G 161 -16.66 5.38 54.74
N TRP G 162 -15.98 6.25 54.00
CA TRP G 162 -16.50 6.85 52.79
C TRP G 162 -15.35 7.05 51.82
N LEU G 163 -15.66 7.44 50.60
CA LEU G 163 -14.64 7.89 49.67
C LEU G 163 -14.75 9.38 49.45
N THR G 164 -13.62 10.07 49.54
CA THR G 164 -13.58 11.52 49.59
C THR G 164 -12.89 12.07 48.35
N CYS G 165 -13.36 13.24 47.92
CA CYS G 165 -12.76 14.00 46.84
C CYS G 165 -13.10 15.46 47.06
N PRO G 166 -12.13 16.31 47.41
CA PRO G 166 -12.45 17.67 47.85
C PRO G 166 -12.85 18.57 46.71
N VAL G 167 -13.78 19.49 46.97
CA VAL G 167 -14.31 20.34 45.91
C VAL G 167 -14.26 21.84 46.20
N THR G 168 -14.32 22.26 47.46
CA THR G 168 -14.43 23.69 47.74
C THR G 168 -13.95 24.01 49.15
N ARG G 169 -13.63 25.27 49.37
CA ARG G 169 -12.89 25.71 50.56
C ARG G 169 -13.40 27.08 50.95
N LEU G 170 -13.95 27.20 52.15
CA LEU G 170 -14.58 28.43 52.61
C LEU G 170 -13.71 29.12 53.65
N VAL G 171 -13.69 30.45 53.63
CA VAL G 171 -12.93 31.23 54.60
C VAL G 171 -13.83 32.35 55.12
N ARG G 172 -13.56 32.83 56.33
CA ARG G 172 -14.32 33.95 56.89
C ARG G 172 -13.81 35.24 56.28
N ASP G 173 -14.71 35.99 55.66
CA ASP G 173 -14.37 37.33 55.21
C ASP G 173 -14.41 38.28 56.40
N ALA G 174 -13.96 39.52 56.17
CA ALA G 174 -13.90 40.53 57.22
C ALA G 174 -15.28 40.94 57.74
N GLN G 175 -16.34 40.68 56.97
CA GLN G 175 -17.70 40.88 57.44
C GLN G 175 -18.33 39.59 57.93
N GLY G 176 -17.52 38.64 58.41
CA GLY G 176 -18.01 37.40 58.99
C GLY G 176 -18.68 36.43 58.04
N GLN G 177 -18.66 36.70 56.75
CA GLN G 177 -19.36 35.88 55.79
C GLN G 177 -18.40 34.87 55.17
N TRP G 178 -18.87 33.65 54.99
CA TRP G 178 -18.08 32.73 54.18
C TRP G 178 -18.20 33.11 52.71
N CYS G 179 -17.11 32.91 51.97
CA CYS G 179 -17.11 33.05 50.51
C CYS G 179 -16.17 31.99 49.95
N ARG G 180 -16.40 31.65 48.68
CA ARG G 180 -15.52 30.70 48.01
C ARG G 180 -14.16 31.33 47.76
N ASP G 181 -13.14 30.62 48.08
CA ASP G 181 -11.82 31.19 47.90
C ASP G 181 -11.30 30.85 46.50
N PRO G 182 -10.81 31.82 45.74
CA PRO G 182 -10.01 31.46 44.56
C PRO G 182 -8.62 30.99 44.94
N ARG G 183 -8.51 29.70 45.28
CA ARG G 183 -7.23 29.10 45.60
C ARG G 183 -7.11 27.69 45.02
N PHE G 184 -6.09 26.96 45.48
CA PHE G 184 -5.61 25.71 44.88
C PHE G 184 -6.70 24.65 44.77
N ILE G 185 -6.65 23.87 43.69
CA ILE G 185 -7.81 23.08 43.31
C ILE G 185 -7.51 21.60 43.46
N PRO G 186 -8.36 20.87 44.18
CA PRO G 186 -8.20 19.43 44.29
C PRO G 186 -8.48 18.78 42.95
N PRO G 187 -7.94 17.56 42.72
CA PRO G 187 -7.27 17.27 41.45
C PRO G 187 -8.19 17.18 40.25
N LEU G 188 -7.57 17.21 39.07
CA LEU G 188 -8.22 17.57 37.83
C LEU G 188 -8.05 16.48 36.79
N LEU G 189 -9.14 16.16 36.08
CA LEU G 189 -9.11 15.43 34.82
C LEU G 189 -9.27 16.36 33.63
N THR G 190 -8.94 17.61 33.81
CA THR G 190 -9.22 18.64 32.82
C THR G 190 -8.34 19.83 33.12
N LEU G 191 -8.43 20.84 32.28
CA LEU G 191 -7.98 22.16 32.63
C LEU G 191 -9.15 23.13 32.61
N SER G 192 -10.37 22.64 32.75
CA SER G 192 -11.57 23.47 32.66
C SER G 192 -12.26 23.67 33.99
N ALA G 193 -12.00 22.81 34.98
CA ALA G 193 -12.60 22.96 36.30
C ALA G 193 -11.80 23.89 37.21
N SER G 194 -10.99 24.77 36.63
CA SER G 194 -10.20 25.71 37.41
C SER G 194 -10.02 26.96 36.57
N PRO G 195 -10.96 27.91 36.66
CA PRO G 195 -10.80 29.17 35.92
C PRO G 195 -9.62 30.00 36.38
N SER G 196 -9.12 29.78 37.60
CA SER G 196 -7.90 30.43 38.05
C SER G 196 -6.69 29.97 37.23
N LEU G 197 -6.63 28.68 36.88
CA LEU G 197 -5.56 28.21 36.02
C LEU G 197 -5.70 28.76 34.61
N MET G 198 -6.92 28.85 34.10
CA MET G 198 -7.11 29.38 32.76
C MET G 198 -6.94 30.88 32.72
N THR G 199 -6.90 31.53 33.88
CA THR G 199 -6.55 32.94 33.91
C THR G 199 -5.03 33.11 34.05
N GLU G 200 -4.38 32.18 34.74
CA GLU G 200 -2.94 32.33 34.96
C GLU G 200 -2.12 31.86 33.75
N LEU G 201 -2.50 30.73 33.15
CA LEU G 201 -1.69 30.17 32.08
C LEU G 201 -1.76 30.97 30.79
N LEU G 202 -2.88 31.63 30.52
CA LEU G 202 -2.93 32.52 29.38
C LEU G 202 -2.01 33.71 29.56
N GLU G 203 -1.91 34.23 30.79
CA GLU G 203 -0.93 35.26 31.09
C GLU G 203 0.49 34.75 30.93
N LEU G 204 0.72 33.48 31.31
CA LEU G 204 2.05 32.88 31.14
C LEU G 204 2.45 32.82 29.67
N LEU G 205 1.54 32.34 28.82
CA LEU G 205 1.86 32.17 27.40
C LEU G 205 2.00 33.52 26.70
N HIS G 206 1.13 34.47 27.05
CA HIS G 206 1.21 35.81 26.47
C HIS G 206 2.44 36.56 27.00
N HIS G 207 2.92 36.19 28.18
CA HIS G 207 4.18 36.72 28.67
C HIS G 207 5.36 36.07 27.96
N LEU G 208 5.22 34.81 27.59
CA LEU G 208 6.31 34.11 26.91
C LEU G 208 6.53 34.64 25.50
N GLN G 209 5.44 34.89 24.77
CA GLN G 209 5.56 35.34 23.37
C GLN G 209 6.25 36.69 23.24
N ALA G 210 6.02 37.60 24.19
CA ALA G 210 6.60 38.93 24.10
C ALA G 210 8.10 38.95 24.32
N ARG G 211 8.62 38.11 25.23
CA ARG G 211 10.06 38.04 25.43
C ARG G 211 10.76 37.47 24.21
N ARG G 212 10.14 36.48 23.56
CA ARG G 212 10.67 35.94 22.31
C ARG G 212 10.66 36.98 21.20
N GLN G 213 9.59 37.78 21.14
CA GLN G 213 9.50 38.86 20.15
C GLN G 213 10.60 39.90 20.37
N ARG G 214 10.82 40.27 21.63
CA ARG G 214 11.92 41.15 22.03
C ARG G 214 13.27 40.58 21.62
N LEU G 215 13.48 39.28 21.80
CA LEU G 215 14.75 38.68 21.40
C LEU G 215 14.94 38.67 19.89
N MET G 216 13.85 38.44 19.14
CA MET G 216 13.96 38.41 17.69
C MET G 216 14.26 39.80 17.13
N SER G 217 13.68 40.83 17.74
CA SER G 217 13.98 42.22 17.42
C SER G 217 15.43 42.59 17.65
N MET G 218 16.14 41.90 18.53
CA MET G 218 17.52 42.24 18.79
C MET G 218 18.43 41.78 17.65
N ARG G 219 18.16 40.60 17.11
CA ARG G 219 19.17 39.96 16.27
C ARG G 219 18.81 39.91 14.80
N ARG G 220 17.53 39.76 14.43
CA ARG G 220 17.18 39.69 13.01
C ARG G 220 17.46 41.01 12.28
N GLU G 221 17.46 42.13 12.99
CA GLU G 221 17.69 43.42 12.36
C GLU G 221 19.12 43.63 11.89
N ASN G 222 20.09 42.90 12.45
CA ASN G 222 21.50 43.05 12.08
C ASN G 222 22.01 41.72 11.57
N ASN G 223 22.48 41.71 10.31
CA ASN G 223 22.81 40.46 9.64
C ASN G 223 24.14 39.86 10.08
N ALA G 224 25.03 40.64 10.69
CA ALA G 224 26.23 40.07 11.27
C ALA G 224 25.92 39.28 12.53
N ARG G 225 24.93 39.72 13.30
CA ARG G 225 24.59 39.12 14.58
C ARG G 225 23.95 37.75 14.47
N LEU G 226 23.51 37.35 13.27
CA LEU G 226 22.87 36.04 13.13
C LEU G 226 23.89 34.92 13.24
N ALA G 227 25.18 35.20 13.02
CA ALA G 227 26.22 34.21 13.20
C ALA G 227 27.46 34.83 13.83
N ASP G 228 27.28 35.62 14.89
CA ASP G 228 28.43 36.23 15.54
C ASP G 228 28.89 35.34 16.70
N PHE G 229 30.09 35.63 17.19
CA PHE G 229 30.70 34.95 18.32
C PHE G 229 30.84 35.89 19.51
N ALA G 230 29.79 36.63 19.83
CA ALA G 230 29.77 37.34 21.10
C ALA G 230 29.28 36.40 22.20
N VAL G 231 29.86 36.55 23.38
CA VAL G 231 29.58 35.67 24.50
C VAL G 231 28.16 35.79 25.01
N ALA G 232 27.52 36.93 24.75
CA ALA G 232 26.09 37.05 25.00
C ALA G 232 25.29 36.60 23.78
N ASP G 233 25.87 36.71 22.58
CA ASP G 233 25.13 36.29 21.38
C ASP G 233 25.01 34.79 21.27
N VAL G 234 26.00 34.04 21.76
CA VAL G 234 25.89 32.58 21.80
C VAL G 234 24.80 32.16 22.77
N SER G 235 24.77 32.81 23.93
CA SER G 235 23.72 32.57 24.91
C SER G 235 22.36 32.95 24.35
N LEU G 236 22.29 34.02 23.56
CA LEU G 236 21.03 34.45 22.98
C LEU G 236 20.56 33.50 21.87
N PHE G 237 21.51 32.98 21.09
CA PHE G 237 21.19 31.96 20.11
C PHE G 237 20.62 30.71 20.78
N TRP G 238 21.31 30.22 21.79
CA TRP G 238 20.85 29.04 22.51
C TRP G 238 19.56 29.31 23.26
N LEU G 239 19.33 30.57 23.63
CA LEU G 239 18.10 30.95 24.30
C LEU G 239 16.92 30.98 23.34
N LEU G 240 17.09 31.51 22.13
CA LEU G 240 16.07 31.37 21.10
C LEU G 240 15.81 29.93 20.72
N ASN G 241 16.84 29.08 20.76
CA ASN G 241 16.60 27.66 20.60
C ASN G 241 15.68 27.13 21.69
N ALA G 242 15.96 27.48 22.94
CA ALA G 242 15.18 27.00 24.07
C ALA G 242 13.75 27.54 24.08
N LEU G 243 13.53 28.72 23.50
CA LEU G 243 12.16 29.24 23.49
C LEU G 243 11.38 28.79 22.26
N ASN G 244 12.01 28.78 21.08
CA ASN G 244 11.32 28.38 19.87
C ASN G 244 11.01 26.90 19.86
N SER G 245 11.82 26.10 20.55
CA SER G 245 11.54 24.67 20.59
C SER G 245 10.32 24.37 21.46
N ALA G 246 10.02 25.24 22.41
CA ALA G 246 8.99 24.94 23.39
C ALA G 246 7.78 25.86 23.31
N GLU G 247 7.73 26.78 22.36
CA GLU G 247 6.45 27.51 22.26
C GLU G 247 5.29 26.73 21.62
N PRO G 248 5.38 26.14 20.41
CA PRO G 248 4.15 25.68 19.74
C PRO G 248 3.48 24.49 20.40
N VAL G 249 4.23 23.68 21.16
CA VAL G 249 3.62 22.61 21.93
C VAL G 249 2.67 23.18 22.98
N LEU G 250 3.15 24.15 23.76
CA LEU G 250 2.31 24.76 24.78
C LEU G 250 1.18 25.55 24.17
N LYS G 251 1.41 26.20 23.02
CA LYS G 251 0.34 26.93 22.37
C LYS G 251 -0.74 25.99 21.85
N GLU G 252 -0.36 24.78 21.46
CA GLU G 252 -1.35 23.77 21.12
C GLU G 252 -2.12 23.31 22.35
N LEU G 253 -1.41 23.04 23.44
CA LEU G 253 -2.08 22.49 24.61
C LEU G 253 -2.98 23.49 25.31
N LEU G 254 -2.66 24.78 25.25
CA LEU G 254 -3.43 25.78 25.99
C LEU G 254 -4.49 26.48 25.15
N ASP G 255 -4.70 26.07 23.91
CA ASP G 255 -5.87 26.49 23.13
C ASP G 255 -6.92 25.41 23.14
N MET G 256 -7.06 24.73 24.28
CA MET G 256 -7.71 23.46 24.32
C MET G 256 -8.52 23.26 25.60
N PRO G 257 -9.68 22.61 25.49
CA PRO G 257 -10.35 22.09 26.68
C PRO G 257 -9.66 20.88 27.28
N TYR G 258 -10.45 20.14 28.05
CA TYR G 258 -10.08 18.98 28.88
C TYR G 258 -9.04 18.06 28.26
N ARG G 259 -8.00 17.81 29.05
CA ARG G 259 -6.84 16.99 28.76
C ARG G 259 -6.07 16.84 30.06
N HIS G 260 -5.62 15.64 30.34
CA HIS G 260 -5.13 15.32 31.67
C HIS G 260 -3.82 16.07 31.96
N PRO G 261 -3.66 16.62 33.16
CA PRO G 261 -2.59 17.61 33.37
C PRO G 261 -1.19 17.03 33.52
N GLU G 262 -1.03 15.71 33.63
CA GLU G 262 0.31 15.14 33.64
C GLU G 262 1.02 15.41 32.33
N LEU G 263 0.27 15.41 31.24
CA LEU G 263 0.80 15.74 29.93
C LEU G 263 1.31 17.17 29.88
N LEU G 264 0.59 18.12 30.48
CA LEU G 264 1.07 19.49 30.57
C LEU G 264 2.28 19.60 31.48
N TYR G 265 2.34 18.77 32.53
CA TYR G 265 3.49 18.80 33.41
C TYR G 265 4.75 18.35 32.68
N ARG G 266 4.62 17.35 31.82
CA ARG G 266 5.80 16.91 31.07
C ARG G 266 6.28 17.92 30.05
N GLU G 267 5.45 18.90 29.68
CA GLU G 267 5.93 19.92 28.77
C GLU G 267 6.43 21.15 29.49
N LEU G 268 5.92 21.45 30.69
CA LEU G 268 6.48 22.56 31.44
C LEU G 268 7.79 22.20 32.10
N ALA G 269 7.98 20.93 32.46
CA ALA G 269 9.22 20.50 33.08
C ALA G 269 10.40 20.62 32.13
N ARG G 270 10.17 20.42 30.83
CA ARG G 270 11.27 20.56 29.87
C ARG G 270 11.71 22.00 29.75
N LEU G 271 10.76 22.93 29.69
CA LEU G 271 11.10 24.34 29.61
C LEU G 271 11.83 24.81 30.86
N ALA G 272 11.37 24.38 32.03
CA ALA G 272 12.02 24.77 33.28
C ALA G 272 13.41 24.18 33.39
N GLY G 273 13.56 22.89 33.09
CA GLY G 273 14.86 22.27 33.15
C GLY G 273 15.81 22.73 32.07
N SER G 274 15.29 23.26 30.98
CA SER G 274 16.16 23.87 30.00
C SER G 274 16.66 25.22 30.49
N LEU G 275 15.75 26.12 30.84
CA LEU G 275 16.14 27.47 31.22
C LEU G 275 16.82 27.55 32.58
N LEU G 276 16.79 26.48 33.37
CA LEU G 276 17.39 26.49 34.70
C LEU G 276 18.90 26.65 34.62
N THR G 277 19.52 26.24 33.52
CA THR G 277 20.97 26.22 33.42
C THR G 277 21.51 27.40 32.62
N PHE G 278 20.90 28.57 32.77
CA PHE G 278 21.25 29.67 31.89
C PHE G 278 21.77 30.88 32.62
N SER G 279 21.10 31.33 33.68
CA SER G 279 21.51 32.52 34.41
C SER G 279 21.31 32.37 35.91
N LEU G 280 21.66 31.23 36.48
CA LEU G 280 21.40 31.01 37.90
C LEU G 280 22.64 30.48 38.61
N GLU G 281 22.48 30.34 39.92
CA GLU G 281 23.48 29.82 40.83
C GLU G 281 22.84 28.90 41.88
N HIS G 282 21.64 28.42 41.59
CA HIS G 282 20.79 27.74 42.55
C HIS G 282 20.60 26.28 42.15
N ASN G 283 20.06 25.50 43.09
CA ASN G 283 20.08 24.06 42.96
C ASN G 283 19.04 23.56 41.97
N VAL G 284 19.30 22.36 41.42
CA VAL G 284 18.36 21.65 40.56
C VAL G 284 17.11 21.25 41.32
N ASP G 285 17.20 21.14 42.65
CA ASP G 285 16.07 20.86 43.54
C ASP G 285 14.97 21.92 43.53
N ALA G 286 15.05 23.00 42.75
CA ALA G 286 13.94 23.94 42.63
C ALA G 286 12.79 23.34 41.84
N VAL G 287 13.04 22.28 41.07
CA VAL G 287 12.00 21.62 40.31
C VAL G 287 11.10 20.82 41.24
N PRO G 288 9.81 21.13 41.32
CA PRO G 288 8.93 20.37 42.22
C PRO G 288 8.53 19.03 41.63
N ALA G 289 8.44 18.03 42.50
CA ALA G 289 7.94 16.73 42.09
C ALA G 289 6.43 16.76 42.04
N TYR G 290 5.86 15.82 41.29
CA TYR G 290 4.43 15.85 41.01
C TYR G 290 3.66 15.03 42.04
N HIS G 291 2.74 15.68 42.75
CA HIS G 291 1.88 15.00 43.73
C HIS G 291 0.43 15.18 43.28
N HIS G 292 -0.13 14.13 42.70
CA HIS G 292 -1.51 14.22 42.23
C HIS G 292 -2.51 13.98 43.34
N GLU G 293 -2.18 13.10 44.29
CA GLU G 293 -3.11 12.78 45.38
C GLU G 293 -3.30 13.95 46.33
N THR G 294 -2.36 14.89 46.36
CA THR G 294 -2.54 16.11 47.12
C THR G 294 -3.43 17.05 46.33
N PRO G 295 -3.92 18.13 46.97
CA PRO G 295 -4.49 19.22 46.18
C PRO G 295 -3.47 20.22 45.66
N GLU G 296 -2.34 19.71 45.17
CA GLU G 296 -1.49 20.36 44.18
C GLU G 296 -0.92 21.69 44.66
N ASN G 297 -0.03 21.59 45.63
CA ASN G 297 0.96 22.64 45.89
C ASN G 297 2.23 22.41 45.08
N VAL G 298 2.04 22.18 43.78
CA VAL G 298 3.09 21.87 42.82
C VAL G 298 2.99 22.85 41.67
N PHE G 299 1.78 23.03 41.20
CA PHE G 299 1.48 23.80 40.02
C PHE G 299 1.60 25.32 40.18
N PRO G 300 1.30 25.94 41.34
CA PRO G 300 1.66 27.38 41.48
C PRO G 300 3.14 27.65 41.73
N PRO G 301 3.90 26.89 42.55
CA PRO G 301 5.33 27.22 42.64
C PRO G 301 6.13 26.95 41.39
N LEU G 302 5.68 26.01 40.55
CA LEU G 302 6.28 25.83 39.24
C LEU G 302 6.15 27.10 38.39
N LEU G 303 4.96 27.69 38.37
CA LEU G 303 4.79 28.89 37.57
C LEU G 303 5.48 30.09 38.21
N SER G 304 5.60 30.09 39.53
CA SER G 304 6.39 31.14 40.17
C SER G 304 7.88 30.98 39.88
N LEU G 305 8.35 29.76 39.63
CA LEU G 305 9.71 29.56 39.15
C LEU G 305 9.86 30.05 37.71
N LEU G 306 8.88 29.78 36.86
CA LEU G 306 9.03 30.13 35.46
C LEU G 306 8.86 31.62 35.22
N ASN G 307 8.07 32.30 36.04
CA ASN G 307 7.90 33.73 35.83
C ASN G 307 9.11 34.53 36.25
N ARG G 308 10.00 33.95 37.06
CA ARG G 308 11.21 34.65 37.45
C ARG G 308 12.29 34.53 36.40
N LEU G 309 12.34 33.40 35.71
CA LEU G 309 13.43 33.15 34.76
C LEU G 309 13.32 33.98 33.50
N LEU G 310 12.12 34.42 33.15
CA LEU G 310 11.91 35.16 31.91
C LEU G 310 12.12 36.64 32.05
N GLU G 311 12.80 37.10 33.10
CA GLU G 311 13.07 38.52 33.27
C GLU G 311 14.27 38.74 34.18
#